data_5BRQ
#
_entry.id   5BRQ
#
_cell.length_a   59.802
_cell.length_b   97.584
_cell.length_c   108.336
_cell.angle_alpha   98.20
_cell.angle_beta   91.44
_cell.angle_gamma   108.15
#
_symmetry.space_group_name_H-M   'P 1'
#
loop_
_entity.id
_entity.type
_entity.pdbx_description
1 polymer 'Glycoside Hydrolase Family 13'
2 non-polymer 'MAGNESIUM ION'
3 water water
#
_entity_poly.entity_id   1
_entity_poly.type   'polypeptide(L)'
_entity_poly.pdbx_seq_one_letter_code
;HHHHHHMETKENPWWKKAVVYQIYPKSFKDTTGNGVGDIRGIIEKLDYIKELACDVIWLTPIYQSPQNDNGYDISDYYSI
HEEYGTMADFEELLEEAHKRGIKVIMDLVVNHTSTEHRWFKEAASGKENLYRDFYIWKDMKPNGAPPTNWESKFGGSAWE
FHAESGQYYLHLYDVTQADLNWENEAVRKKVYEMMHFWFEKGIDGFRLDVINVISKDQRFPDDDEGDGRRFYTDGPRVHE
FLNEMNREVFSKYDSMTVGEMSSTTIADCIRYTNPESRELDMVFNFHHLKADYPNGEKWALADFDFLKLKKILSEWQTEM
NKGGGWNALFWCNHDQPRIVSRYGDDGKYRKKSAKMLATAIHMLQGTPYIYQGEELGMTNPKFDDISLYRDVESLNMYRI
LKEAGKPEAEIIEILKAKSRDNSRTPVQWNGEENAGFTAGTPWIPVPDNYKEINAEEALNDPDSIFYHYKKLNELRKEFD
IITTGDYQLILEDDQELYAYLRNGADEKLLVINNFYGKETEFQLPDDIDIEGYDAKVLISNDTDLPESFKRFTVKPYQSI
VYHLAKPC
;
_entity_poly.pdbx_strand_id   A,B,C,D
#
loop_
_chem_comp.id
_chem_comp.type
_chem_comp.name
_chem_comp.formula
MG non-polymer 'MAGNESIUM ION' 'Mg 2'
#
# COMPACT_ATOMS: atom_id res chain seq x y z
N ASN A 12 12.68 12.49 -6.52
CA ASN A 12 14.12 12.38 -6.37
C ASN A 12 14.50 11.16 -5.51
N PRO A 13 15.28 10.23 -6.08
CA PRO A 13 15.62 8.97 -5.41
C PRO A 13 16.33 9.19 -4.09
N TRP A 14 16.12 8.31 -3.12
CA TRP A 14 16.72 8.47 -1.80
C TRP A 14 18.24 8.41 -1.83
N TRP A 15 18.82 7.84 -2.89
CA TRP A 15 20.27 7.70 -2.94
C TRP A 15 21.01 8.93 -3.46
N LYS A 16 20.28 9.88 -4.04
CA LYS A 16 20.91 11.04 -4.65
C LYS A 16 21.67 11.91 -3.65
N LYS A 17 21.08 12.10 -2.47
CA LYS A 17 21.70 12.92 -1.44
C LYS A 17 22.22 12.08 -0.28
N ALA A 18 22.35 10.78 -0.48
CA ALA A 18 22.84 9.88 0.55
C ALA A 18 24.35 10.09 0.77
N VAL A 19 24.85 9.80 1.97
CA VAL A 19 26.28 9.62 2.15
C VAL A 19 26.52 8.19 2.66
N VAL A 20 27.40 7.46 1.98
CA VAL A 20 27.65 6.05 2.30
C VAL A 20 28.92 5.86 3.14
N TYR A 21 28.83 5.04 4.18
CA TYR A 21 29.97 4.70 5.01
C TYR A 21 30.42 3.29 4.65
N GLN A 22 31.63 3.18 4.12
CA GLN A 22 32.13 1.87 3.71
C GLN A 22 32.76 1.12 4.88
N ILE A 23 32.25 -0.07 5.18
CA ILE A 23 32.82 -0.87 6.27
C ILE A 23 33.53 -2.13 5.74
N TYR A 24 34.75 -2.31 6.21
CA TYR A 24 35.55 -3.50 5.99
C TYR A 24 35.53 -4.25 7.32
N PRO A 25 34.61 -5.20 7.48
CA PRO A 25 34.23 -5.73 8.80
C PRO A 25 35.37 -6.34 9.61
N LYS A 26 36.33 -6.95 8.92
CA LYS A 26 37.47 -7.60 9.56
C LYS A 26 38.20 -6.60 10.43
N SER A 27 38.14 -5.32 10.05
CA SER A 27 38.94 -4.32 10.75
C SER A 27 38.13 -3.22 11.42
N PHE A 28 36.82 -3.46 11.54
CA PHE A 28 35.95 -2.44 12.09
C PHE A 28 35.84 -2.52 13.62
N LYS A 29 35.20 -3.57 14.14
CA LYS A 29 35.09 -3.74 15.60
C LYS A 29 34.96 -5.21 16.01
N ASP A 30 35.91 -5.67 16.82
CA ASP A 30 35.90 -7.03 17.37
C ASP A 30 35.17 -7.05 18.71
N THR A 31 34.05 -7.78 18.78
CA THR A 31 33.35 -7.92 20.06
C THR A 31 33.59 -9.27 20.74
N THR A 32 34.31 -10.18 20.07
CA THR A 32 34.50 -11.53 20.61
C THR A 32 35.91 -11.81 21.17
N GLY A 33 36.89 -10.97 20.85
CA GLY A 33 38.23 -11.17 21.39
C GLY A 33 39.15 -12.04 20.55
N ASN A 34 38.68 -12.49 19.39
CA ASN A 34 39.53 -13.26 18.46
C ASN A 34 40.40 -12.38 17.55
N GLY A 35 40.30 -11.06 17.71
CA GLY A 35 41.14 -10.13 16.97
C GLY A 35 40.62 -9.78 15.58
N VAL A 36 39.40 -10.21 15.28
CA VAL A 36 38.81 -10.00 13.97
C VAL A 36 37.49 -9.29 14.18
N GLY A 37 37.21 -8.26 13.38
CA GLY A 37 35.94 -7.55 13.50
C GLY A 37 34.76 -8.42 13.14
N ASP A 38 33.57 -8.08 13.65
CA ASP A 38 32.39 -8.91 13.40
C ASP A 38 31.12 -8.10 13.28
N ILE A 39 30.03 -8.75 12.88
CA ILE A 39 28.76 -8.05 12.69
C ILE A 39 28.19 -7.43 13.96
N ARG A 40 28.35 -8.10 15.09
CA ARG A 40 27.94 -7.52 16.37
C ARG A 40 28.68 -6.19 16.64
N GLY A 41 29.91 -6.09 16.15
CA GLY A 41 30.70 -4.88 16.32
C GLY A 41 30.10 -3.72 15.56
N ILE A 42 29.61 -4.00 14.35
CA ILE A 42 28.96 -3.00 13.54
C ILE A 42 27.67 -2.51 14.23
N ILE A 43 26.85 -3.46 14.70
CA ILE A 43 25.64 -3.14 15.45
C ILE A 43 25.96 -2.16 16.56
N GLU A 44 26.97 -2.45 17.36
CA GLU A 44 27.32 -1.60 18.49
C GLU A 44 27.71 -0.18 18.08
N LYS A 45 28.09 -0.01 16.81
CA LYS A 45 28.55 1.28 16.31
C LYS A 45 27.53 2.07 15.49
N LEU A 46 26.29 1.60 15.41
CA LEU A 46 25.27 2.29 14.58
C LEU A 46 25.00 3.73 15.02
N ASP A 47 24.98 3.96 16.33
CA ASP A 47 24.80 5.31 16.85
C ASP A 47 25.97 6.22 16.40
N TYR A 48 27.17 5.67 16.32
CA TYR A 48 28.33 6.44 15.87
C TYR A 48 28.18 6.85 14.39
N ILE A 49 27.77 5.88 13.58
CA ILE A 49 27.54 6.08 12.15
C ILE A 49 26.38 7.08 11.91
N LYS A 50 25.32 6.99 12.70
CA LYS A 50 24.24 7.99 12.63
C LYS A 50 24.75 9.37 13.05
N GLU A 51 25.58 9.42 14.08
CA GLU A 51 26.13 10.70 14.54
C GLU A 51 26.95 11.36 13.43
N LEU A 52 27.63 10.55 12.64
CA LEU A 52 28.39 11.02 11.47
C LEU A 52 27.48 11.57 10.36
N ALA A 53 26.18 11.26 10.49
CA ALA A 53 25.15 11.63 9.51
C ALA A 53 25.32 10.90 8.18
N CYS A 54 25.84 9.68 8.21
CA CYS A 54 25.70 8.83 7.03
C CYS A 54 24.34 8.16 7.12
N ASP A 55 23.77 7.82 5.98
CA ASP A 55 22.51 7.11 5.99
C ASP A 55 22.51 5.86 5.14
N VAL A 56 23.71 5.45 4.70
CA VAL A 56 23.91 4.14 4.08
C VAL A 56 25.20 3.50 4.61
N ILE A 57 25.17 2.20 4.83
CA ILE A 57 26.32 1.42 5.23
C ILE A 57 26.55 0.44 4.11
N TRP A 58 27.80 0.31 3.67
CA TRP A 58 28.13 -0.65 2.64
C TRP A 58 29.14 -1.62 3.24
N LEU A 59 28.81 -2.91 3.22
CA LEU A 59 29.74 -3.94 3.70
C LEU A 59 30.44 -4.63 2.55
N THR A 60 31.77 -4.71 2.64
CA THR A 60 32.55 -5.53 1.72
C THR A 60 32.19 -7.02 1.96
N PRO A 61 32.70 -7.95 1.12
CA PRO A 61 32.13 -9.31 1.21
C PRO A 61 32.23 -10.00 2.59
N ILE A 62 31.09 -10.52 3.06
CA ILE A 62 31.04 -11.27 4.31
C ILE A 62 30.55 -12.72 4.08
N TYR A 63 30.45 -13.12 2.81
CA TYR A 63 29.96 -14.45 2.45
C TYR A 63 30.93 -15.58 2.78
N GLN A 64 30.38 -16.79 2.85
CA GLN A 64 31.17 -17.99 3.07
C GLN A 64 32.24 -18.06 2.00
N SER A 65 33.48 -18.25 2.43
CA SER A 65 34.61 -18.18 1.51
C SER A 65 35.83 -18.83 2.13
N PRO A 66 36.65 -19.52 1.32
CA PRO A 66 37.94 -20.07 1.80
C PRO A 66 38.90 -18.97 2.25
N GLN A 67 38.63 -17.74 1.84
CA GLN A 67 39.47 -16.58 2.14
C GLN A 67 40.81 -16.69 1.43
N ASN A 68 40.81 -17.24 0.21
CA ASN A 68 42.00 -17.19 -0.63
C ASN A 68 42.25 -15.81 -1.16
N ASP A 69 41.18 -15.03 -1.30
CA ASP A 69 41.31 -13.68 -1.85
C ASP A 69 40.47 -12.64 -1.13
N ASN A 70 40.68 -12.55 0.17
CA ASN A 70 40.09 -11.50 0.99
C ASN A 70 38.57 -11.44 0.92
N GLY A 71 37.95 -12.58 0.66
CA GLY A 71 36.51 -12.66 0.68
C GLY A 71 35.88 -12.49 -0.69
N TYR A 72 36.70 -12.16 -1.68
CA TYR A 72 36.19 -11.96 -3.04
C TYR A 72 36.12 -13.28 -3.83
N ASP A 73 36.53 -14.36 -3.17
CA ASP A 73 36.40 -15.72 -3.68
C ASP A 73 35.29 -16.44 -2.91
N ILE A 74 34.06 -16.36 -3.42
CA ILE A 74 32.90 -16.77 -2.64
C ILE A 74 32.54 -18.24 -2.89
N SER A 75 32.43 -19.03 -1.83
CA SER A 75 32.08 -20.44 -1.96
C SER A 75 30.59 -20.70 -1.70
N ASP A 76 29.91 -19.77 -1.06
CA ASP A 76 28.46 -19.87 -0.87
C ASP A 76 27.84 -18.50 -0.65
N TYR A 77 27.00 -18.06 -1.58
CA TYR A 77 26.39 -16.74 -1.50
C TYR A 77 25.25 -16.62 -0.49
N TYR A 78 24.76 -17.76 0.02
CA TYR A 78 23.57 -17.73 0.88
C TYR A 78 23.91 -17.68 2.35
N SER A 79 25.17 -17.88 2.69
CA SER A 79 25.55 -17.77 4.09
C SER A 79 26.74 -16.87 4.34
N ILE A 80 26.94 -16.58 5.62
CA ILE A 80 27.91 -15.62 6.10
C ILE A 80 29.12 -16.33 6.68
N HIS A 81 30.30 -15.78 6.41
CA HIS A 81 31.55 -16.29 6.99
C HIS A 81 31.37 -16.36 8.49
N GLU A 82 31.52 -17.55 9.04
CA GLU A 82 31.22 -17.82 10.44
C GLU A 82 31.91 -16.85 11.39
N GLU A 83 33.15 -16.50 11.07
CA GLU A 83 33.95 -15.53 11.83
C GLU A 83 33.23 -14.21 12.09
N TYR A 84 32.43 -13.79 11.11
CA TYR A 84 31.74 -12.50 11.16
C TYR A 84 30.46 -12.56 11.96
N GLY A 85 29.97 -13.79 12.18
CA GLY A 85 28.75 -13.98 12.94
C GLY A 85 27.72 -14.82 12.21
N THR A 86 26.49 -14.74 12.70
CA THR A 86 25.40 -15.59 12.25
C THR A 86 24.49 -14.80 11.36
N MET A 87 23.57 -15.49 10.67
CA MET A 87 22.57 -14.78 9.88
C MET A 87 21.63 -14.00 10.80
N ALA A 88 21.48 -14.50 12.03
CA ALA A 88 20.67 -13.79 13.01
C ALA A 88 21.28 -12.42 13.32
N ASP A 89 22.61 -12.39 13.50
CA ASP A 89 23.34 -11.13 13.66
C ASP A 89 23.06 -10.18 12.50
N PHE A 90 23.18 -10.68 11.28
CA PHE A 90 22.95 -9.89 10.09
C PHE A 90 21.57 -9.25 10.09
N GLU A 91 20.55 -10.07 10.29
CA GLU A 91 19.16 -9.58 10.33
C GLU A 91 18.93 -8.58 11.45
N GLU A 92 19.62 -8.76 12.57
CA GLU A 92 19.53 -7.79 13.64
C GLU A 92 20.21 -6.48 13.22
N LEU A 93 21.29 -6.59 12.43
CA LEU A 93 21.95 -5.41 11.88
C LEU A 93 21.05 -4.65 10.92
N LEU A 94 20.38 -5.37 10.02
CA LEU A 94 19.42 -4.73 9.12
C LEU A 94 18.32 -4.02 9.92
N GLU A 95 17.90 -4.65 11.01
CA GLU A 95 16.77 -4.12 11.76
C GLU A 95 17.20 -2.92 12.60
N GLU A 96 18.34 -3.01 13.26
CA GLU A 96 18.83 -1.90 14.04
C GLU A 96 19.25 -0.72 13.15
N ALA A 97 19.71 -1.01 11.93
CA ALA A 97 20.07 0.03 10.97
C ALA A 97 18.83 0.78 10.47
N HIS A 98 17.88 0.04 9.92
CA HIS A 98 16.64 0.61 9.41
C HIS A 98 15.88 1.46 10.43
N LYS A 99 15.91 1.03 11.68
CA LYS A 99 15.29 1.75 12.79
C LYS A 99 15.93 3.13 13.03
N ARG A 100 17.20 3.24 12.65
CA ARG A 100 17.93 4.49 12.76
C ARG A 100 17.91 5.26 11.44
N GLY A 101 17.19 4.73 10.45
CA GLY A 101 17.09 5.39 9.16
C GLY A 101 18.30 5.15 8.24
N ILE A 102 19.08 4.13 8.55
CA ILE A 102 20.28 3.78 7.76
C ILE A 102 20.01 2.58 6.86
N LYS A 103 20.29 2.73 5.58
CA LYS A 103 20.19 1.64 4.63
C LYS A 103 21.49 0.81 4.59
N VAL A 104 21.39 -0.42 4.13
CA VAL A 104 22.55 -1.30 4.08
C VAL A 104 22.67 -1.87 2.70
N ILE A 105 23.82 -1.70 2.06
CA ILE A 105 24.05 -2.35 0.78
C ILE A 105 25.19 -3.37 0.92
N MET A 106 25.14 -4.39 0.07
CA MET A 106 26.10 -5.47 0.16
C MET A 106 27.03 -5.49 -1.04
N ASP A 107 28.15 -6.15 -0.87
CA ASP A 107 29.05 -6.29 -1.98
C ASP A 107 28.65 -7.51 -2.78
N LEU A 108 28.49 -7.34 -4.08
CA LEU A 108 28.06 -8.42 -4.96
C LEU A 108 29.19 -8.84 -5.89
N VAL A 109 29.67 -10.07 -5.74
CA VAL A 109 30.77 -10.53 -6.57
C VAL A 109 30.32 -11.66 -7.48
N VAL A 110 29.96 -11.31 -8.71
CA VAL A 110 29.41 -12.31 -9.59
C VAL A 110 30.14 -12.38 -10.93
N ASN A 111 31.35 -11.85 -11.01
CA ASN A 111 32.16 -12.12 -12.20
C ASN A 111 32.76 -13.51 -12.10
N HIS A 112 32.91 -13.99 -10.86
CA HIS A 112 33.62 -15.23 -10.57
C HIS A 112 33.14 -15.79 -9.23
N THR A 113 33.37 -17.08 -9.04
CA THR A 113 33.19 -17.72 -7.74
C THR A 113 34.49 -18.38 -7.31
N SER A 114 34.60 -18.71 -6.03
CA SER A 114 35.66 -19.58 -5.56
C SER A 114 35.58 -20.89 -6.33
N THR A 115 36.73 -21.54 -6.54
CA THR A 115 36.72 -22.87 -7.11
C THR A 115 36.26 -23.90 -6.07
N GLU A 116 36.03 -23.45 -4.83
CA GLU A 116 35.45 -24.29 -3.79
C GLU A 116 33.91 -24.26 -3.78
N HIS A 117 33.32 -23.45 -4.66
CA HIS A 117 31.86 -23.34 -4.75
C HIS A 117 31.28 -24.65 -5.27
N ARG A 118 30.08 -25.01 -4.81
CA ARG A 118 29.43 -26.24 -5.25
C ARG A 118 29.39 -26.37 -6.77
N TRP A 119 29.09 -25.28 -7.47
CA TRP A 119 28.95 -25.33 -8.92
C TRP A 119 30.28 -25.68 -9.56
N PHE A 120 31.38 -25.14 -9.04
CA PHE A 120 32.65 -25.41 -9.70
C PHE A 120 33.10 -26.85 -9.48
N LYS A 121 32.90 -27.35 -8.27
CA LYS A 121 33.31 -28.69 -7.93
C LYS A 121 32.58 -29.64 -8.87
N GLU A 122 31.30 -29.36 -9.09
CA GLU A 122 30.53 -30.16 -10.04
C GLU A 122 31.09 -29.98 -11.45
N ALA A 123 31.21 -28.74 -11.90
CA ALA A 123 31.60 -28.45 -13.27
C ALA A 123 32.97 -29.02 -13.66
N ALA A 124 33.91 -28.99 -12.72
CA ALA A 124 35.27 -29.44 -12.97
C ALA A 124 35.38 -30.96 -13.10
N SER A 125 34.37 -31.67 -12.61
CA SER A 125 34.39 -33.12 -12.59
C SER A 125 34.38 -33.76 -13.99
N GLY A 126 33.80 -33.06 -14.97
CA GLY A 126 33.77 -33.59 -16.32
C GLY A 126 33.10 -32.70 -17.34
N LYS A 127 33.40 -32.93 -18.62
CA LYS A 127 32.86 -32.11 -19.69
C LYS A 127 31.35 -32.27 -19.93
N GLU A 128 30.74 -33.23 -19.24
CA GLU A 128 29.31 -33.54 -19.40
C GLU A 128 28.48 -33.28 -18.14
N ASN A 129 29.14 -32.88 -17.06
CA ASN A 129 28.41 -32.54 -15.84
C ASN A 129 27.44 -31.40 -16.14
N LEU A 130 26.32 -31.36 -15.42
CA LEU A 130 25.28 -30.39 -15.69
C LEU A 130 25.79 -28.94 -15.65
N TYR A 131 26.64 -28.67 -14.66
CA TYR A 131 27.13 -27.33 -14.39
C TYR A 131 28.41 -26.98 -15.16
N ARG A 132 28.85 -27.84 -16.06
CA ARG A 132 30.08 -27.61 -16.81
C ARG A 132 30.14 -26.23 -17.45
N ASP A 133 29.04 -25.82 -18.06
CA ASP A 133 29.04 -24.56 -18.81
C ASP A 133 28.79 -23.33 -17.92
N PHE A 134 28.76 -23.54 -16.60
CA PHE A 134 28.66 -22.41 -15.67
C PHE A 134 29.98 -21.65 -15.65
N TYR A 135 31.04 -22.29 -16.11
CA TYR A 135 32.33 -21.62 -16.16
C TYR A 135 32.84 -21.61 -17.59
N ILE A 136 34.02 -21.06 -17.79
CA ILE A 136 34.50 -20.80 -19.13
C ILE A 136 35.70 -21.70 -19.42
N TRP A 137 35.47 -22.74 -20.24
CA TRP A 137 36.50 -23.74 -20.54
C TRP A 137 36.96 -23.73 -21.99
N LYS A 138 38.26 -23.85 -22.21
CA LYS A 138 38.81 -23.93 -23.57
C LYS A 138 40.00 -24.89 -23.65
N ASP A 139 40.26 -25.40 -24.86
CA ASP A 139 41.34 -26.37 -25.11
C ASP A 139 42.70 -25.70 -25.31
N MET A 140 43.75 -26.50 -25.12
CA MET A 140 45.10 -26.06 -25.43
C MET A 140 45.20 -25.73 -26.91
N LYS A 141 46.07 -24.80 -27.25
CA LYS A 141 46.36 -24.53 -28.65
C LYS A 141 47.30 -25.62 -29.16
N PRO A 142 47.27 -25.89 -30.49
CA PRO A 142 48.15 -26.88 -31.13
C PRO A 142 49.61 -26.73 -30.73
N ASN A 143 50.08 -25.50 -30.58
CA ASN A 143 51.46 -25.27 -30.16
C ASN A 143 51.70 -25.44 -28.67
N GLY A 144 50.74 -26.00 -27.96
CA GLY A 144 50.85 -26.20 -26.53
C GLY A 144 50.59 -24.96 -25.70
N ALA A 145 50.31 -23.84 -26.35
CA ALA A 145 50.08 -22.59 -25.64
C ALA A 145 48.70 -22.59 -24.97
N PRO A 146 48.52 -21.74 -23.94
CA PRO A 146 47.19 -21.53 -23.37
C PRO A 146 46.21 -21.00 -24.43
N PRO A 147 44.89 -21.18 -24.21
CA PRO A 147 43.83 -20.80 -25.16
C PRO A 147 43.99 -19.39 -25.68
N THR A 148 44.36 -18.45 -24.81
CA THR A 148 44.78 -17.14 -25.28
C THR A 148 46.06 -16.70 -24.60
N ASN A 149 46.62 -15.56 -25.03
CA ASN A 149 47.78 -15.00 -24.36
C ASN A 149 47.36 -13.99 -23.30
N TRP A 150 46.08 -14.02 -22.93
CA TRP A 150 45.57 -13.06 -21.95
C TRP A 150 46.21 -13.28 -20.60
N GLU A 151 46.45 -12.17 -19.90
CA GLU A 151 47.08 -12.22 -18.61
C GLU A 151 46.06 -12.04 -17.49
N SER A 152 46.21 -12.83 -16.43
CA SER A 152 45.46 -12.62 -15.19
C SER A 152 45.90 -11.32 -14.54
N LYS A 153 44.99 -10.66 -13.83
CA LYS A 153 45.31 -9.42 -13.15
C LYS A 153 46.18 -9.67 -11.91
N PHE A 154 46.27 -10.92 -11.50
CA PHE A 154 47.23 -11.31 -10.45
C PHE A 154 48.57 -11.70 -11.06
N GLY A 155 48.67 -11.57 -12.37
CA GLY A 155 49.91 -11.84 -13.07
C GLY A 155 49.99 -13.25 -13.61
N GLY A 156 50.61 -13.39 -14.77
CA GLY A 156 50.75 -14.70 -15.37
C GLY A 156 49.52 -14.96 -16.21
N SER A 157 49.37 -16.20 -16.65
CA SER A 157 48.28 -16.56 -17.56
C SER A 157 46.92 -16.50 -16.90
N ALA A 158 45.91 -16.07 -17.65
CA ALA A 158 44.54 -16.05 -17.17
C ALA A 158 43.86 -17.42 -17.31
N TRP A 159 44.59 -18.41 -17.80
CA TRP A 159 44.04 -19.75 -18.01
C TRP A 159 44.73 -20.77 -17.11
N GLU A 160 43.94 -21.59 -16.42
CA GLU A 160 44.49 -22.61 -15.53
C GLU A 160 44.08 -23.99 -16.01
N PHE A 161 45.06 -24.85 -16.27
CA PHE A 161 44.77 -26.19 -16.79
C PHE A 161 44.11 -27.03 -15.71
N HIS A 162 43.05 -27.74 -16.08
CA HIS A 162 42.44 -28.68 -15.18
C HIS A 162 42.74 -30.04 -15.77
N ALA A 163 43.55 -30.81 -15.06
CA ALA A 163 44.06 -32.08 -15.59
C ALA A 163 42.95 -33.10 -15.81
N GLU A 164 42.13 -33.31 -14.78
CA GLU A 164 41.13 -34.37 -14.78
C GLU A 164 40.13 -34.28 -15.91
N SER A 165 39.89 -33.07 -16.41
CA SER A 165 38.90 -32.85 -17.48
C SER A 165 39.55 -32.48 -18.80
N GLY A 166 40.80 -32.03 -18.75
CA GLY A 166 41.57 -31.82 -19.97
C GLY A 166 41.44 -30.46 -20.63
N GLN A 167 40.94 -29.48 -19.88
CA GLN A 167 40.79 -28.12 -20.41
C GLN A 167 41.24 -27.04 -19.42
N TYR A 168 41.41 -25.83 -19.93
CA TYR A 168 41.71 -24.67 -19.10
C TYR A 168 40.42 -23.95 -18.76
N TYR A 169 40.31 -23.45 -17.54
CA TYR A 169 39.24 -22.54 -17.20
C TYR A 169 39.83 -21.15 -17.05
N LEU A 170 38.99 -20.14 -17.29
CA LEU A 170 39.45 -18.76 -17.25
C LEU A 170 39.41 -18.16 -15.83
N HIS A 171 40.46 -17.46 -15.46
CA HIS A 171 40.41 -16.59 -14.30
C HIS A 171 41.06 -15.24 -14.60
N LEU A 172 40.25 -14.19 -14.67
CA LEU A 172 40.79 -12.84 -14.85
C LEU A 172 41.54 -12.42 -13.60
N TYR A 173 41.10 -12.94 -12.45
CA TYR A 173 41.71 -12.63 -11.18
C TYR A 173 42.53 -13.79 -10.65
N ASP A 174 42.42 -14.10 -9.37
CA ASP A 174 43.27 -15.15 -8.82
C ASP A 174 42.88 -16.55 -9.29
N VAL A 175 43.78 -17.52 -9.07
CA VAL A 175 43.64 -18.86 -9.61
C VAL A 175 42.41 -19.60 -9.08
N THR A 176 42.08 -19.38 -7.81
CA THR A 176 40.92 -20.06 -7.25
C THR A 176 39.68 -19.19 -7.37
N GLN A 177 39.72 -18.22 -8.27
CA GLN A 177 38.57 -17.38 -8.61
C GLN A 177 38.19 -17.65 -10.05
N ALA A 178 37.31 -18.61 -10.27
CA ALA A 178 36.94 -19.01 -11.64
C ALA A 178 35.80 -18.15 -12.19
N ASP A 179 36.02 -17.59 -13.38
CA ASP A 179 35.07 -16.68 -14.01
C ASP A 179 33.80 -17.40 -14.40
N LEU A 180 32.66 -16.86 -13.98
CA LEU A 180 31.35 -17.40 -14.35
C LEU A 180 31.10 -17.10 -15.81
N ASN A 181 30.35 -18.00 -16.45
CA ASN A 181 30.02 -17.88 -17.86
C ASN A 181 28.71 -17.10 -18.02
N TRP A 182 28.80 -15.79 -18.21
CA TRP A 182 27.59 -14.97 -18.35
C TRP A 182 26.82 -15.18 -19.67
N GLU A 183 27.43 -15.82 -20.66
CA GLU A 183 26.70 -16.21 -21.87
C GLU A 183 25.61 -17.24 -21.55
N ASN A 184 25.72 -17.87 -20.39
CA ASN A 184 24.81 -18.93 -20.00
C ASN A 184 23.61 -18.42 -19.21
N GLU A 185 22.44 -18.43 -19.84
CA GLU A 185 21.21 -17.91 -19.23
C GLU A 185 20.90 -18.60 -17.92
N ALA A 186 21.25 -19.88 -17.83
CA ALA A 186 21.13 -20.63 -16.58
C ALA A 186 21.92 -19.98 -15.44
N VAL A 187 23.14 -19.53 -15.73
CA VAL A 187 23.96 -18.85 -14.73
C VAL A 187 23.28 -17.55 -14.26
N ARG A 188 22.85 -16.73 -15.21
CA ARG A 188 22.19 -15.47 -14.91
C ARG A 188 20.99 -15.65 -13.99
N LYS A 189 20.14 -16.63 -14.30
CA LYS A 189 18.96 -16.87 -13.47
C LYS A 189 19.35 -17.25 -12.07
N LYS A 190 20.38 -18.06 -11.93
CA LYS A 190 20.84 -18.47 -10.60
C LYS A 190 21.33 -17.24 -9.83
N VAL A 191 22.06 -16.36 -10.51
CA VAL A 191 22.55 -15.14 -9.88
C VAL A 191 21.38 -14.27 -9.42
N TYR A 192 20.38 -14.11 -10.27
CA TYR A 192 19.19 -13.31 -9.90
C TYR A 192 18.43 -13.89 -8.71
N GLU A 193 18.28 -15.21 -8.68
CA GLU A 193 17.59 -15.85 -7.56
C GLU A 193 18.35 -15.55 -6.29
N MET A 194 19.67 -15.61 -6.38
CA MET A 194 20.49 -15.31 -5.23
C MET A 194 20.31 -13.84 -4.79
N MET A 195 20.22 -12.94 -5.77
CA MET A 195 20.02 -11.53 -5.46
C MET A 195 18.66 -11.29 -4.79
N HIS A 196 17.63 -12.00 -5.25
CA HIS A 196 16.30 -11.89 -4.67
C HIS A 196 16.32 -12.30 -3.20
N PHE A 197 17.01 -13.39 -2.90
CA PHE A 197 17.13 -13.88 -1.54
C PHE A 197 17.57 -12.77 -0.59
N TRP A 198 18.59 -12.02 -1.00
CA TRP A 198 19.14 -10.98 -0.14
C TRP A 198 18.21 -9.76 -0.03
N PHE A 199 17.70 -9.28 -1.17
CA PHE A 199 16.73 -8.18 -1.20
C PHE A 199 15.48 -8.46 -0.36
N GLU A 200 14.97 -9.68 -0.48
CA GLU A 200 13.78 -10.07 0.28
C GLU A 200 14.11 -10.17 1.76
N LYS A 201 15.39 -10.31 2.07
CA LYS A 201 15.86 -10.30 3.45
C LYS A 201 15.81 -8.86 3.97
N GLY A 202 15.88 -7.90 3.05
CA GLY A 202 15.69 -6.51 3.43
C GLY A 202 16.87 -5.59 3.19
N ILE A 203 17.91 -6.08 2.51
CA ILE A 203 19.03 -5.19 2.15
C ILE A 203 18.53 -4.17 1.14
N ASP A 204 19.26 -3.05 1.02
CA ASP A 204 18.79 -1.92 0.22
C ASP A 204 19.53 -1.78 -1.09
N GLY A 205 20.44 -2.70 -1.36
CA GLY A 205 21.18 -2.62 -2.60
C GLY A 205 22.51 -3.34 -2.60
N PHE A 206 23.20 -3.16 -3.71
CA PHE A 206 24.43 -3.87 -4.02
C PHE A 206 25.49 -2.95 -4.64
N ARG A 207 26.73 -3.13 -4.24
CA ARG A 207 27.83 -2.65 -5.03
C ARG A 207 28.32 -3.83 -5.83
N LEU A 208 28.43 -3.66 -7.15
CA LEU A 208 28.74 -4.76 -8.06
C LEU A 208 30.21 -4.77 -8.45
N ASP A 209 30.96 -5.65 -7.78
CA ASP A 209 32.40 -5.84 -7.95
C ASP A 209 32.78 -6.12 -9.41
N VAL A 210 33.74 -5.35 -9.92
CA VAL A 210 34.27 -5.47 -11.30
C VAL A 210 33.25 -5.90 -12.35
N ILE A 211 32.07 -5.30 -12.28
CA ILE A 211 30.94 -5.81 -13.05
C ILE A 211 31.13 -5.61 -14.54
N ASN A 212 31.99 -4.69 -14.95
CA ASN A 212 32.12 -4.44 -16.37
C ASN A 212 33.01 -5.41 -17.13
N VAL A 213 33.44 -6.49 -16.47
CA VAL A 213 34.27 -7.50 -17.15
C VAL A 213 33.52 -8.81 -17.42
N ILE A 214 32.22 -8.84 -17.18
CA ILE A 214 31.47 -10.08 -17.29
C ILE A 214 31.20 -10.50 -18.74
N SER A 215 31.26 -9.53 -19.65
CA SER A 215 31.04 -9.81 -21.07
C SER A 215 32.36 -9.99 -21.84
N LYS A 216 32.66 -11.25 -22.17
CA LYS A 216 33.89 -11.60 -22.90
C LYS A 216 33.65 -11.76 -24.39
N ASP A 217 34.60 -11.32 -25.19
CA ASP A 217 34.60 -11.59 -26.63
C ASP A 217 34.65 -13.10 -26.87
N GLN A 218 33.59 -13.64 -27.48
CA GLN A 218 33.44 -15.08 -27.67
C GLN A 218 34.28 -15.68 -28.81
N ARG A 219 35.13 -14.87 -29.43
CA ARG A 219 36.06 -15.39 -30.42
C ARG A 219 37.41 -15.67 -29.76
N PHE A 220 37.50 -15.34 -28.47
CA PHE A 220 38.72 -15.36 -27.69
C PHE A 220 39.99 -15.21 -28.50
N PRO A 221 40.20 -14.03 -29.09
CA PRO A 221 41.42 -13.79 -29.87
C PRO A 221 42.59 -13.38 -28.98
N ASP A 222 43.81 -13.46 -29.53
CA ASP A 222 45.01 -13.03 -28.83
C ASP A 222 45.17 -11.52 -28.88
N ASP A 223 45.83 -10.97 -27.87
CA ASP A 223 46.07 -9.53 -27.80
C ASP A 223 47.54 -9.24 -28.08
N ASP A 224 47.83 -8.55 -29.20
CA ASP A 224 49.18 -8.07 -29.46
C ASP A 224 49.50 -6.93 -28.52
N GLU A 225 48.82 -5.81 -28.76
CA GLU A 225 49.10 -4.54 -28.11
C GLU A 225 48.90 -4.52 -26.59
N GLY A 226 48.42 -5.63 -26.02
CA GLY A 226 48.11 -5.64 -24.59
C GLY A 226 47.98 -6.98 -23.88
N ASP A 227 47.38 -6.92 -22.70
CA ASP A 227 47.23 -8.10 -21.84
C ASP A 227 45.90 -8.82 -22.04
N GLY A 228 45.10 -8.34 -23.00
CA GLY A 228 43.84 -8.98 -23.31
C GLY A 228 42.62 -8.27 -22.78
N ARG A 229 42.82 -7.25 -21.95
CA ARG A 229 41.69 -6.60 -21.28
C ARG A 229 40.78 -5.93 -22.29
N ARG A 230 41.33 -5.68 -23.47
CA ARG A 230 40.60 -5.07 -24.57
C ARG A 230 39.49 -6.00 -25.05
N PHE A 231 39.57 -7.26 -24.65
CA PHE A 231 38.57 -8.24 -25.09
C PHE A 231 37.51 -8.63 -24.04
N TYR A 232 37.51 -7.99 -22.89
CA TYR A 232 36.46 -8.27 -21.91
C TYR A 232 36.04 -7.03 -21.10
N THR A 233 36.71 -5.90 -21.33
CA THR A 233 36.35 -4.72 -20.57
C THR A 233 35.30 -3.88 -21.29
N ASP A 234 34.16 -3.67 -20.63
CA ASP A 234 33.03 -3.02 -21.26
C ASP A 234 32.73 -3.73 -22.60
N GLY A 235 32.52 -5.03 -22.51
CA GLY A 235 32.34 -5.89 -23.67
C GLY A 235 30.99 -5.78 -24.33
N PRO A 236 30.84 -6.49 -25.47
CA PRO A 236 29.65 -6.42 -26.33
C PRO A 236 28.30 -6.56 -25.63
N ARG A 237 28.23 -7.28 -24.53
CA ARG A 237 26.93 -7.53 -23.89
C ARG A 237 26.75 -6.97 -22.48
N VAL A 238 27.69 -6.15 -21.99
CA VAL A 238 27.59 -5.70 -20.60
C VAL A 238 26.33 -4.90 -20.33
N HIS A 239 26.00 -3.98 -21.23
CA HIS A 239 24.81 -3.18 -21.03
C HIS A 239 23.55 -4.03 -21.04
N GLU A 240 23.57 -5.06 -21.88
CA GLU A 240 22.46 -5.97 -22.02
C GLU A 240 22.25 -6.75 -20.75
N PHE A 241 23.35 -7.29 -20.21
CA PHE A 241 23.29 -8.03 -18.96
C PHE A 241 22.80 -7.19 -17.76
N LEU A 242 23.35 -5.99 -17.62
CA LEU A 242 23.00 -5.11 -16.51
C LEU A 242 21.53 -4.70 -16.57
N ASN A 243 21.06 -4.40 -17.78
CA ASN A 243 19.67 -4.01 -17.95
C ASN A 243 18.73 -5.18 -17.63
N GLU A 244 19.15 -6.38 -18.02
CA GLU A 244 18.39 -7.57 -17.71
C GLU A 244 18.37 -7.76 -16.21
N MET A 245 19.52 -7.54 -15.57
CA MET A 245 19.60 -7.64 -14.13
C MET A 245 18.68 -6.59 -13.50
N ASN A 246 18.58 -5.44 -14.15
CA ASN A 246 17.67 -4.39 -13.68
C ASN A 246 16.19 -4.82 -13.77
N ARG A 247 15.79 -5.29 -14.94
CA ARG A 247 14.42 -5.77 -15.15
C ARG A 247 14.05 -6.89 -14.18
N GLU A 248 14.94 -7.86 -13.98
CA GLU A 248 14.64 -9.03 -13.15
C GLU A 248 14.78 -8.80 -11.64
N VAL A 249 15.69 -7.90 -11.25
CA VAL A 249 15.95 -7.75 -9.83
C VAL A 249 15.77 -6.32 -9.34
N PHE A 250 16.63 -5.42 -9.79
CA PHE A 250 16.67 -4.06 -9.28
C PHE A 250 15.33 -3.31 -9.39
N SER A 251 14.64 -3.49 -10.52
CA SER A 251 13.37 -2.78 -10.73
C SER A 251 12.25 -3.15 -9.76
N LYS A 252 12.46 -4.20 -8.94
CA LYS A 252 11.40 -4.69 -8.04
C LYS A 252 11.56 -4.19 -6.61
N TYR A 253 12.59 -3.38 -6.36
CA TYR A 253 12.87 -2.94 -5.00
C TYR A 253 13.23 -1.47 -5.00
N ASP A 254 13.10 -0.85 -3.84
CA ASP A 254 13.59 0.50 -3.62
C ASP A 254 15.08 0.40 -3.37
N SER A 255 15.84 0.33 -4.45
CA SER A 255 17.24 -0.05 -4.34
C SER A 255 18.19 1.05 -4.74
N MET A 256 19.45 0.83 -4.39
CA MET A 256 20.56 1.61 -4.89
C MET A 256 21.60 0.64 -5.40
N THR A 257 22.02 0.82 -6.63
CA THR A 257 23.05 -0.04 -7.19
C THR A 257 24.24 0.79 -7.64
N VAL A 258 25.43 0.39 -7.23
CA VAL A 258 26.63 1.07 -7.67
C VAL A 258 27.58 0.04 -8.27
N GLY A 259 28.05 0.31 -9.49
CA GLY A 259 29.00 -0.60 -10.11
C GLY A 259 30.43 -0.17 -9.87
N GLU A 260 31.28 -1.13 -9.54
CA GLU A 260 32.72 -0.89 -9.53
C GLU A 260 33.30 -1.28 -10.89
N MET A 261 33.88 -0.30 -11.58
CA MET A 261 34.43 -0.48 -12.91
C MET A 261 35.93 -0.70 -12.93
N SER A 262 36.36 -1.66 -13.71
CA SER A 262 37.79 -1.76 -14.01
C SER A 262 38.07 -1.02 -15.34
N SER A 263 39.13 -0.21 -15.35
CA SER A 263 39.64 0.48 -16.54
C SER A 263 38.58 0.93 -17.55
N THR A 264 37.57 1.66 -17.08
CA THR A 264 36.44 1.96 -17.94
C THR A 264 36.57 3.32 -18.60
N THR A 265 35.54 3.72 -19.34
CA THR A 265 35.58 5.01 -20.03
C THR A 265 34.33 5.84 -19.71
N ILE A 266 34.43 7.15 -19.93
CA ILE A 266 33.33 8.06 -19.57
C ILE A 266 32.08 7.74 -20.36
N ALA A 267 32.22 7.54 -21.66
CA ALA A 267 31.11 7.14 -22.52
C ALA A 267 30.33 5.94 -21.98
N ASP A 268 31.04 4.90 -21.56
CA ASP A 268 30.38 3.72 -21.02
C ASP A 268 29.70 3.99 -19.70
N CYS A 269 30.33 4.81 -18.86
CA CYS A 269 29.76 5.09 -17.55
C CYS A 269 28.53 5.95 -17.63
N ILE A 270 28.46 6.83 -18.63
CA ILE A 270 27.23 7.54 -18.93
C ILE A 270 26.10 6.53 -19.22
N ARG A 271 26.38 5.55 -20.08
CA ARG A 271 25.37 4.54 -20.43
C ARG A 271 24.97 3.71 -19.24
N TYR A 272 25.95 3.32 -18.43
CA TYR A 272 25.70 2.52 -17.23
C TYR A 272 24.77 3.20 -16.24
N THR A 273 24.81 4.53 -16.19
CA THR A 273 24.19 5.26 -15.08
C THR A 273 23.09 6.24 -15.49
N ASN A 274 22.99 6.56 -16.76
CA ASN A 274 21.85 7.37 -17.22
C ASN A 274 20.55 6.66 -16.91
N PRO A 275 19.62 7.32 -16.20
CA PRO A 275 18.42 6.62 -15.71
C PRO A 275 17.58 6.00 -16.82
N GLU A 276 17.74 6.50 -18.05
CA GLU A 276 17.03 5.96 -19.20
C GLU A 276 17.49 4.54 -19.54
N SER A 277 18.73 4.21 -19.19
CA SER A 277 19.31 2.91 -19.53
C SER A 277 18.71 1.80 -18.68
N ARG A 278 18.21 2.17 -17.51
CA ARG A 278 17.77 1.20 -16.52
C ARG A 278 18.83 0.13 -16.33
N GLU A 279 20.06 0.57 -16.02
CA GLU A 279 21.16 -0.32 -15.68
C GLU A 279 21.55 -0.11 -14.21
N LEU A 280 22.55 0.74 -13.95
CA LEU A 280 22.93 1.05 -12.56
C LEU A 280 22.62 2.50 -12.18
N ASP A 281 22.56 2.79 -10.89
CA ASP A 281 22.34 4.16 -10.40
C ASP A 281 23.59 5.05 -10.45
N MET A 282 24.74 4.48 -10.14
CA MET A 282 26.00 5.21 -10.18
C MET A 282 27.17 4.25 -10.34
N VAL A 283 28.37 4.78 -10.58
CA VAL A 283 29.59 3.97 -10.71
C VAL A 283 30.79 4.60 -10.05
N PHE A 284 31.70 3.74 -9.61
CA PHE A 284 33.04 4.13 -9.21
C PHE A 284 33.95 3.98 -10.42
N ASN A 285 34.83 4.96 -10.64
CA ASN A 285 35.98 4.74 -11.51
C ASN A 285 37.20 5.12 -10.69
N PHE A 286 38.38 4.70 -11.12
CA PHE A 286 39.56 4.85 -10.31
C PHE A 286 40.66 5.73 -10.89
N HIS A 287 40.34 6.53 -11.91
CA HIS A 287 41.37 7.30 -12.60
C HIS A 287 42.01 8.35 -11.68
N HIS A 288 41.22 8.93 -10.79
CA HIS A 288 41.76 9.93 -9.87
C HIS A 288 42.65 9.29 -8.80
N LEU A 289 42.54 7.97 -8.64
CA LEU A 289 43.39 7.22 -7.72
C LEU A 289 44.57 6.55 -8.43
N LYS A 290 44.91 7.06 -9.61
CA LYS A 290 46.09 6.60 -10.34
C LYS A 290 46.96 7.79 -10.69
N ALA A 291 46.68 8.92 -10.05
CA ALA A 291 47.35 10.17 -10.39
C ALA A 291 48.76 10.27 -9.83
N ASP A 292 49.17 9.31 -9.02
CA ASP A 292 50.53 9.29 -8.50
C ASP A 292 51.27 8.04 -8.93
N TYR A 293 50.81 7.43 -10.02
CA TYR A 293 51.45 6.25 -10.61
C TYR A 293 52.38 6.70 -11.73
N PRO A 294 53.71 6.59 -11.56
CA PRO A 294 54.58 6.99 -12.67
C PRO A 294 54.53 5.95 -13.79
N ASN A 295 54.16 6.39 -15.00
CA ASN A 295 54.00 5.48 -16.14
C ASN A 295 53.04 4.32 -15.89
N GLY A 296 52.01 4.53 -15.07
CA GLY A 296 51.02 3.51 -14.84
C GLY A 296 51.56 2.30 -14.10
N GLU A 297 52.66 2.49 -13.38
CA GLU A 297 53.23 1.41 -12.60
C GLU A 297 52.74 1.48 -11.16
N LYS A 298 51.90 0.52 -10.79
CA LYS A 298 51.13 0.59 -9.54
C LYS A 298 51.97 0.53 -8.27
N TRP A 299 53.17 -0.05 -8.34
CA TRP A 299 53.98 -0.20 -7.15
C TRP A 299 55.13 0.78 -7.05
N ALA A 300 55.23 1.72 -8.00
CA ALA A 300 56.36 2.67 -8.04
C ALA A 300 56.05 3.93 -7.27
N LEU A 301 57.07 4.47 -6.62
CA LEU A 301 56.92 5.69 -5.85
C LEU A 301 56.94 6.92 -6.74
N ALA A 302 56.09 7.89 -6.42
CA ALA A 302 56.04 9.17 -7.11
C ALA A 302 55.13 10.13 -6.36
N ASP A 303 55.29 11.43 -6.60
CA ASP A 303 54.37 12.44 -6.08
C ASP A 303 53.17 12.54 -7.00
N PHE A 304 52.03 12.96 -6.47
CA PHE A 304 50.87 13.03 -7.35
C PHE A 304 51.00 14.17 -8.36
N ASP A 305 50.44 13.93 -9.54
CA ASP A 305 50.38 14.92 -10.61
C ASP A 305 49.09 15.71 -10.40
N PHE A 306 49.21 16.86 -9.75
CA PHE A 306 48.06 17.66 -9.37
C PHE A 306 47.22 18.13 -10.57
N LEU A 307 47.87 18.63 -11.62
CA LEU A 307 47.08 19.12 -12.76
C LEU A 307 46.30 18.01 -13.42
N LYS A 308 46.92 16.83 -13.49
CA LYS A 308 46.24 15.69 -14.10
C LYS A 308 45.04 15.28 -13.24
N LEU A 309 45.24 15.33 -11.93
CA LEU A 309 44.16 15.01 -11.00
C LEU A 309 42.98 15.94 -11.23
N LYS A 310 43.25 17.24 -11.29
CA LYS A 310 42.18 18.20 -11.50
C LYS A 310 41.47 17.96 -12.83
N LYS A 311 42.25 17.66 -13.87
CA LYS A 311 41.70 17.41 -15.19
C LYS A 311 40.80 16.17 -15.15
N ILE A 312 41.26 15.12 -14.45
CA ILE A 312 40.48 13.90 -14.36
C ILE A 312 39.15 14.11 -13.65
N LEU A 313 39.17 14.80 -12.52
CA LEU A 313 37.97 15.03 -11.74
C LEU A 313 36.96 15.87 -12.53
N SER A 314 37.47 16.87 -13.24
CA SER A 314 36.62 17.80 -13.97
C SER A 314 35.97 17.15 -15.21
N GLU A 315 36.70 16.28 -15.90
CA GLU A 315 36.15 15.55 -17.04
C GLU A 315 34.99 14.70 -16.57
N TRP A 316 35.21 13.96 -15.49
CA TRP A 316 34.17 13.10 -14.98
C TRP A 316 32.98 13.91 -14.48
N GLN A 317 33.23 15.06 -13.89
CA GLN A 317 32.11 15.93 -13.49
C GLN A 317 31.32 16.42 -14.71
N THR A 318 31.96 17.10 -15.64
CA THR A 318 31.19 17.76 -16.69
C THR A 318 30.56 16.79 -17.67
N GLU A 319 31.29 15.74 -18.04
CA GLU A 319 30.76 14.75 -18.98
C GLU A 319 29.58 13.96 -18.44
N MET A 320 29.69 13.49 -17.21
CA MET A 320 28.58 12.76 -16.62
C MET A 320 27.37 13.69 -16.40
N ASN A 321 27.64 14.93 -16.04
CA ASN A 321 26.58 15.92 -15.85
C ASN A 321 25.83 16.15 -17.17
N LYS A 322 26.58 16.40 -18.23
CA LYS A 322 25.98 16.58 -19.55
C LYS A 322 25.27 15.32 -20.06
N GLY A 323 25.87 14.16 -19.84
CA GLY A 323 25.24 12.91 -20.27
C GLY A 323 24.10 12.39 -19.41
N GLY A 324 23.90 12.99 -18.24
CA GLY A 324 22.88 12.50 -17.33
C GLY A 324 23.30 11.31 -16.46
N GLY A 325 24.60 11.09 -16.31
CA GLY A 325 25.09 10.00 -15.48
C GLY A 325 25.34 10.44 -14.04
N TRP A 326 25.77 9.53 -13.18
CA TRP A 326 26.00 9.83 -11.76
C TRP A 326 27.27 9.15 -11.25
N ASN A 327 28.14 9.95 -10.64
CA ASN A 327 29.39 9.48 -10.07
C ASN A 327 29.23 9.08 -8.58
N ALA A 328 29.82 7.96 -8.18
CA ALA A 328 30.11 7.71 -6.78
C ALA A 328 31.41 8.47 -6.44
N LEU A 329 31.41 9.27 -5.38
CA LEU A 329 32.56 10.12 -5.07
C LEU A 329 33.32 9.56 -3.89
N PHE A 330 34.62 9.35 -4.04
CA PHE A 330 35.39 8.74 -2.98
C PHE A 330 36.87 8.95 -3.19
N TRP A 331 37.62 8.79 -2.11
CA TRP A 331 39.08 8.85 -2.13
C TRP A 331 39.66 7.52 -1.67
N CYS A 332 38.90 6.76 -0.89
CA CYS A 332 39.45 5.64 -0.11
C CYS A 332 38.74 4.29 -0.31
N ASN A 333 39.48 3.21 -0.09
CA ASN A 333 39.00 1.84 -0.26
C ASN A 333 39.90 0.94 0.58
N HIS A 334 39.50 -0.32 0.79
CA HIS A 334 40.31 -1.26 1.57
C HIS A 334 41.59 -1.61 0.82
N ASP A 335 41.66 -1.21 -0.45
CA ASP A 335 42.74 -1.52 -1.38
C ASP A 335 43.67 -0.36 -1.68
N GLN A 336 43.30 0.83 -1.21
CA GLN A 336 44.00 2.07 -1.55
C GLN A 336 44.69 2.64 -0.33
N PRO A 337 45.73 3.49 -0.55
CA PRO A 337 46.33 4.13 0.63
C PRO A 337 45.32 5.06 1.30
N ARG A 338 45.48 5.33 2.60
CA ARG A 338 44.57 6.24 3.26
C ARG A 338 44.85 7.65 2.74
N ILE A 339 43.79 8.41 2.43
CA ILE A 339 43.95 9.58 1.56
C ILE A 339 44.81 10.68 2.18
N VAL A 340 44.74 10.87 3.50
CA VAL A 340 45.48 11.99 4.09
C VAL A 340 46.99 11.76 3.93
N SER A 341 47.41 10.51 3.95
CA SER A 341 48.83 10.18 3.76
C SER A 341 49.20 10.31 2.31
N ARG A 342 48.25 10.04 1.43
CA ARG A 342 48.51 9.96 0.00
C ARG A 342 48.50 11.33 -0.68
N TYR A 343 47.36 12.02 -0.66
CA TYR A 343 47.27 13.32 -1.30
C TYR A 343 47.28 14.48 -0.31
N GLY A 344 47.25 14.19 0.99
CA GLY A 344 47.27 15.25 2.00
C GLY A 344 48.61 15.30 2.70
N ASP A 345 48.66 15.91 3.87
CA ASP A 345 49.89 15.94 4.65
C ASP A 345 49.63 15.28 6.00
N ASP A 346 50.25 14.13 6.27
CA ASP A 346 49.92 13.44 7.52
C ASP A 346 50.79 13.87 8.70
N GLY A 347 51.64 14.86 8.48
CA GLY A 347 52.39 15.46 9.56
C GLY A 347 51.69 16.67 10.16
N LYS A 348 52.34 17.83 10.11
CA LYS A 348 51.76 19.04 10.72
C LYS A 348 50.33 19.33 10.29
N TYR A 349 50.05 19.17 9.01
CA TYR A 349 48.74 19.56 8.48
C TYR A 349 47.74 18.41 8.34
N ARG A 350 47.88 17.38 9.17
CA ARG A 350 47.00 16.21 9.09
C ARG A 350 45.51 16.58 9.19
N LYS A 351 45.13 17.35 10.21
CA LYS A 351 43.72 17.75 10.36
C LYS A 351 43.21 18.67 9.24
N LYS A 352 43.96 19.73 8.97
CA LYS A 352 43.61 20.67 7.90
C LYS A 352 43.53 20.02 6.54
N SER A 353 44.49 19.17 6.20
CA SER A 353 44.49 18.58 4.87
C SER A 353 43.44 17.49 4.76
N ALA A 354 43.15 16.80 5.85
CA ALA A 354 42.09 15.79 5.82
C ALA A 354 40.73 16.50 5.55
N LYS A 355 40.54 17.67 6.15
CA LYS A 355 39.29 18.40 5.96
C LYS A 355 39.21 18.93 4.56
N MET A 356 40.35 19.37 4.05
CA MET A 356 40.42 19.92 2.70
C MET A 356 40.05 18.84 1.71
N LEU A 357 40.66 17.68 1.85
CA LEU A 357 40.36 16.61 0.90
C LEU A 357 38.88 16.22 0.96
N ALA A 358 38.32 16.19 2.16
CA ALA A 358 36.90 15.89 2.33
C ALA A 358 36.02 16.90 1.60
N THR A 359 36.30 18.19 1.79
CA THR A 359 35.54 19.24 1.11
C THR A 359 35.72 19.19 -0.42
N ALA A 360 36.95 18.98 -0.87
CA ALA A 360 37.25 18.94 -2.29
C ALA A 360 36.35 17.99 -3.04
N ILE A 361 36.11 16.83 -2.45
CA ILE A 361 35.35 15.82 -3.19
C ILE A 361 33.87 15.83 -2.84
N HIS A 362 33.52 16.20 -1.62
CA HIS A 362 32.12 16.23 -1.22
C HIS A 362 31.33 17.35 -1.92
N MET A 363 31.98 18.46 -2.24
CA MET A 363 31.30 19.54 -2.96
C MET A 363 31.15 19.29 -4.48
N LEU A 364 31.60 18.12 -4.95
CA LEU A 364 31.33 17.68 -6.33
C LEU A 364 29.92 17.13 -6.54
N GLN A 365 29.52 16.93 -7.79
CA GLN A 365 28.21 16.33 -8.05
C GLN A 365 28.30 14.82 -7.98
N GLY A 366 27.47 14.22 -7.14
CA GLY A 366 27.47 12.77 -7.01
C GLY A 366 27.16 12.34 -5.60
N THR A 367 27.37 11.05 -5.33
CA THR A 367 27.10 10.48 -4.02
C THR A 367 28.41 10.12 -3.31
N PRO A 368 28.66 10.73 -2.16
CA PRO A 368 29.95 10.55 -1.50
C PRO A 368 30.05 9.27 -0.66
N TYR A 369 31.23 8.66 -0.65
CA TYR A 369 31.52 7.46 0.15
C TYR A 369 32.66 7.76 1.13
N ILE A 370 32.44 7.44 2.41
CA ILE A 370 33.43 7.62 3.45
C ILE A 370 33.91 6.23 3.85
N TYR A 371 35.22 6.01 3.82
CA TYR A 371 35.78 4.72 4.21
C TYR A 371 36.11 4.73 5.69
N GLN A 372 35.76 3.67 6.39
CA GLN A 372 35.95 3.60 7.84
C GLN A 372 37.30 4.18 8.28
N GLY A 373 37.25 5.14 9.19
CA GLY A 373 38.45 5.78 9.72
C GLY A 373 38.91 7.03 8.98
N GLU A 374 38.39 7.24 7.77
CA GLU A 374 38.70 8.44 7.01
C GLU A 374 38.18 9.66 7.77
N GLU A 375 37.04 9.49 8.42
CA GLU A 375 36.43 10.57 9.19
C GLU A 375 37.25 10.91 10.44
N LEU A 376 38.22 10.07 10.78
CA LEU A 376 39.14 10.32 11.89
C LEU A 376 40.49 10.84 11.38
N GLY A 377 40.65 10.93 10.07
CA GLY A 377 41.94 11.23 9.48
C GLY A 377 42.99 10.18 9.83
N MET A 378 42.58 8.93 9.91
CA MET A 378 43.55 7.85 10.11
C MET A 378 44.57 7.90 8.96
N THR A 379 45.83 7.60 9.26
CA THR A 379 46.91 7.71 8.28
C THR A 379 47.37 6.32 7.88
N ASN A 380 48.21 6.21 6.86
CA ASN A 380 48.91 4.95 6.63
C ASN A 380 49.67 4.62 7.90
N PRO A 381 49.80 3.32 8.23
CA PRO A 381 50.35 2.96 9.54
C PRO A 381 51.88 3.11 9.64
N LYS A 382 52.58 3.21 8.52
CA LYS A 382 54.06 3.30 8.48
C LYS A 382 54.74 2.10 9.17
N PHE A 383 54.28 0.91 8.86
CA PHE A 383 54.85 -0.29 9.47
C PHE A 383 56.29 -0.37 8.97
N ASP A 384 57.24 -0.47 9.89
CA ASP A 384 58.66 -0.41 9.50
C ASP A 384 59.36 -1.78 9.53
N ASP A 385 58.58 -2.85 9.59
CA ASP A 385 59.15 -4.18 9.60
C ASP A 385 58.23 -5.16 8.88
N ILE A 386 58.83 -6.11 8.17
CA ILE A 386 58.03 -7.03 7.36
C ILE A 386 57.07 -7.89 8.18
N SER A 387 57.38 -8.10 9.46
CA SER A 387 56.54 -8.97 10.29
C SER A 387 55.20 -8.31 10.67
N LEU A 388 55.10 -6.99 10.46
CA LEU A 388 53.85 -6.29 10.76
C LEU A 388 52.85 -6.36 9.60
N TYR A 389 53.30 -6.77 8.42
CA TYR A 389 52.43 -6.78 7.24
C TYR A 389 51.70 -8.11 7.13
N ARG A 390 50.63 -8.14 6.33
CA ARG A 390 49.77 -9.32 6.25
C ARG A 390 49.42 -9.67 4.81
N ASP A 391 49.11 -8.65 4.02
CA ASP A 391 48.79 -8.76 2.60
C ASP A 391 49.79 -9.63 1.83
N VAL A 392 49.31 -10.70 1.20
CA VAL A 392 50.23 -11.62 0.52
C VAL A 392 51.02 -10.96 -0.60
N GLU A 393 50.41 -9.99 -1.28
CA GLU A 393 51.08 -9.30 -2.36
C GLU A 393 52.26 -8.48 -1.81
N SER A 394 52.07 -7.88 -0.64
CA SER A 394 53.16 -7.15 0.01
C SER A 394 54.29 -8.08 0.43
N LEU A 395 53.95 -9.22 1.03
CA LEU A 395 54.97 -10.17 1.49
C LEU A 395 55.79 -10.68 0.32
N ASN A 396 55.08 -10.97 -0.78
CA ASN A 396 55.71 -11.42 -2.00
C ASN A 396 56.63 -10.34 -2.56
N MET A 397 56.13 -9.11 -2.63
CA MET A 397 56.89 -8.01 -3.18
C MET A 397 58.15 -7.78 -2.39
N TYR A 398 58.07 -7.90 -1.07
CA TYR A 398 59.24 -7.75 -0.23
C TYR A 398 60.22 -8.88 -0.52
N ARG A 399 59.69 -10.10 -0.68
CA ARG A 399 60.55 -11.26 -0.96
C ARG A 399 61.33 -11.05 -2.24
N ILE A 400 60.62 -10.76 -3.32
CA ILE A 400 61.24 -10.51 -4.62
C ILE A 400 62.26 -9.37 -4.62
N LEU A 401 61.87 -8.19 -4.11
CA LEU A 401 62.81 -7.07 -4.09
C LEU A 401 64.05 -7.38 -3.24
N LYS A 402 63.86 -8.10 -2.13
CA LYS A 402 64.99 -8.53 -1.32
C LYS A 402 65.94 -9.44 -2.13
N GLU A 403 65.36 -10.40 -2.86
CA GLU A 403 66.14 -11.30 -3.72
C GLU A 403 66.88 -10.57 -4.83
N ALA A 404 66.31 -9.47 -5.31
CA ALA A 404 66.94 -8.70 -6.37
C ALA A 404 67.95 -7.71 -5.80
N GLY A 405 68.18 -7.78 -4.49
CA GLY A 405 69.18 -6.97 -3.82
C GLY A 405 68.81 -5.52 -3.51
N LYS A 406 67.52 -5.20 -3.42
CA LYS A 406 67.16 -3.85 -3.00
C LYS A 406 67.38 -3.74 -1.51
N PRO A 407 67.92 -2.60 -1.04
CA PRO A 407 68.16 -2.55 0.40
C PRO A 407 66.84 -2.56 1.18
N GLU A 408 66.91 -3.12 2.38
CA GLU A 408 65.79 -3.24 3.30
C GLU A 408 64.98 -1.95 3.50
N ALA A 409 65.65 -0.82 3.74
CA ALA A 409 64.95 0.44 3.99
C ALA A 409 64.20 0.93 2.75
N GLU A 410 64.74 0.67 1.58
CA GLU A 410 64.08 1.05 0.35
C GLU A 410 62.85 0.19 0.06
N ILE A 411 62.90 -1.09 0.39
CA ILE A 411 61.73 -1.94 0.21
C ILE A 411 60.63 -1.48 1.16
N ILE A 412 61.00 -1.28 2.41
CA ILE A 412 60.09 -0.78 3.44
C ILE A 412 59.42 0.56 3.05
N GLU A 413 60.18 1.45 2.41
CA GLU A 413 59.60 2.72 1.94
C GLU A 413 58.51 2.46 0.92
N ILE A 414 58.76 1.53 0.01
CA ILE A 414 57.78 1.12 -0.97
C ILE A 414 56.52 0.53 -0.31
N LEU A 415 56.69 -0.34 0.67
CA LEU A 415 55.53 -0.92 1.36
C LEU A 415 54.75 0.13 2.16
N LYS A 416 55.47 1.08 2.73
CA LYS A 416 54.80 2.13 3.48
C LYS A 416 53.88 2.96 2.59
N ALA A 417 54.26 3.17 1.34
CA ALA A 417 53.41 3.92 0.43
C ALA A 417 52.34 3.08 -0.27
N LYS A 418 52.60 1.78 -0.47
CA LYS A 418 51.83 1.01 -1.43
C LYS A 418 51.14 -0.27 -0.93
N SER A 419 51.50 -0.75 0.25
CA SER A 419 50.95 -2.02 0.76
C SER A 419 49.44 -1.93 0.84
N ARG A 420 48.75 -2.98 0.42
CA ARG A 420 47.31 -2.98 0.50
C ARG A 420 46.80 -3.24 1.91
N ASP A 421 47.71 -3.44 2.86
CA ASP A 421 47.34 -3.48 4.29
C ASP A 421 47.11 -2.09 4.85
N ASN A 422 47.62 -1.08 4.16
CA ASN A 422 47.69 0.26 4.73
C ASN A 422 46.36 0.84 5.22
N SER A 423 45.28 0.60 4.50
CA SER A 423 43.98 1.06 4.97
C SER A 423 43.18 -0.06 5.66
N ARG A 424 43.86 -1.15 6.02
CA ARG A 424 43.19 -2.29 6.63
C ARG A 424 43.50 -2.43 8.11
N THR A 425 44.24 -1.48 8.67
CA THR A 425 44.53 -1.58 10.08
C THR A 425 43.24 -1.23 10.82
N PRO A 426 43.11 -1.70 12.06
CA PRO A 426 41.83 -1.58 12.77
C PRO A 426 41.41 -0.14 13.04
N VAL A 427 40.11 0.11 12.90
CA VAL A 427 39.56 1.42 13.26
C VAL A 427 39.91 1.77 14.69
N GLN A 428 40.41 2.99 14.89
CA GLN A 428 40.92 3.41 16.17
C GLN A 428 39.82 4.11 16.97
N TRP A 429 39.23 3.39 17.90
CA TRP A 429 38.06 3.85 18.66
C TRP A 429 38.37 4.73 19.86
N ASN A 430 39.45 4.41 20.59
CA ASN A 430 39.79 5.14 21.79
C ASN A 430 41.27 5.00 22.07
N GLY A 431 41.72 5.45 23.23
CA GLY A 431 43.12 5.39 23.56
C GLY A 431 43.49 4.24 24.47
N GLU A 432 42.64 3.21 24.53
CA GLU A 432 42.90 2.04 25.34
C GLU A 432 43.66 1.01 24.51
N GLU A 433 43.95 -0.14 25.10
CA GLU A 433 44.73 -1.18 24.42
C GLU A 433 44.19 -1.49 23.04
N ASN A 434 45.07 -1.52 22.05
CA ASN A 434 44.69 -1.74 20.67
C ASN A 434 43.60 -0.78 20.18
N ALA A 435 43.67 0.47 20.65
CA ALA A 435 42.71 1.51 20.28
C ALA A 435 41.25 1.06 20.50
N GLY A 436 41.04 0.16 21.46
CA GLY A 436 39.71 -0.31 21.76
C GLY A 436 39.06 -1.11 20.66
N PHE A 437 39.84 -1.57 19.69
CA PHE A 437 39.28 -2.36 18.61
C PHE A 437 38.98 -3.79 19.06
N THR A 438 39.79 -4.29 19.98
CA THR A 438 39.72 -5.69 20.42
C THR A 438 40.22 -5.85 21.86
N ALA A 439 39.68 -6.81 22.59
CA ALA A 439 40.22 -7.14 23.91
C ALA A 439 41.27 -8.24 23.79
N GLY A 440 41.48 -8.70 22.56
CA GLY A 440 42.48 -9.71 22.27
C GLY A 440 43.69 -9.15 21.55
N THR A 441 44.17 -9.90 20.57
CA THR A 441 45.30 -9.48 19.75
C THR A 441 44.76 -9.29 18.33
N PRO A 442 44.82 -8.05 17.81
CA PRO A 442 44.21 -7.85 16.49
C PRO A 442 44.91 -8.63 15.39
N TRP A 443 44.15 -9.10 14.39
CA TRP A 443 44.74 -9.79 13.26
C TRP A 443 45.82 -8.99 12.54
N ILE A 444 45.81 -7.67 12.72
CA ILE A 444 46.79 -6.79 12.10
C ILE A 444 47.10 -5.66 13.09
N PRO A 445 48.36 -5.21 13.17
CA PRO A 445 48.69 -4.31 14.27
C PRO A 445 48.04 -2.93 14.19
N VAL A 446 47.89 -2.28 15.35
CA VAL A 446 47.52 -0.87 15.42
C VAL A 446 48.77 -0.03 15.54
N PRO A 447 48.93 0.97 14.68
CA PRO A 447 50.08 1.87 14.80
C PRO A 447 50.00 2.75 16.05
N ASP A 448 51.14 3.29 16.49
CA ASP A 448 51.20 4.00 17.78
C ASP A 448 50.52 5.37 17.81
N ASN A 449 50.08 5.85 16.65
CA ASN A 449 49.39 7.13 16.60
C ASN A 449 48.00 7.07 17.25
N TYR A 450 47.51 5.86 17.53
CA TYR A 450 46.15 5.67 18.00
C TYR A 450 45.82 6.50 19.24
N LYS A 451 46.84 6.78 20.04
CA LYS A 451 46.63 7.56 21.24
C LYS A 451 46.23 9.01 20.92
N GLU A 452 46.67 9.51 19.78
CA GLU A 452 46.31 10.85 19.32
C GLU A 452 45.23 10.83 18.27
N ILE A 453 45.11 9.72 17.56
CA ILE A 453 44.11 9.61 16.51
C ILE A 453 43.11 8.51 16.88
N ASN A 454 41.95 8.89 17.41
CA ASN A 454 40.87 7.94 17.72
C ASN A 454 39.51 8.63 17.83
N ALA A 455 38.43 7.83 17.78
CA ALA A 455 37.08 8.38 17.70
C ALA A 455 36.68 9.12 18.98
N GLU A 456 37.05 8.58 20.13
CA GLU A 456 36.70 9.21 21.37
C GLU A 456 37.31 10.62 21.43
N GLU A 457 38.57 10.74 21.04
CA GLU A 457 39.22 12.05 21.01
C GLU A 457 38.54 12.99 19.99
N ALA A 458 38.27 12.47 18.79
CA ALA A 458 37.64 13.28 17.76
C ALA A 458 36.24 13.75 18.18
N LEU A 459 35.49 12.87 18.84
CA LEU A 459 34.10 13.20 19.20
C LEU A 459 34.03 14.20 20.33
N ASN A 460 35.14 14.39 21.04
CA ASN A 460 35.21 15.37 22.13
C ASN A 460 35.94 16.66 21.74
N ASP A 461 36.29 16.80 20.46
CA ASP A 461 36.95 18.02 19.94
C ASP A 461 36.05 18.66 18.88
N PRO A 462 35.41 19.80 19.21
CA PRO A 462 34.49 20.43 18.26
C PRO A 462 35.14 20.74 16.91
N ASP A 463 36.46 20.92 16.89
CA ASP A 463 37.21 21.25 15.67
C ASP A 463 37.76 20.00 14.95
N SER A 464 37.22 18.84 15.27
CA SER A 464 37.81 17.60 14.77
C SER A 464 37.46 17.33 13.30
N ILE A 465 38.22 16.44 12.67
CA ILE A 465 37.93 16.02 11.30
C ILE A 465 36.53 15.39 11.24
N PHE A 466 36.16 14.67 12.31
CA PHE A 466 34.89 13.96 12.36
C PHE A 466 33.70 14.93 12.20
N TYR A 467 33.73 16.02 12.94
CA TYR A 467 32.64 16.99 12.83
C TYR A 467 32.67 17.76 11.51
N HIS A 468 33.83 17.86 10.87
CA HIS A 468 33.90 18.47 9.54
C HIS A 468 33.18 17.58 8.53
N TYR A 469 33.40 16.28 8.61
CA TYR A 469 32.65 15.34 7.76
C TYR A 469 31.17 15.39 8.09
N LYS A 470 30.84 15.40 9.38
CA LYS A 470 29.41 15.49 9.76
C LYS A 470 28.74 16.70 9.11
N LYS A 471 29.40 17.85 9.16
CA LYS A 471 28.85 19.05 8.56
C LYS A 471 28.69 18.92 7.05
N LEU A 472 29.70 18.35 6.37
CA LEU A 472 29.59 18.11 4.93
C LEU A 472 28.42 17.19 4.59
N ASN A 473 28.25 16.14 5.38
CA ASN A 473 27.15 15.20 5.20
C ASN A 473 25.78 15.85 5.38
N GLU A 474 25.67 16.72 6.38
CA GLU A 474 24.41 17.39 6.62
C GLU A 474 24.17 18.51 5.60
N LEU A 475 25.24 19.15 5.12
CA LEU A 475 25.09 20.18 4.10
C LEU A 475 24.40 19.63 2.86
N ARG A 476 24.75 18.39 2.50
CA ARG A 476 24.20 17.73 1.32
C ARG A 476 22.69 17.53 1.47
N LYS A 477 22.22 17.38 2.70
CA LYS A 477 20.78 17.31 2.97
C LYS A 477 20.10 18.68 2.93
N GLU A 478 20.86 19.73 3.25
CA GLU A 478 20.30 21.06 3.53
C GLU A 478 20.31 22.00 2.34
N PHE A 479 21.30 21.85 1.47
CA PHE A 479 21.53 22.76 0.35
C PHE A 479 21.44 22.01 -0.96
N ASP A 480 20.31 22.20 -1.63
CA ASP A 480 19.97 21.45 -2.84
C ASP A 480 20.98 21.67 -3.99
N ILE A 481 21.63 22.83 -4.00
CA ILE A 481 22.60 23.11 -5.06
C ILE A 481 23.76 22.09 -5.07
N ILE A 482 24.05 21.47 -3.93
CA ILE A 482 25.11 20.46 -3.90
C ILE A 482 24.76 19.29 -4.80
N THR A 483 23.47 19.01 -4.92
CA THR A 483 22.99 17.97 -5.83
C THR A 483 22.72 18.47 -7.28
N THR A 484 22.14 19.65 -7.40
CA THR A 484 21.67 20.12 -8.72
C THR A 484 22.58 21.04 -9.49
N GLY A 485 23.50 21.71 -8.82
CA GLY A 485 24.40 22.63 -9.50
C GLY A 485 25.31 21.96 -10.50
N ASP A 486 25.63 22.64 -11.59
CA ASP A 486 26.63 22.10 -12.50
C ASP A 486 28.02 22.20 -11.89
N TYR A 487 29.03 21.89 -12.68
CA TYR A 487 30.39 22.02 -12.18
C TYR A 487 31.17 22.83 -13.19
N GLN A 488 31.98 23.75 -12.69
CA GLN A 488 32.82 24.54 -13.58
C GLN A 488 34.18 24.70 -12.97
N LEU A 489 35.18 24.11 -13.62
CA LEU A 489 36.54 24.25 -13.17
C LEU A 489 37.06 25.66 -13.44
N ILE A 490 37.76 26.24 -12.47
CA ILE A 490 38.54 27.46 -12.69
C ILE A 490 39.94 27.22 -12.19
N LEU A 491 40.84 28.16 -12.50
CA LEU A 491 42.27 28.05 -12.21
C LEU A 491 42.85 26.68 -12.59
N GLU A 492 42.51 26.22 -13.79
CA GLU A 492 42.91 24.88 -14.24
C GLU A 492 44.40 24.61 -14.13
N ASP A 493 45.20 25.61 -14.45
CA ASP A 493 46.64 25.45 -14.49
C ASP A 493 47.32 25.74 -13.16
N ASP A 494 46.57 26.16 -12.16
CA ASP A 494 47.20 26.53 -10.88
C ASP A 494 47.95 25.34 -10.28
N GLN A 495 49.15 25.58 -9.78
CA GLN A 495 49.99 24.49 -9.30
C GLN A 495 49.64 24.06 -7.88
N GLU A 496 48.90 24.89 -7.14
CA GLU A 496 48.54 24.53 -5.76
C GLU A 496 47.04 24.49 -5.48
N LEU A 497 46.24 25.29 -6.20
CA LEU A 497 44.83 25.40 -5.88
C LEU A 497 43.91 24.55 -6.76
N TYR A 498 42.99 23.85 -6.12
CA TYR A 498 41.88 23.22 -6.81
C TYR A 498 40.65 24.02 -6.44
N ALA A 499 40.12 24.75 -7.41
CA ALA A 499 38.96 25.57 -7.16
C ALA A 499 37.97 25.36 -8.28
N TYR A 500 36.70 25.44 -7.93
CA TYR A 500 35.65 25.29 -8.90
C TYR A 500 34.38 25.90 -8.41
N LEU A 501 33.42 26.03 -9.31
CA LEU A 501 32.11 26.53 -8.94
C LEU A 501 31.07 25.48 -9.19
N ARG A 502 29.97 25.56 -8.46
CA ARG A 502 28.78 24.80 -8.76
C ARG A 502 27.72 25.86 -9.06
N ASN A 503 27.27 25.95 -10.30
CA ASN A 503 26.34 27.01 -10.71
C ASN A 503 24.90 26.56 -10.69
N GLY A 504 24.07 27.30 -9.95
CA GLY A 504 22.65 27.03 -9.86
C GLY A 504 21.81 28.22 -10.27
N ALA A 505 20.55 28.25 -9.84
CA ALA A 505 19.61 29.31 -10.25
C ALA A 505 19.72 30.50 -9.32
N ASP A 506 20.44 31.53 -9.78
CA ASP A 506 20.75 32.70 -8.94
C ASP A 506 21.39 32.26 -7.62
N GLU A 507 22.22 31.23 -7.70
CA GLU A 507 22.85 30.66 -6.53
C GLU A 507 24.06 29.91 -7.04
N LYS A 508 25.20 30.09 -6.38
CA LYS A 508 26.42 29.37 -6.72
C LYS A 508 27.10 28.87 -5.47
N LEU A 509 27.98 27.89 -5.64
CA LEU A 509 29.02 27.60 -4.66
C LEU A 509 30.35 27.93 -5.28
N LEU A 510 31.24 28.52 -4.50
CA LEU A 510 32.61 28.68 -4.91
C LEU A 510 33.44 27.88 -3.92
N VAL A 511 34.14 26.88 -4.41
CA VAL A 511 34.91 25.99 -3.56
C VAL A 511 36.38 26.22 -3.86
N ILE A 512 37.18 26.48 -2.83
CA ILE A 512 38.61 26.80 -2.98
C ILE A 512 39.44 25.91 -2.04
N ASN A 513 40.29 25.06 -2.61
CA ASN A 513 41.09 24.14 -1.82
C ASN A 513 42.57 24.30 -2.14
N ASN A 514 43.39 24.50 -1.11
CA ASN A 514 44.83 24.50 -1.33
C ASN A 514 45.33 23.08 -1.14
N PHE A 515 45.83 22.45 -2.21
CA PHE A 515 46.31 21.06 -2.08
C PHE A 515 47.73 20.94 -1.53
N TYR A 516 48.34 22.05 -1.12
CA TYR A 516 49.71 21.99 -0.61
C TYR A 516 49.86 22.84 0.65
N GLY A 517 51.05 22.76 1.25
CA GLY A 517 51.32 23.43 2.52
C GLY A 517 52.03 24.78 2.43
N LYS A 518 51.83 25.52 1.35
CA LYS A 518 52.41 26.84 1.17
C LYS A 518 51.28 27.84 0.99
N GLU A 519 51.57 29.11 1.28
CA GLU A 519 50.63 30.16 0.95
C GLU A 519 50.66 30.40 -0.56
N THR A 520 49.54 30.83 -1.09
CA THR A 520 49.47 31.13 -2.51
C THR A 520 48.26 32.01 -2.73
N GLU A 521 48.19 32.71 -3.86
CA GLU A 521 47.12 33.66 -4.08
C GLU A 521 45.94 33.08 -4.87
N PHE A 522 44.73 33.40 -4.42
CA PHE A 522 43.56 33.12 -5.21
C PHE A 522 43.03 34.43 -5.76
N GLN A 523 42.73 34.45 -7.05
CA GLN A 523 42.05 35.59 -7.63
C GLN A 523 40.97 35.01 -8.50
N LEU A 524 39.73 35.45 -8.31
CA LEU A 524 38.60 34.96 -9.07
C LEU A 524 38.75 35.43 -10.52
N PRO A 525 38.59 34.52 -11.49
CA PRO A 525 38.77 34.94 -12.88
C PRO A 525 37.71 35.96 -13.31
N ASP A 526 38.10 36.81 -14.25
CA ASP A 526 37.20 37.86 -14.75
C ASP A 526 35.91 37.31 -15.36
N ASP A 527 35.96 36.13 -15.96
CA ASP A 527 34.76 35.59 -16.63
C ASP A 527 33.72 35.04 -15.67
N ILE A 528 34.05 35.00 -14.39
CA ILE A 528 33.11 34.54 -13.39
C ILE A 528 32.14 35.65 -13.05
N ASP A 529 30.92 35.53 -13.55
CA ASP A 529 29.93 36.59 -13.41
C ASP A 529 29.17 36.43 -12.10
N ILE A 530 29.55 37.19 -11.09
CA ILE A 530 28.86 37.11 -9.81
C ILE A 530 28.24 38.44 -9.39
N GLU A 531 27.94 39.29 -10.38
CA GLU A 531 27.35 40.59 -10.12
C GLU A 531 26.02 40.46 -9.40
N GLY A 532 25.90 41.14 -8.26
CA GLY A 532 24.67 41.13 -7.49
C GLY A 532 24.52 39.97 -6.52
N TYR A 533 25.56 39.16 -6.39
CA TYR A 533 25.54 38.02 -5.49
C TYR A 533 26.11 38.37 -4.12
N ASP A 534 25.44 37.95 -3.06
CA ASP A 534 26.00 38.06 -1.72
C ASP A 534 26.69 36.75 -1.32
N ALA A 535 27.85 36.87 -0.67
CA ALA A 535 28.65 35.71 -0.24
C ALA A 535 28.53 35.42 1.25
N LYS A 536 28.42 34.14 1.60
CA LYS A 536 28.53 33.71 2.98
C LYS A 536 29.33 32.42 3.03
N VAL A 537 30.14 32.25 4.06
CA VAL A 537 30.89 31.01 4.23
C VAL A 537 29.97 29.82 4.54
N LEU A 538 29.98 28.83 3.67
CA LEU A 538 29.20 27.62 3.91
C LEU A 538 29.94 26.67 4.87
N ILE A 539 31.23 26.45 4.61
CA ILE A 539 32.04 25.61 5.47
C ILE A 539 33.50 25.94 5.21
N SER A 540 34.32 25.91 6.26
CA SER A 540 35.74 26.22 6.11
C SER A 540 36.50 25.37 7.09
N ASN A 541 37.76 25.07 6.78
CA ASN A 541 38.60 24.38 7.74
C ASN A 541 39.53 25.34 8.48
N ASP A 542 39.27 26.63 8.33
CA ASP A 542 40.11 27.68 8.94
C ASP A 542 39.27 28.90 9.31
N THR A 543 39.44 29.40 10.53
CA THR A 543 38.70 30.58 10.99
C THR A 543 39.30 31.87 10.44
N ASP A 544 40.52 31.80 9.93
CA ASP A 544 41.15 32.94 9.25
C ASP A 544 40.51 33.19 7.88
N LEU A 545 39.39 33.89 7.87
CA LEU A 545 38.63 34.12 6.65
C LEU A 545 39.07 35.39 5.94
N PRO A 546 39.13 35.36 4.60
CA PRO A 546 39.50 36.51 3.78
C PRO A 546 38.54 37.70 3.94
N GLU A 547 39.05 38.94 3.87
CA GLU A 547 38.18 40.10 3.81
C GLU A 547 37.29 40.03 2.57
N SER A 548 37.89 39.64 1.45
CA SER A 548 37.17 39.48 0.21
C SER A 548 37.61 38.21 -0.48
N PHE A 549 36.68 37.35 -0.82
CA PHE A 549 37.01 36.13 -1.57
C PHE A 549 37.54 36.40 -2.99
N LYS A 550 37.38 37.62 -3.48
CA LYS A 550 37.73 37.90 -4.87
C LYS A 550 39.24 37.85 -5.12
N ARG A 551 40.01 38.19 -4.10
CA ARG A 551 41.46 38.03 -4.18
C ARG A 551 42.01 37.99 -2.77
N PHE A 552 42.75 36.95 -2.47
CA PHE A 552 43.30 36.75 -1.14
C PHE A 552 44.37 35.68 -1.12
N THR A 553 45.14 35.68 -0.04
CA THR A 553 46.24 34.77 0.17
C THR A 553 45.71 33.53 0.88
N VAL A 554 45.76 32.40 0.19
CA VAL A 554 45.24 31.15 0.76
C VAL A 554 46.30 30.56 1.66
N LYS A 555 45.92 30.19 2.87
CA LYS A 555 46.83 29.59 3.84
C LYS A 555 47.13 28.13 3.49
N PRO A 556 48.20 27.55 4.06
CA PRO A 556 48.49 26.15 3.77
C PRO A 556 47.27 25.22 4.01
N TYR A 557 46.94 24.43 3.01
CA TYR A 557 45.84 23.46 3.10
C TYR A 557 44.48 24.07 3.44
N GLN A 558 44.34 25.37 3.24
CA GLN A 558 43.08 26.02 3.54
C GLN A 558 42.01 25.52 2.58
N SER A 559 40.78 25.37 3.09
CA SER A 559 39.66 24.93 2.29
C SER A 559 38.46 25.80 2.66
N ILE A 560 37.87 26.49 1.69
CA ILE A 560 36.70 27.33 1.96
C ILE A 560 35.65 27.12 0.88
N VAL A 561 34.39 27.07 1.29
CA VAL A 561 33.28 27.06 0.36
C VAL A 561 32.41 28.27 0.64
N TYR A 562 32.20 29.09 -0.38
CA TYR A 562 31.25 30.21 -0.25
C TYR A 562 29.93 29.84 -0.89
N HIS A 563 28.86 30.22 -0.21
CA HIS A 563 27.52 30.11 -0.77
C HIS A 563 27.14 31.50 -1.28
N LEU A 564 27.01 31.63 -2.60
CA LEU A 564 26.66 32.89 -3.22
C LEU A 564 25.19 32.87 -3.63
N ALA A 565 24.43 33.89 -3.22
CA ALA A 565 23.04 33.99 -3.64
C ALA A 565 22.65 35.44 -3.97
N LYS A 566 21.57 35.62 -4.72
CA LYS A 566 21.20 36.95 -5.20
C LYS A 566 20.72 37.93 -4.11
N ASN B 12 -28.47 -14.64 36.89
CA ASN B 12 -29.06 -14.55 35.55
C ASN B 12 -28.66 -13.28 34.80
N PRO B 13 -27.89 -13.42 33.71
CA PRO B 13 -27.45 -12.26 32.93
C PRO B 13 -28.66 -11.64 32.25
N TRP B 14 -28.63 -10.34 31.98
CA TRP B 14 -29.79 -9.70 31.36
C TRP B 14 -30.18 -10.28 29.99
N TRP B 15 -29.21 -10.68 29.19
CA TRP B 15 -29.49 -11.13 27.84
C TRP B 15 -30.26 -12.47 27.76
N LYS B 16 -30.36 -13.17 28.88
CA LYS B 16 -30.97 -14.49 28.91
C LYS B 16 -32.45 -14.44 28.56
N LYS B 17 -33.17 -13.45 29.10
CA LYS B 17 -34.60 -13.29 28.84
C LYS B 17 -34.90 -12.08 27.95
N ALA B 18 -33.87 -11.57 27.28
CA ALA B 18 -33.99 -10.42 26.41
C ALA B 18 -34.66 -10.80 25.10
N VAL B 19 -35.26 -9.83 24.42
CA VAL B 19 -35.65 -10.01 23.03
C VAL B 19 -35.01 -8.88 22.24
N VAL B 20 -34.31 -9.24 21.17
CA VAL B 20 -33.54 -8.29 20.38
C VAL B 20 -34.28 -7.94 19.10
N TYR B 21 -34.26 -6.65 18.75
CA TYR B 21 -34.85 -6.15 17.52
C TYR B 21 -33.71 -5.82 16.54
N GLN B 22 -33.70 -6.48 15.39
CA GLN B 22 -32.58 -6.32 14.46
C GLN B 22 -32.90 -5.21 13.47
N ILE B 23 -32.05 -4.21 13.39
CA ILE B 23 -32.29 -3.09 12.50
C ILE B 23 -31.23 -3.02 11.42
N TYR B 24 -31.70 -2.92 10.17
CA TYR B 24 -30.86 -2.67 9.01
C TYR B 24 -31.13 -1.22 8.63
N PRO B 25 -30.24 -0.31 9.08
CA PRO B 25 -30.52 1.12 9.10
C PRO B 25 -30.88 1.71 7.75
N LYS B 26 -30.22 1.25 6.69
CA LYS B 26 -30.51 1.73 5.34
C LYS B 26 -32.00 1.67 5.01
N SER B 27 -32.72 0.70 5.58
CA SER B 27 -34.13 0.52 5.19
C SER B 27 -35.11 0.66 6.33
N PHE B 28 -34.68 1.32 7.40
CA PHE B 28 -35.52 1.43 8.59
C PHE B 28 -36.34 2.74 8.59
N LYS B 29 -35.70 3.89 8.80
CA LYS B 29 -36.43 5.16 8.66
C LYS B 29 -35.53 6.29 8.17
N ASP B 30 -35.96 6.95 7.10
CA ASP B 30 -35.24 8.09 6.50
C ASP B 30 -35.81 9.42 7.00
N THR B 31 -34.98 10.24 7.64
CA THR B 31 -35.43 11.55 8.12
C THR B 31 -34.82 12.73 7.37
N THR B 32 -33.98 12.48 6.36
CA THR B 32 -33.33 13.56 5.64
C THR B 32 -33.81 13.68 4.20
N GLY B 33 -34.54 12.67 3.73
CA GLY B 33 -35.17 12.77 2.43
C GLY B 33 -34.30 12.32 1.27
N ASN B 34 -33.13 11.77 1.57
CA ASN B 34 -32.29 11.20 0.52
C ASN B 34 -32.70 9.78 0.11
N GLY B 35 -33.75 9.24 0.74
CA GLY B 35 -34.22 7.90 0.43
C GLY B 35 -33.47 6.75 1.10
N VAL B 36 -32.54 7.11 1.99
CA VAL B 36 -31.76 6.13 2.73
C VAL B 36 -32.05 6.31 4.22
N GLY B 37 -32.28 5.22 4.96
CA GLY B 37 -32.57 5.34 6.37
C GLY B 37 -31.35 5.81 7.10
N ASP B 38 -31.54 6.39 8.28
CA ASP B 38 -30.42 6.92 9.04
C ASP B 38 -30.65 6.74 10.53
N ILE B 39 -29.64 7.09 11.32
CA ILE B 39 -29.65 6.91 12.77
C ILE B 39 -30.72 7.77 13.44
N ARG B 40 -30.93 8.98 12.94
CA ARG B 40 -31.97 9.84 13.50
C ARG B 40 -33.35 9.15 13.37
N GLY B 41 -33.52 8.42 12.27
CA GLY B 41 -34.70 7.61 12.04
C GLY B 41 -34.92 6.56 13.11
N ILE B 42 -33.86 5.89 13.53
CA ILE B 42 -33.93 4.93 14.63
C ILE B 42 -34.36 5.63 15.91
N ILE B 43 -33.70 6.75 16.22
CA ILE B 43 -34.06 7.55 17.40
C ILE B 43 -35.55 7.85 17.47
N GLU B 44 -36.12 8.32 16.35
CA GLU B 44 -37.55 8.62 16.26
C GLU B 44 -38.49 7.42 16.47
N LYS B 45 -37.99 6.21 16.32
CA LYS B 45 -38.86 5.05 16.45
C LYS B 45 -38.61 4.26 17.76
N LEU B 46 -37.89 4.85 18.70
CA LEU B 46 -37.54 4.11 19.92
C LEU B 46 -38.75 3.77 20.78
N ASP B 47 -39.74 4.66 20.80
CA ASP B 47 -40.96 4.37 21.55
C ASP B 47 -41.67 3.15 20.94
N TYR B 48 -41.67 3.07 19.61
CA TYR B 48 -42.24 1.92 18.90
C TYR B 48 -41.54 0.62 19.27
N ILE B 49 -40.21 0.66 19.32
CA ILE B 49 -39.45 -0.53 19.68
C ILE B 49 -39.75 -0.97 21.14
N LYS B 50 -39.79 0.01 22.03
CA LYS B 50 -40.19 -0.21 23.44
C LYS B 50 -41.60 -0.79 23.59
N GLU B 51 -42.55 -0.22 22.87
CA GLU B 51 -43.93 -0.72 22.86
C GLU B 51 -44.00 -2.21 22.43
N LEU B 52 -43.08 -2.62 21.54
CA LEU B 52 -43.01 -4.01 21.09
C LEU B 52 -42.47 -4.93 22.19
N ALA B 53 -41.96 -4.30 23.23
CA ALA B 53 -41.37 -4.96 24.39
C ALA B 53 -40.03 -5.67 24.07
N CYS B 54 -39.31 -5.16 23.09
CA CYS B 54 -37.91 -5.55 22.88
C CYS B 54 -37.04 -4.76 23.85
N ASP B 55 -35.96 -5.36 24.35
CA ASP B 55 -35.09 -4.62 25.23
C ASP B 55 -33.66 -4.55 24.75
N VAL B 56 -33.43 -5.02 23.51
CA VAL B 56 -32.15 -4.81 22.87
C VAL B 56 -32.37 -4.41 21.41
N ILE B 57 -31.60 -3.46 20.93
CA ILE B 57 -31.54 -3.19 19.50
C ILE B 57 -30.17 -3.60 18.98
N TRP B 58 -30.14 -4.30 17.85
CA TRP B 58 -28.88 -4.70 17.21
C TRP B 58 -28.82 -3.99 15.86
N LEU B 59 -27.83 -3.13 15.68
CA LEU B 59 -27.59 -2.53 14.38
C LEU B 59 -26.63 -3.36 13.53
N THR B 60 -26.98 -3.61 12.27
CA THR B 60 -26.04 -4.15 11.29
C THR B 60 -24.95 -3.08 11.04
N PRO B 61 -23.88 -3.41 10.28
CA PRO B 61 -22.74 -2.47 10.23
C PRO B 61 -23.05 -1.06 9.71
N ILE B 62 -22.60 -0.08 10.48
CA ILE B 62 -22.77 1.31 10.11
C ILE B 62 -21.42 2.04 10.02
N TYR B 63 -20.32 1.29 10.00
CA TYR B 63 -18.97 1.87 10.02
C TYR B 63 -18.61 2.41 8.65
N GLN B 64 -17.60 3.28 8.59
CA GLN B 64 -17.07 3.77 7.33
C GLN B 64 -16.71 2.60 6.44
N SER B 65 -17.16 2.67 5.18
CA SER B 65 -17.04 1.56 4.24
C SER B 65 -17.27 2.06 2.80
N PRO B 66 -16.56 1.47 1.83
CA PRO B 66 -16.81 1.74 0.41
C PRO B 66 -18.11 1.12 -0.07
N GLN B 67 -18.71 0.29 0.79
CA GLN B 67 -19.98 -0.36 0.50
C GLN B 67 -19.89 -1.26 -0.73
N ASN B 68 -18.70 -1.81 -0.98
CA ASN B 68 -18.55 -2.84 -1.99
C ASN B 68 -19.28 -4.10 -1.55
N ASP B 69 -19.43 -4.29 -0.24
CA ASP B 69 -20.06 -5.50 0.29
C ASP B 69 -21.05 -5.23 1.40
N ASN B 70 -21.91 -4.27 1.16
CA ASN B 70 -23.01 -3.94 2.07
C ASN B 70 -22.56 -3.55 3.47
N GLY B 71 -21.38 -2.94 3.57
CA GLY B 71 -20.94 -2.43 4.86
C GLY B 71 -20.18 -3.45 5.68
N TYR B 72 -20.12 -4.69 5.20
CA TYR B 72 -19.31 -5.72 5.82
C TYR B 72 -17.85 -5.60 5.37
N ASP B 73 -17.59 -4.65 4.48
CA ASP B 73 -16.24 -4.28 4.07
C ASP B 73 -15.87 -2.94 4.74
N ILE B 74 -15.27 -3.03 5.92
CA ILE B 74 -15.05 -1.85 6.74
C ILE B 74 -13.68 -1.24 6.51
N SER B 75 -13.66 0.03 6.15
CA SER B 75 -12.40 0.77 5.95
C SER B 75 -11.97 1.66 7.14
N ASP B 76 -12.87 1.90 8.10
CA ASP B 76 -12.48 2.54 9.37
C ASP B 76 -13.43 2.18 10.50
N TYR B 77 -12.91 1.48 11.50
CA TYR B 77 -13.71 1.02 12.61
C TYR B 77 -14.11 2.11 13.61
N TYR B 78 -13.52 3.29 13.46
CA TYR B 78 -13.70 4.31 14.48
C TYR B 78 -14.70 5.37 14.04
N SER B 79 -15.20 5.27 12.83
CA SER B 79 -16.15 6.27 12.38
C SER B 79 -17.37 5.68 11.68
N ILE B 80 -18.40 6.50 11.57
CA ILE B 80 -19.68 6.05 11.04
C ILE B 80 -19.86 6.52 9.60
N HIS B 81 -20.35 5.60 8.78
CA HIS B 81 -20.64 5.87 7.38
C HIS B 81 -21.54 7.10 7.27
N GLU B 82 -21.05 8.11 6.58
CA GLU B 82 -21.65 9.45 6.61
C GLU B 82 -23.15 9.53 6.29
N GLU B 83 -23.59 8.76 5.31
CA GLU B 83 -25.00 8.67 4.94
C GLU B 83 -25.92 8.43 6.12
N TYR B 84 -25.45 7.65 7.09
CA TYR B 84 -26.29 7.26 8.24
C TYR B 84 -26.38 8.36 9.31
N GLY B 85 -25.42 9.27 9.30
CA GLY B 85 -25.40 10.35 10.26
C GLY B 85 -24.03 10.53 10.87
N THR B 86 -23.99 11.18 12.02
CA THR B 86 -22.74 11.53 12.66
C THR B 86 -22.56 10.72 13.92
N MET B 87 -21.36 10.77 14.49
CA MET B 87 -21.06 10.07 15.73
C MET B 87 -21.95 10.62 16.82
N ALA B 88 -22.23 11.93 16.70
CA ALA B 88 -23.12 12.60 17.63
C ALA B 88 -24.50 11.96 17.57
N ASP B 89 -25.02 11.74 16.37
CA ASP B 89 -26.26 10.98 16.21
C ASP B 89 -26.19 9.65 16.94
N PHE B 90 -25.10 8.90 16.74
CA PHE B 90 -24.97 7.58 17.37
C PHE B 90 -24.94 7.64 18.88
N GLU B 91 -24.23 8.63 19.41
CA GLU B 91 -24.18 8.82 20.84
C GLU B 91 -25.56 9.18 21.43
N GLU B 92 -26.31 10.00 20.68
CA GLU B 92 -27.70 10.33 21.05
C GLU B 92 -28.59 9.09 21.00
N LEU B 93 -28.34 8.21 20.03
CA LEU B 93 -29.09 6.95 19.95
C LEU B 93 -28.89 6.15 21.23
N LEU B 94 -27.63 6.04 21.67
CA LEU B 94 -27.31 5.28 22.89
C LEU B 94 -27.97 5.91 24.09
N GLU B 95 -27.87 7.23 24.18
CA GLU B 95 -28.50 7.96 25.27
C GLU B 95 -30.01 7.68 25.31
N GLU B 96 -30.69 7.89 24.19
CA GLU B 96 -32.15 7.76 24.15
C GLU B 96 -32.64 6.33 24.29
N ALA B 97 -31.88 5.37 23.76
CA ALA B 97 -32.18 3.96 23.96
C ALA B 97 -32.08 3.61 25.45
N HIS B 98 -31.00 4.02 26.07
CA HIS B 98 -30.74 3.70 27.48
C HIS B 98 -31.79 4.31 28.44
N LYS B 99 -32.23 5.51 28.13
CA LYS B 99 -33.25 6.21 28.92
C LYS B 99 -34.58 5.43 28.90
N ARG B 100 -34.75 4.61 27.87
CA ARG B 100 -35.93 3.77 27.77
C ARG B 100 -35.69 2.33 28.23
N GLY B 101 -34.51 2.02 28.76
CA GLY B 101 -34.24 0.66 29.22
C GLY B 101 -33.91 -0.31 28.08
N ILE B 102 -33.52 0.24 26.94
CA ILE B 102 -33.15 -0.58 25.79
C ILE B 102 -31.64 -0.57 25.62
N LYS B 103 -31.06 -1.75 25.53
CA LYS B 103 -29.63 -1.90 25.27
C LYS B 103 -29.32 -1.92 23.77
N VAL B 104 -28.08 -1.59 23.41
CA VAL B 104 -27.68 -1.48 22.01
C VAL B 104 -26.44 -2.32 21.72
N ILE B 105 -26.56 -3.24 20.75
CA ILE B 105 -25.39 -3.97 20.26
C ILE B 105 -25.10 -3.66 18.79
N MET B 106 -23.86 -3.89 18.39
CA MET B 106 -23.39 -3.57 17.04
C MET B 106 -22.89 -4.84 16.36
N ASP B 107 -23.03 -4.89 15.04
CA ASP B 107 -22.31 -5.90 14.29
C ASP B 107 -20.86 -5.49 14.34
N LEU B 108 -19.97 -6.45 14.45
CA LEU B 108 -18.54 -6.19 14.39
C LEU B 108 -17.91 -7.22 13.45
N VAL B 109 -17.25 -6.73 12.40
CA VAL B 109 -16.66 -7.59 11.38
C VAL B 109 -15.15 -7.54 11.54
N VAL B 110 -14.57 -8.58 12.13
CA VAL B 110 -13.13 -8.56 12.37
C VAL B 110 -12.41 -9.76 11.80
N ASN B 111 -13.07 -10.53 10.96
CA ASN B 111 -12.37 -11.57 10.23
C ASN B 111 -11.59 -10.94 9.09
N HIS B 112 -12.05 -9.78 8.62
CA HIS B 112 -11.44 -9.11 7.48
C HIS B 112 -11.79 -7.65 7.48
N THR B 113 -11.00 -6.85 6.76
CA THR B 113 -11.31 -5.44 6.56
C THR B 113 -11.51 -5.16 5.08
N SER B 114 -12.04 -3.99 4.75
CA SER B 114 -11.96 -3.54 3.36
C SER B 114 -10.51 -3.42 2.96
N THR B 115 -10.22 -3.58 1.67
CA THR B 115 -8.88 -3.32 1.14
C THR B 115 -8.63 -1.80 1.08
N GLU B 116 -9.64 -1.01 1.44
CA GLU B 116 -9.47 0.45 1.55
C GLU B 116 -9.12 0.87 2.98
N HIS B 117 -9.06 -0.09 3.90
CA HIS B 117 -8.63 0.20 5.25
C HIS B 117 -7.17 0.64 5.20
N ARG B 118 -6.83 1.67 5.98
CA ARG B 118 -5.44 2.13 6.07
C ARG B 118 -4.45 0.98 6.32
N TRP B 119 -4.77 0.06 7.23
CA TRP B 119 -3.91 -1.11 7.48
C TRP B 119 -3.57 -1.88 6.21
N PHE B 120 -4.56 -2.09 5.33
CA PHE B 120 -4.32 -2.85 4.11
C PHE B 120 -3.58 -2.03 3.06
N LYS B 121 -3.92 -0.75 2.98
CA LYS B 121 -3.24 0.13 2.04
C LYS B 121 -1.76 0.23 2.40
N GLU B 122 -1.47 0.20 3.70
CA GLU B 122 -0.10 0.14 4.14
C GLU B 122 0.51 -1.21 3.82
N ALA B 123 -0.17 -2.29 4.22
CA ALA B 123 0.37 -3.65 4.04
C ALA B 123 0.71 -3.92 2.58
N ALA B 124 -0.13 -3.44 1.69
CA ALA B 124 0.00 -3.78 0.29
C ALA B 124 1.14 -3.02 -0.37
N SER B 125 1.56 -1.93 0.27
CA SER B 125 2.56 -1.03 -0.31
C SER B 125 3.96 -1.64 -0.39
N GLY B 126 4.21 -2.68 0.41
CA GLY B 126 5.47 -3.41 0.32
C GLY B 126 5.64 -4.46 1.41
N LYS B 127 6.42 -5.49 1.11
CA LYS B 127 6.71 -6.55 2.08
C LYS B 127 7.34 -6.02 3.37
N GLU B 128 7.98 -4.84 3.30
CA GLU B 128 8.70 -4.29 4.46
C GLU B 128 7.83 -3.38 5.32
N ASN B 129 6.67 -3.00 4.80
CA ASN B 129 5.74 -2.16 5.53
C ASN B 129 5.41 -2.72 6.91
N LEU B 130 5.21 -1.81 7.86
CA LEU B 130 4.93 -2.17 9.24
C LEU B 130 3.63 -2.96 9.37
N TYR B 131 2.71 -2.79 8.43
CA TYR B 131 1.42 -3.47 8.55
C TYR B 131 1.31 -4.75 7.73
N ARG B 132 2.39 -5.13 7.04
CA ARG B 132 2.37 -6.30 6.16
C ARG B 132 1.75 -7.57 6.74
N ASP B 133 2.14 -7.93 7.95
CA ASP B 133 1.67 -9.18 8.54
C ASP B 133 0.28 -9.09 9.19
N PHE B 134 -0.42 -7.97 8.96
CA PHE B 134 -1.80 -7.83 9.42
C PHE B 134 -2.74 -8.62 8.50
N TYR B 135 -2.24 -9.01 7.34
CA TYR B 135 -3.06 -9.81 6.46
C TYR B 135 -2.33 -11.08 6.11
N ILE B 136 -2.93 -11.93 5.29
CA ILE B 136 -2.38 -13.26 5.05
C ILE B 136 -1.83 -13.32 3.62
N TRP B 137 -0.50 -13.23 3.51
CA TRP B 137 0.22 -13.16 2.24
C TRP B 137 1.00 -14.46 1.98
N LYS B 138 0.81 -15.03 0.79
CA LYS B 138 1.52 -16.25 0.41
C LYS B 138 2.04 -16.13 -1.02
N ASP B 139 3.12 -16.86 -1.31
CA ASP B 139 3.73 -16.89 -2.63
C ASP B 139 3.00 -17.85 -3.53
N MET B 140 3.15 -17.64 -4.84
CA MET B 140 2.73 -18.59 -5.85
C MET B 140 3.39 -19.95 -5.61
N LYS B 141 2.77 -21.02 -6.05
CA LYS B 141 3.42 -22.32 -6.05
C LYS B 141 4.34 -22.41 -7.27
N PRO B 142 5.38 -23.27 -7.21
CA PRO B 142 6.31 -23.47 -8.34
C PRO B 142 5.60 -23.56 -9.70
N ASN B 143 4.48 -24.29 -9.74
CA ASN B 143 3.76 -24.54 -10.99
C ASN B 143 2.79 -23.43 -11.44
N GLY B 144 2.89 -22.26 -10.83
CA GLY B 144 2.03 -21.14 -11.19
C GLY B 144 0.68 -21.14 -10.49
N ALA B 145 0.41 -22.17 -9.70
CA ALA B 145 -0.85 -22.30 -8.98
C ALA B 145 -0.90 -21.36 -7.77
N PRO B 146 -2.11 -20.95 -7.36
CA PRO B 146 -2.25 -20.08 -6.19
C PRO B 146 -1.91 -20.88 -4.92
N PRO B 147 -1.57 -20.19 -3.83
CA PRO B 147 -1.11 -20.80 -2.58
C PRO B 147 -1.88 -22.05 -2.15
N THR B 148 -3.21 -22.07 -2.33
CA THR B 148 -3.98 -23.31 -2.13
C THR B 148 -5.11 -23.30 -3.15
N ASN B 149 -5.86 -24.40 -3.20
CA ASN B 149 -7.02 -24.50 -4.09
C ASN B 149 -8.32 -24.09 -3.41
N TRP B 150 -8.21 -23.40 -2.27
CA TRP B 150 -9.41 -22.97 -1.55
C TRP B 150 -10.29 -22.04 -2.36
N GLU B 151 -11.59 -22.14 -2.14
CA GLU B 151 -12.54 -21.34 -2.87
C GLU B 151 -13.13 -20.24 -2.01
N SER B 152 -13.23 -19.04 -2.57
CA SER B 152 -13.93 -17.96 -1.91
C SER B 152 -15.41 -18.33 -1.76
N LYS B 153 -16.07 -17.79 -0.75
CA LYS B 153 -17.52 -17.98 -0.62
C LYS B 153 -18.30 -17.22 -1.70
N PHE B 154 -17.61 -16.35 -2.44
CA PHE B 154 -18.24 -15.60 -3.53
C PHE B 154 -17.96 -16.21 -4.90
N GLY B 155 -17.22 -17.31 -4.91
CA GLY B 155 -16.91 -18.01 -6.15
C GLY B 155 -15.49 -17.66 -6.56
N GLY B 156 -14.83 -18.59 -7.22
CA GLY B 156 -13.45 -18.38 -7.61
C GLY B 156 -12.49 -18.58 -6.46
N SER B 157 -11.22 -18.33 -6.73
CA SER B 157 -10.14 -18.58 -5.78
C SER B 157 -10.22 -17.69 -4.55
N ALA B 158 -9.79 -18.21 -3.40
CA ALA B 158 -9.75 -17.42 -2.17
C ALA B 158 -8.48 -16.58 -2.09
N TRP B 159 -7.66 -16.65 -3.13
CA TRP B 159 -6.41 -15.90 -3.18
C TRP B 159 -6.39 -14.87 -4.29
N GLU B 160 -6.05 -13.63 -3.95
CA GLU B 160 -5.97 -12.54 -4.93
C GLU B 160 -4.52 -12.08 -5.10
N PHE B 161 -4.04 -12.08 -6.34
CA PHE B 161 -2.65 -11.69 -6.59
C PHE B 161 -2.47 -10.17 -6.55
N HIS B 162 -1.43 -9.73 -5.86
CA HIS B 162 -1.09 -8.33 -5.76
C HIS B 162 0.30 -8.18 -6.40
N ALA B 163 0.31 -7.68 -7.63
CA ALA B 163 1.54 -7.68 -8.44
C ALA B 163 2.65 -6.77 -7.90
N GLU B 164 2.28 -5.58 -7.43
CA GLU B 164 3.23 -4.64 -6.84
C GLU B 164 4.13 -5.32 -5.82
N SER B 165 3.56 -6.21 -5.01
CA SER B 165 4.35 -6.89 -3.98
C SER B 165 4.68 -8.33 -4.35
N GLY B 166 3.95 -8.87 -5.32
CA GLY B 166 4.24 -10.19 -5.84
C GLY B 166 3.80 -11.35 -4.97
N GLN B 167 2.72 -11.14 -4.21
CA GLN B 167 2.14 -12.20 -3.40
C GLN B 167 0.61 -12.16 -3.50
N TYR B 168 -0.01 -13.27 -3.09
CA TYR B 168 -1.45 -13.35 -3.00
C TYR B 168 -1.85 -13.06 -1.57
N TYR B 169 -2.95 -12.35 -1.38
CA TYR B 169 -3.55 -12.22 -0.06
C TYR B 169 -4.83 -13.04 -0.05
N LEU B 170 -5.17 -13.55 1.13
CA LEU B 170 -6.35 -14.37 1.29
C LEU B 170 -7.61 -13.53 1.45
N HIS B 171 -8.66 -13.89 0.74
CA HIS B 171 -9.99 -13.35 0.99
C HIS B 171 -10.98 -14.50 0.99
N LEU B 172 -11.53 -14.85 2.15
CA LEU B 172 -12.51 -15.93 2.18
C LEU B 172 -13.80 -15.47 1.55
N TYR B 173 -14.02 -14.15 1.59
CA TYR B 173 -15.23 -13.54 1.07
C TYR B 173 -14.93 -12.76 -0.20
N ASP B 174 -15.37 -11.51 -0.32
CA ASP B 174 -15.18 -10.79 -1.57
C ASP B 174 -13.71 -10.37 -1.76
N VAL B 175 -13.37 -10.01 -2.99
CA VAL B 175 -12.00 -9.62 -3.32
C VAL B 175 -11.56 -8.40 -2.53
N THR B 176 -12.48 -7.48 -2.28
CA THR B 176 -12.12 -6.29 -1.51
C THR B 176 -12.24 -6.53 0.00
N GLN B 177 -12.40 -7.78 0.39
CA GLN B 177 -12.41 -8.15 1.82
C GLN B 177 -11.21 -9.03 2.20
N ALA B 178 -10.14 -8.42 2.67
CA ALA B 178 -8.93 -9.15 2.97
C ALA B 178 -8.94 -9.72 4.39
N ASP B 179 -8.70 -11.02 4.55
CA ASP B 179 -8.70 -11.62 5.88
C ASP B 179 -7.57 -11.05 6.75
N LEU B 180 -7.89 -10.73 8.00
CA LEU B 180 -6.88 -10.30 8.95
C LEU B 180 -6.13 -11.51 9.45
N ASN B 181 -4.86 -11.29 9.79
CA ASN B 181 -3.99 -12.33 10.28
C ASN B 181 -4.07 -12.45 11.80
N TRP B 182 -4.98 -13.27 12.30
CA TRP B 182 -5.18 -13.42 13.75
C TRP B 182 -3.99 -14.10 14.47
N GLU B 183 -3.08 -14.69 13.69
CA GLU B 183 -1.87 -15.25 14.26
C GLU B 183 -1.00 -14.14 14.81
N ASN B 184 -1.13 -12.94 14.22
CA ASN B 184 -0.34 -11.81 14.65
C ASN B 184 -0.98 -11.14 15.86
N GLU B 185 -0.27 -11.16 16.99
CA GLU B 185 -0.84 -10.61 18.22
C GLU B 185 -1.00 -9.09 18.15
N ALA B 186 -0.26 -8.45 17.26
CA ALA B 186 -0.45 -7.02 17.03
C ALA B 186 -1.85 -6.78 16.46
N VAL B 187 -2.30 -7.69 15.61
CA VAL B 187 -3.64 -7.60 15.04
C VAL B 187 -4.67 -7.75 16.16
N ARG B 188 -4.50 -8.78 16.98
CA ARG B 188 -5.47 -9.06 18.04
C ARG B 188 -5.59 -7.89 19.02
N LYS B 189 -4.46 -7.34 19.44
CA LYS B 189 -4.46 -6.24 20.39
C LYS B 189 -5.13 -5.00 19.83
N LYS B 190 -4.89 -4.69 18.56
CA LYS B 190 -5.53 -3.55 17.93
C LYS B 190 -7.05 -3.71 17.83
N VAL B 191 -7.49 -4.92 17.51
CA VAL B 191 -8.93 -5.18 17.46
C VAL B 191 -9.52 -4.93 18.83
N TYR B 192 -8.87 -5.45 19.89
CA TYR B 192 -9.35 -5.25 21.24
C TYR B 192 -9.46 -3.78 21.61
N GLU B 193 -8.43 -3.01 21.33
CA GLU B 193 -8.46 -1.59 21.64
C GLU B 193 -9.60 -0.89 20.90
N MET B 194 -9.90 -1.35 19.69
CA MET B 194 -11.01 -0.76 18.92
C MET B 194 -12.32 -1.09 19.62
N MET B 195 -12.41 -2.30 20.15
CA MET B 195 -13.60 -2.74 20.86
C MET B 195 -13.77 -1.97 22.16
N HIS B 196 -12.67 -1.65 22.82
CA HIS B 196 -12.71 -0.84 24.04
C HIS B 196 -13.26 0.54 23.73
N PHE B 197 -12.81 1.09 22.62
CA PHE B 197 -13.32 2.37 22.13
C PHE B 197 -14.84 2.37 22.07
N TRP B 198 -15.43 1.31 21.51
CA TRP B 198 -16.89 1.27 21.42
C TRP B 198 -17.57 1.08 22.78
N PHE B 199 -17.05 0.17 23.59
CA PHE B 199 -17.63 -0.05 24.91
C PHE B 199 -17.57 1.21 25.77
N GLU B 200 -16.48 1.96 25.67
CA GLU B 200 -16.32 3.16 26.49
C GLU B 200 -17.36 4.23 26.12
N LYS B 201 -17.86 4.14 24.89
CA LYS B 201 -18.86 5.05 24.37
C LYS B 201 -20.22 4.67 24.93
N GLY B 202 -20.34 3.42 25.40
CA GLY B 202 -21.54 2.97 26.07
C GLY B 202 -22.34 1.82 25.44
N ILE B 203 -21.86 1.25 24.34
CA ILE B 203 -22.56 0.11 23.74
C ILE B 203 -22.60 -1.06 24.71
N ASP B 204 -23.54 -1.97 24.48
CA ASP B 204 -23.84 -3.03 25.42
C ASP B 204 -23.37 -4.38 24.92
N GLY B 205 -22.80 -4.41 23.72
CA GLY B 205 -22.29 -5.67 23.20
C GLY B 205 -22.12 -5.68 21.70
N PHE B 206 -21.72 -6.85 21.19
CA PHE B 206 -21.42 -7.01 19.78
C PHE B 206 -22.00 -8.29 19.20
N ARG B 207 -22.39 -8.22 17.94
CA ARG B 207 -22.57 -9.49 17.22
C ARG B 207 -21.37 -9.66 16.33
N LEU B 208 -20.66 -10.76 16.51
CA LEU B 208 -19.39 -10.95 15.83
C LEU B 208 -19.62 -11.73 14.51
N ASP B 209 -19.51 -11.02 13.39
CA ASP B 209 -19.73 -11.59 12.06
C ASP B 209 -18.72 -12.70 11.73
N VAL B 210 -19.22 -13.83 11.22
CA VAL B 210 -18.43 -15.04 10.88
C VAL B 210 -17.19 -15.26 11.73
N ILE B 211 -17.35 -15.25 13.04
CA ILE B 211 -16.21 -15.19 13.94
C ILE B 211 -15.50 -16.54 14.02
N ASN B 212 -16.19 -17.60 13.63
CA ASN B 212 -15.59 -18.92 13.70
C ASN B 212 -14.64 -19.28 12.54
N VAL B 213 -14.41 -18.35 11.62
CA VAL B 213 -13.41 -18.59 10.57
C VAL B 213 -12.11 -17.81 10.73
N ILE B 214 -11.90 -17.23 11.91
CA ILE B 214 -10.74 -16.38 12.12
C ILE B 214 -9.44 -17.16 12.30
N SER B 215 -9.55 -18.47 12.52
CA SER B 215 -8.37 -19.29 12.78
C SER B 215 -8.07 -20.22 11.61
N LYS B 216 -6.96 -19.93 10.92
CA LYS B 216 -6.51 -20.70 9.75
C LYS B 216 -5.48 -21.76 10.15
N ASP B 217 -5.65 -22.96 9.60
CA ASP B 217 -4.63 -24.00 9.65
C ASP B 217 -3.39 -23.45 8.97
N GLN B 218 -2.35 -23.18 9.74
CA GLN B 218 -1.13 -22.54 9.24
C GLN B 218 -0.34 -23.37 8.24
N ARG B 219 -0.73 -24.63 8.05
CA ARG B 219 -0.12 -25.48 7.03
C ARG B 219 -0.65 -25.13 5.63
N PHE B 220 -1.76 -24.39 5.59
CA PHE B 220 -2.43 -24.06 4.32
C PHE B 220 -2.43 -25.19 3.28
N PRO B 221 -2.97 -26.36 3.63
CA PRO B 221 -2.93 -27.43 2.63
C PRO B 221 -4.11 -27.36 1.67
N ASP B 222 -3.99 -28.02 0.53
CA ASP B 222 -5.11 -28.09 -0.40
C ASP B 222 -6.21 -28.95 0.19
N ASP B 223 -7.38 -28.87 -0.43
CA ASP B 223 -8.52 -29.65 -0.01
C ASP B 223 -9.06 -30.36 -1.24
N ASP B 224 -8.99 -31.68 -1.23
CA ASP B 224 -9.46 -32.47 -2.36
C ASP B 224 -10.93 -32.75 -2.22
N GLU B 225 -11.39 -32.81 -0.98
CA GLU B 225 -12.77 -33.18 -0.70
C GLU B 225 -13.69 -31.97 -0.74
N GLY B 226 -13.46 -31.00 0.15
CA GLY B 226 -14.29 -29.81 0.18
C GLY B 226 -13.68 -28.65 -0.59
N ASP B 227 -14.09 -27.44 -0.20
CA ASP B 227 -13.67 -26.22 -0.87
C ASP B 227 -12.60 -25.45 -0.07
N GLY B 228 -12.07 -26.11 0.95
CA GLY B 228 -11.10 -25.49 1.83
C GLY B 228 -11.62 -25.21 3.24
N ARG B 229 -12.94 -25.15 3.39
CA ARG B 229 -13.57 -24.70 4.63
C ARG B 229 -13.14 -25.47 5.86
N ARG B 230 -12.90 -26.77 5.68
CA ARG B 230 -12.32 -27.65 6.70
C ARG B 230 -11.10 -27.04 7.39
N PHE B 231 -10.31 -26.25 6.67
CA PHE B 231 -9.06 -25.77 7.26
C PHE B 231 -9.15 -24.39 7.89
N TYR B 232 -10.31 -23.75 7.81
CA TYR B 232 -10.42 -22.44 8.42
C TYR B 232 -11.68 -22.28 9.26
N THR B 233 -12.56 -23.28 9.21
CA THR B 233 -13.80 -23.19 9.96
C THR B 233 -13.67 -23.93 11.29
N ASP B 234 -13.84 -23.21 12.39
CA ASP B 234 -13.63 -23.77 13.73
C ASP B 234 -12.19 -24.28 13.79
N GLY B 235 -11.27 -23.42 13.36
CA GLY B 235 -9.85 -23.73 13.33
C GLY B 235 -9.20 -23.99 14.67
N PRO B 236 -7.89 -24.25 14.67
CA PRO B 236 -7.19 -24.79 15.84
C PRO B 236 -6.99 -23.80 16.98
N ARG B 237 -7.12 -22.51 16.71
CA ARG B 237 -6.95 -21.55 17.78
C ARG B 237 -8.19 -20.67 18.01
N VAL B 238 -9.33 -21.03 17.41
CA VAL B 238 -10.53 -20.17 17.53
C VAL B 238 -10.92 -19.98 18.97
N HIS B 239 -11.01 -21.09 19.70
CA HIS B 239 -11.41 -21.06 21.10
C HIS B 239 -10.45 -20.20 21.91
N GLU B 240 -9.16 -20.40 21.68
CA GLU B 240 -8.14 -19.64 22.35
C GLU B 240 -8.34 -18.15 22.07
N PHE B 241 -8.60 -17.81 20.81
CA PHE B 241 -8.77 -16.42 20.42
C PHE B 241 -10.01 -15.80 21.08
N LEU B 242 -11.12 -16.53 21.08
CA LEU B 242 -12.35 -16.02 21.67
C LEU B 242 -12.22 -15.86 23.18
N ASN B 243 -11.59 -16.83 23.84
CA ASN B 243 -11.39 -16.71 25.27
C ASN B 243 -10.50 -15.49 25.58
N GLU B 244 -9.50 -15.29 24.76
CA GLU B 244 -8.61 -14.14 24.94
C GLU B 244 -9.39 -12.84 24.76
N MET B 245 -10.29 -12.83 23.78
CA MET B 245 -11.08 -11.63 23.50
C MET B 245 -12.00 -11.38 24.69
N ASN B 246 -12.52 -12.47 25.24
CA ASN B 246 -13.35 -12.39 26.42
C ASN B 246 -12.60 -11.83 27.64
N ARG B 247 -11.40 -12.36 27.90
CA ARG B 247 -10.57 -11.84 28.99
C ARG B 247 -10.18 -10.39 28.80
N GLU B 248 -9.79 -10.03 27.58
CA GLU B 248 -9.25 -8.71 27.32
C GLU B 248 -10.32 -7.62 27.18
N VAL B 249 -11.54 -8.01 26.79
CA VAL B 249 -12.59 -7.03 26.52
C VAL B 249 -13.92 -7.32 27.20
N PHE B 250 -14.64 -8.34 26.74
CA PHE B 250 -16.01 -8.60 27.18
C PHE B 250 -16.18 -8.65 28.70
N SER B 251 -15.29 -9.37 29.36
CA SER B 251 -15.39 -9.55 30.81
C SER B 251 -15.32 -8.23 31.60
N LYS B 252 -14.86 -7.16 30.97
CA LYS B 252 -14.72 -5.88 31.65
C LYS B 252 -16.02 -5.06 31.62
N TYR B 253 -17.03 -5.55 30.90
CA TYR B 253 -18.30 -4.80 30.77
C TYR B 253 -19.51 -5.69 30.92
N ASP B 254 -20.65 -5.09 31.25
CA ASP B 254 -21.88 -5.86 31.39
C ASP B 254 -22.47 -6.13 30.02
N SER B 255 -21.87 -7.06 29.30
CA SER B 255 -22.06 -7.15 27.87
C SER B 255 -22.79 -8.40 27.46
N MET B 256 -23.26 -8.38 26.22
CA MET B 256 -23.86 -9.52 25.57
C MET B 256 -23.03 -9.76 24.32
N THR B 257 -22.47 -10.95 24.17
CA THR B 257 -21.67 -11.24 23.00
C THR B 257 -22.29 -12.38 22.19
N VAL B 258 -22.50 -12.15 20.92
CA VAL B 258 -23.16 -13.16 20.10
C VAL B 258 -22.31 -13.45 18.87
N GLY B 259 -22.14 -14.73 18.54
CA GLY B 259 -21.33 -15.12 17.41
C GLY B 259 -22.18 -15.59 16.25
N GLU B 260 -21.98 -15.00 15.08
CA GLU B 260 -22.58 -15.53 13.86
C GLU B 260 -21.67 -16.62 13.34
N MET B 261 -22.18 -17.83 13.18
CA MET B 261 -21.36 -18.94 12.75
C MET B 261 -21.47 -19.14 11.26
N SER B 262 -20.35 -19.52 10.65
CA SER B 262 -20.38 -20.11 9.31
C SER B 262 -20.40 -21.62 9.55
N SER B 263 -21.20 -22.34 8.73
CA SER B 263 -21.12 -23.81 8.59
C SER B 263 -20.51 -24.57 9.77
N THR B 264 -21.21 -24.62 10.90
CA THR B 264 -20.59 -25.11 12.13
C THR B 264 -21.31 -26.32 12.67
N THR B 265 -20.81 -26.88 13.76
CA THR B 265 -21.42 -28.07 14.33
C THR B 265 -21.86 -27.83 15.77
N ILE B 266 -22.83 -28.60 16.24
CA ILE B 266 -23.37 -28.45 17.59
C ILE B 266 -22.27 -28.52 18.64
N ALA B 267 -21.36 -29.47 18.49
CA ALA B 267 -20.23 -29.65 19.42
C ALA B 267 -19.31 -28.42 19.57
N ASP B 268 -19.04 -27.74 18.46
CA ASP B 268 -18.24 -26.53 18.56
C ASP B 268 -19.02 -25.42 19.28
N CYS B 269 -20.32 -25.40 19.02
CA CYS B 269 -21.18 -24.36 19.56
C CYS B 269 -21.41 -24.51 21.06
N ILE B 270 -21.42 -25.74 21.55
CA ILE B 270 -21.49 -25.96 22.99
C ILE B 270 -20.24 -25.36 23.62
N ARG B 271 -19.08 -25.65 23.03
CA ARG B 271 -17.84 -25.02 23.47
C ARG B 271 -17.86 -23.51 23.38
N TYR B 272 -18.41 -22.96 22.29
CA TYR B 272 -18.42 -21.51 22.12
C TYR B 272 -19.28 -20.83 23.18
N THR B 273 -20.34 -21.51 23.63
CA THR B 273 -21.38 -20.83 24.40
C THR B 273 -21.52 -21.27 25.87
N ASN B 274 -20.94 -22.40 26.25
CA ASN B 274 -20.98 -22.76 27.67
C ASN B 274 -20.32 -21.67 28.49
N PRO B 275 -21.02 -21.19 29.51
CA PRO B 275 -20.51 -20.09 30.35
C PRO B 275 -19.10 -20.38 30.86
N GLU B 276 -18.80 -21.66 31.07
CA GLU B 276 -17.50 -22.07 31.58
C GLU B 276 -16.37 -21.77 30.60
N SER B 277 -16.69 -21.88 29.31
CA SER B 277 -15.68 -21.62 28.29
C SER B 277 -15.22 -20.17 28.30
N ARG B 278 -16.09 -19.28 28.77
CA ARG B 278 -15.82 -17.84 28.74
C ARG B 278 -15.42 -17.37 27.33
N GLU B 279 -16.25 -17.73 26.36
CA GLU B 279 -16.03 -17.30 24.98
C GLU B 279 -17.16 -16.39 24.52
N LEU B 280 -18.30 -16.96 24.14
CA LEU B 280 -19.45 -16.19 23.67
C LEU B 280 -20.68 -16.54 24.50
N ASP B 281 -21.69 -15.66 24.49
CA ASP B 281 -22.90 -15.89 25.27
C ASP B 281 -23.87 -16.73 24.46
N MET B 282 -23.86 -16.57 23.14
CA MET B 282 -24.77 -17.34 22.30
C MET B 282 -24.29 -17.34 20.86
N VAL B 283 -24.90 -18.18 20.04
CA VAL B 283 -24.56 -18.26 18.63
C VAL B 283 -25.76 -18.33 17.71
N PHE B 284 -25.58 -17.80 16.50
CA PHE B 284 -26.52 -17.97 15.37
C PHE B 284 -25.99 -19.11 14.49
N ASN B 285 -26.85 -20.06 14.17
CA ASN B 285 -26.56 -20.98 13.06
C ASN B 285 -27.70 -20.93 12.06
N PHE B 286 -27.44 -21.36 10.82
CA PHE B 286 -28.37 -21.09 9.74
C PHE B 286 -29.00 -22.34 9.12
N HIS B 287 -28.85 -23.47 9.79
CA HIS B 287 -29.28 -24.73 9.21
C HIS B 287 -30.78 -24.76 8.97
N HIS B 288 -31.54 -24.18 9.90
CA HIS B 288 -32.98 -24.17 9.77
C HIS B 288 -33.42 -23.27 8.65
N LEU B 289 -32.54 -22.38 8.22
CA LEU B 289 -32.82 -21.50 7.09
C LEU B 289 -32.22 -22.03 5.80
N LYS B 290 -31.97 -23.35 5.75
CA LYS B 290 -31.56 -24.03 4.52
C LYS B 290 -32.48 -25.21 4.25
N ALA B 291 -33.64 -25.21 4.90
CA ALA B 291 -34.53 -26.38 4.84
C ALA B 291 -35.35 -26.41 3.57
N ASP B 292 -35.28 -25.35 2.77
CA ASP B 292 -35.98 -25.32 1.49
C ASP B 292 -35.02 -25.24 0.29
N TYR B 293 -33.75 -25.54 0.51
CA TYR B 293 -32.75 -25.60 -0.55
C TYR B 293 -32.77 -26.99 -1.15
N PRO B 294 -33.18 -27.11 -2.41
CA PRO B 294 -33.10 -28.46 -2.99
C PRO B 294 -31.66 -28.87 -3.28
N ASN B 295 -31.20 -29.94 -2.63
CA ASN B 295 -29.85 -30.48 -2.84
C ASN B 295 -28.74 -29.47 -2.59
N GLY B 296 -28.95 -28.58 -1.63
CA GLY B 296 -27.94 -27.62 -1.25
C GLY B 296 -27.83 -26.43 -2.19
N GLU B 297 -28.79 -26.29 -3.09
CA GLU B 297 -28.73 -25.23 -4.10
C GLU B 297 -29.43 -23.96 -3.61
N LYS B 298 -28.64 -22.92 -3.34
CA LYS B 298 -29.14 -21.77 -2.60
C LYS B 298 -30.02 -20.82 -3.42
N TRP B 299 -30.05 -20.98 -4.74
CA TRP B 299 -30.88 -20.14 -5.59
C TRP B 299 -32.03 -20.91 -6.23
N ALA B 300 -32.15 -22.18 -5.90
CA ALA B 300 -33.13 -23.01 -6.58
C ALA B 300 -34.45 -23.09 -5.81
N LEU B 301 -35.57 -23.10 -6.56
CA LEU B 301 -36.91 -23.18 -5.98
C LEU B 301 -37.27 -24.59 -5.50
N ALA B 302 -37.76 -24.67 -4.27
CA ALA B 302 -38.31 -25.91 -3.72
C ALA B 302 -39.18 -25.58 -2.52
N ASP B 303 -40.00 -26.52 -2.09
CA ASP B 303 -40.82 -26.37 -0.90
C ASP B 303 -39.97 -26.76 0.30
N PHE B 304 -40.24 -26.19 1.46
CA PHE B 304 -39.42 -26.53 2.59
C PHE B 304 -39.66 -27.98 2.96
N ASP B 305 -38.58 -28.64 3.35
CA ASP B 305 -38.64 -29.98 3.90
C ASP B 305 -38.99 -29.82 5.38
N PHE B 306 -40.28 -29.93 5.69
CA PHE B 306 -40.79 -29.71 7.03
C PHE B 306 -40.14 -30.61 8.08
N LEU B 307 -40.10 -31.91 7.81
CA LEU B 307 -39.50 -32.87 8.73
C LEU B 307 -38.04 -32.58 9.04
N LYS B 308 -37.29 -32.20 8.02
CA LYS B 308 -35.91 -31.82 8.23
C LYS B 308 -35.84 -30.57 9.12
N LEU B 309 -36.72 -29.62 8.86
CA LEU B 309 -36.77 -28.42 9.72
C LEU B 309 -36.97 -28.80 11.20
N LYS B 310 -37.95 -29.64 11.48
CA LYS B 310 -38.21 -30.09 12.86
C LYS B 310 -37.02 -30.78 13.50
N LYS B 311 -36.39 -31.69 12.75
CA LYS B 311 -35.21 -32.40 13.25
C LYS B 311 -34.08 -31.42 13.56
N ILE B 312 -33.82 -30.51 12.62
CA ILE B 312 -32.75 -29.53 12.83
C ILE B 312 -33.00 -28.69 14.08
N LEU B 313 -34.17 -28.07 14.15
CA LEU B 313 -34.52 -27.28 15.32
C LEU B 313 -34.39 -28.12 16.60
N SER B 314 -34.88 -29.35 16.57
CA SER B 314 -34.85 -30.22 17.75
C SER B 314 -33.45 -30.61 18.19
N GLU B 315 -32.58 -30.94 17.24
CA GLU B 315 -31.24 -31.35 17.59
C GLU B 315 -30.50 -30.19 18.26
N TRP B 316 -30.67 -28.99 17.73
CA TRP B 316 -30.02 -27.83 18.35
C TRP B 316 -30.63 -27.50 19.70
N GLN B 317 -31.92 -27.76 19.87
CA GLN B 317 -32.55 -27.52 21.17
C GLN B 317 -32.00 -28.48 22.22
N THR B 318 -32.13 -29.77 21.93
CA THR B 318 -31.79 -30.80 22.91
C THR B 318 -30.31 -30.84 23.20
N GLU B 319 -29.49 -30.86 22.14
CA GLU B 319 -28.06 -30.99 22.36
C GLU B 319 -27.40 -29.76 22.97
N MET B 320 -27.90 -28.56 22.65
CA MET B 320 -27.32 -27.39 23.29
C MET B 320 -27.75 -27.37 24.75
N ASN B 321 -28.99 -27.77 24.99
CA ASN B 321 -29.52 -27.73 26.33
C ASN B 321 -28.72 -28.65 27.25
N LYS B 322 -28.42 -29.86 26.79
CA LYS B 322 -27.63 -30.78 27.61
C LYS B 322 -26.19 -30.31 27.81
N GLY B 323 -25.60 -29.67 26.79
CA GLY B 323 -24.23 -29.22 26.89
C GLY B 323 -24.09 -27.88 27.56
N GLY B 324 -25.24 -27.26 27.87
CA GLY B 324 -25.22 -25.97 28.52
C GLY B 324 -24.93 -24.80 27.59
N GLY B 325 -25.25 -24.95 26.31
CA GLY B 325 -25.05 -23.87 25.36
C GLY B 325 -26.29 -22.99 25.25
N TRP B 326 -26.24 -21.99 24.37
CA TRP B 326 -27.36 -21.06 24.20
C TRP B 326 -27.52 -20.68 22.73
N ASN B 327 -28.73 -20.82 22.20
CA ASN B 327 -29.01 -20.51 20.79
C ASN B 327 -29.65 -19.12 20.65
N ALA B 328 -29.27 -18.40 19.61
CA ALA B 328 -30.06 -17.25 19.18
C ALA B 328 -31.18 -17.82 18.33
N LEU B 329 -32.41 -17.39 18.59
CA LEU B 329 -33.59 -17.92 17.91
C LEU B 329 -34.10 -16.89 16.93
N PHE B 330 -34.21 -17.26 15.66
CA PHE B 330 -34.53 -16.30 14.62
C PHE B 330 -35.01 -16.95 13.34
N TRP B 331 -35.79 -16.20 12.57
CA TRP B 331 -36.24 -16.64 11.25
C TRP B 331 -35.71 -15.75 10.13
N CYS B 332 -35.28 -14.53 10.47
CA CYS B 332 -35.07 -13.51 9.44
C CYS B 332 -33.73 -12.79 9.59
N ASN B 333 -33.26 -12.22 8.49
CA ASN B 333 -32.01 -11.51 8.41
C ASN B 333 -32.08 -10.61 7.15
N HIS B 334 -31.14 -9.69 6.96
CA HIS B 334 -31.20 -8.81 5.79
C HIS B 334 -30.83 -9.58 4.49
N ASP B 335 -30.48 -10.84 4.68
CA ASP B 335 -29.96 -11.79 3.69
C ASP B 335 -31.03 -12.78 3.24
N GLN B 336 -32.11 -12.88 4.00
CA GLN B 336 -33.01 -14.01 3.91
C GLN B 336 -34.38 -13.57 3.41
N PRO B 337 -35.17 -14.50 2.82
CA PRO B 337 -36.55 -14.17 2.47
C PRO B 337 -37.35 -13.83 3.74
N ARG B 338 -38.32 -12.94 3.66
CA ARG B 338 -39.19 -12.68 4.82
C ARG B 338 -39.99 -13.95 5.16
N ILE B 339 -40.03 -14.27 6.45
CA ILE B 339 -40.42 -15.61 6.86
C ILE B 339 -41.86 -15.96 6.51
N VAL B 340 -42.76 -14.98 6.59
CA VAL B 340 -44.16 -15.26 6.28
C VAL B 340 -44.31 -15.74 4.82
N SER B 341 -43.51 -15.17 3.92
CA SER B 341 -43.56 -15.59 2.54
C SER B 341 -42.85 -16.92 2.40
N ARG B 342 -41.84 -17.16 3.22
CA ARG B 342 -40.98 -18.32 3.06
C ARG B 342 -41.56 -19.65 3.56
N TYR B 343 -41.94 -19.68 4.85
CA TYR B 343 -42.45 -20.89 5.46
C TYR B 343 -43.92 -20.72 5.82
N GLY B 344 -44.44 -19.50 5.67
CA GLY B 344 -45.85 -19.26 5.97
C GLY B 344 -46.73 -19.09 4.74
N ASP B 345 -47.89 -18.47 4.93
CA ASP B 345 -48.76 -18.20 3.79
C ASP B 345 -48.96 -16.70 3.74
N ASP B 346 -48.34 -16.04 2.79
CA ASP B 346 -48.43 -14.58 2.75
C ASP B 346 -49.66 -14.03 2.07
N GLY B 347 -50.60 -14.91 1.72
CA GLY B 347 -51.87 -14.46 1.18
C GLY B 347 -53.00 -14.54 2.20
N LYS B 348 -53.94 -15.44 1.95
CA LYS B 348 -55.11 -15.63 2.80
C LYS B 348 -54.80 -15.73 4.29
N TYR B 349 -53.79 -16.52 4.64
CA TYR B 349 -53.45 -16.71 6.04
C TYR B 349 -52.21 -15.94 6.51
N ARG B 350 -52.00 -14.76 5.94
CA ARG B 350 -50.82 -13.98 6.29
C ARG B 350 -50.71 -13.72 7.79
N LYS B 351 -51.74 -13.12 8.38
CA LYS B 351 -51.71 -12.80 9.82
C LYS B 351 -51.57 -14.04 10.69
N LYS B 352 -52.43 -15.01 10.43
CA LYS B 352 -52.44 -16.23 11.19
C LYS B 352 -51.14 -17.03 11.09
N SER B 353 -50.59 -17.21 9.88
CA SER B 353 -49.32 -17.96 9.74
C SER B 353 -48.13 -17.20 10.30
N ALA B 354 -48.13 -15.87 10.21
CA ALA B 354 -47.06 -15.07 10.80
C ALA B 354 -47.03 -15.25 12.31
N LYS B 355 -48.20 -15.23 12.93
CA LYS B 355 -48.27 -15.46 14.38
C LYS B 355 -47.80 -16.85 14.76
N MET B 356 -48.22 -17.83 13.98
CA MET B 356 -47.80 -19.21 14.18
C MET B 356 -46.29 -19.34 14.14
N LEU B 357 -45.65 -18.72 13.15
CA LEU B 357 -44.20 -18.85 13.02
C LEU B 357 -43.54 -18.20 14.24
N ALA B 358 -44.06 -17.04 14.63
CA ALA B 358 -43.52 -16.32 15.80
C ALA B 358 -43.52 -17.22 17.05
N THR B 359 -44.65 -17.85 17.34
CA THR B 359 -44.81 -18.75 18.50
C THR B 359 -43.91 -19.97 18.41
N ALA B 360 -43.81 -20.53 17.21
CA ALA B 360 -43.04 -21.75 17.00
C ALA B 360 -41.61 -21.57 17.46
N ILE B 361 -41.02 -20.43 17.09
CA ILE B 361 -39.62 -20.17 17.44
C ILE B 361 -39.44 -19.52 18.81
N HIS B 362 -40.38 -18.67 19.23
CA HIS B 362 -40.27 -18.01 20.53
C HIS B 362 -40.41 -18.96 21.73
N MET B 363 -41.14 -20.05 21.60
CA MET B 363 -41.33 -20.98 22.73
C MET B 363 -40.19 -22.00 22.90
N LEU B 364 -39.18 -21.88 22.06
CA LEU B 364 -37.99 -22.71 22.16
C LEU B 364 -37.08 -22.12 23.22
N GLN B 365 -36.03 -22.84 23.58
CA GLN B 365 -35.07 -22.30 24.51
C GLN B 365 -33.99 -21.47 23.82
N GLY B 366 -33.83 -20.22 24.26
CA GLY B 366 -32.79 -19.36 23.74
C GLY B 366 -33.21 -17.90 23.75
N THR B 367 -32.48 -17.06 23.04
CA THR B 367 -32.78 -15.63 22.98
C THR B 367 -33.36 -15.31 21.61
N PRO B 368 -34.62 -14.81 21.56
CA PRO B 368 -35.29 -14.47 20.30
C PRO B 368 -34.80 -13.19 19.65
N TYR B 369 -34.76 -13.19 18.33
CA TYR B 369 -34.43 -11.99 17.55
C TYR B 369 -35.55 -11.71 16.56
N ILE B 370 -36.03 -10.47 16.53
CA ILE B 370 -37.05 -10.04 15.57
C ILE B 370 -36.42 -9.11 14.55
N TYR B 371 -36.60 -9.41 13.27
CA TYR B 371 -36.04 -8.58 12.21
C TYR B 371 -37.05 -7.50 11.82
N GLN B 372 -36.59 -6.27 11.63
CA GLN B 372 -37.48 -5.13 11.36
C GLN B 372 -38.58 -5.45 10.35
N GLY B 373 -39.82 -5.25 10.77
CA GLY B 373 -40.96 -5.54 9.91
C GLY B 373 -41.52 -6.95 10.03
N GLU B 374 -40.78 -7.87 10.61
CA GLU B 374 -41.30 -9.22 10.88
C GLU B 374 -42.54 -9.07 11.80
N GLU B 375 -42.51 -8.10 12.68
CA GLU B 375 -43.59 -7.91 13.65
C GLU B 375 -44.87 -7.39 13.01
N LEU B 376 -44.74 -6.92 11.76
CA LEU B 376 -45.87 -6.45 10.98
C LEU B 376 -46.34 -7.53 10.00
N GLY B 377 -45.58 -8.60 9.90
CA GLY B 377 -45.88 -9.62 8.90
C GLY B 377 -45.60 -9.12 7.49
N MET B 378 -44.61 -8.24 7.34
CA MET B 378 -44.18 -7.84 6.00
C MET B 378 -43.80 -9.09 5.17
N THR B 379 -44.04 -9.02 3.87
CA THR B 379 -43.81 -10.16 2.99
C THR B 379 -42.67 -9.84 2.04
N ASN B 380 -42.27 -10.82 1.23
CA ASN B 380 -41.36 -10.52 0.13
C ASN B 380 -42.11 -9.56 -0.78
N PRO B 381 -41.39 -8.67 -1.47
CA PRO B 381 -42.08 -7.62 -2.23
C PRO B 381 -42.68 -8.06 -3.57
N LYS B 382 -42.35 -9.25 -4.07
CA LYS B 382 -42.79 -9.72 -5.39
C LYS B 382 -42.53 -8.72 -6.51
N PHE B 383 -41.31 -8.18 -6.60
CA PHE B 383 -40.93 -7.31 -7.68
C PHE B 383 -40.96 -8.10 -9.00
N ASP B 384 -41.64 -7.58 -10.02
CA ASP B 384 -41.83 -8.34 -11.27
C ASP B 384 -40.93 -7.90 -12.44
N ASP B 385 -40.02 -6.98 -12.19
CA ASP B 385 -39.12 -6.47 -13.22
C ASP B 385 -37.74 -6.18 -12.65
N ILE B 386 -36.70 -6.50 -13.43
CA ILE B 386 -35.32 -6.35 -12.98
C ILE B 386 -34.96 -4.91 -12.55
N SER B 387 -35.65 -3.91 -13.09
CA SER B 387 -35.29 -2.55 -12.75
C SER B 387 -35.64 -2.21 -11.30
N LEU B 388 -36.46 -3.06 -10.69
CA LEU B 388 -36.85 -2.85 -9.29
C LEU B 388 -35.84 -3.39 -8.27
N TYR B 389 -34.91 -4.22 -8.72
CA TYR B 389 -33.93 -4.84 -7.83
C TYR B 389 -32.66 -4.00 -7.67
N ARG B 390 -31.86 -4.31 -6.65
CA ARG B 390 -30.64 -3.53 -6.36
C ARG B 390 -29.41 -4.40 -6.09
N ASP B 391 -29.63 -5.50 -5.36
CA ASP B 391 -28.58 -6.47 -5.01
C ASP B 391 -27.75 -6.96 -6.22
N VAL B 392 -26.46 -6.67 -6.20
CA VAL B 392 -25.57 -6.94 -7.34
C VAL B 392 -25.58 -8.43 -7.70
N GLU B 393 -25.79 -9.28 -6.71
CA GLU B 393 -25.85 -10.71 -6.93
C GLU B 393 -27.14 -11.08 -7.69
N SER B 394 -28.25 -10.43 -7.34
CA SER B 394 -29.50 -10.57 -8.08
C SER B 394 -29.35 -10.13 -9.54
N LEU B 395 -28.69 -8.98 -9.73
CA LEU B 395 -28.56 -8.42 -11.07
C LEU B 395 -27.70 -9.34 -11.92
N ASN B 396 -26.61 -9.85 -11.33
CA ASN B 396 -25.76 -10.79 -12.03
C ASN B 396 -26.49 -12.12 -12.33
N MET B 397 -27.37 -12.55 -11.44
CA MET B 397 -28.08 -13.80 -11.64
C MET B 397 -29.08 -13.64 -12.78
N TYR B 398 -29.72 -12.48 -12.86
CA TYR B 398 -30.65 -12.22 -13.94
C TYR B 398 -29.88 -12.20 -15.27
N ARG B 399 -28.73 -11.52 -15.29
CA ARG B 399 -27.92 -11.37 -16.49
C ARG B 399 -27.52 -12.74 -17.03
N ILE B 400 -27.04 -13.59 -16.14
CA ILE B 400 -26.49 -14.87 -16.57
C ILE B 400 -27.60 -15.84 -17.02
N LEU B 401 -28.67 -15.92 -16.24
CA LEU B 401 -29.78 -16.77 -16.62
C LEU B 401 -30.42 -16.35 -17.96
N LYS B 402 -30.54 -15.06 -18.20
CA LYS B 402 -31.10 -14.58 -19.45
C LYS B 402 -30.19 -14.97 -20.63
N GLU B 403 -28.90 -14.69 -20.49
CA GLU B 403 -27.88 -15.14 -21.44
C GLU B 403 -28.01 -16.61 -21.79
N ALA B 404 -28.42 -17.42 -20.83
CA ALA B 404 -28.47 -18.86 -21.05
C ALA B 404 -29.85 -19.33 -21.53
N GLY B 405 -30.75 -18.39 -21.78
CA GLY B 405 -32.03 -18.71 -22.40
C GLY B 405 -33.19 -18.95 -21.48
N LYS B 406 -33.00 -18.76 -20.18
CA LYS B 406 -34.10 -18.92 -19.23
C LYS B 406 -35.14 -17.83 -19.52
N PRO B 407 -36.41 -18.22 -19.73
CA PRO B 407 -37.41 -17.20 -20.05
C PRO B 407 -37.59 -16.22 -18.89
N GLU B 408 -37.92 -14.97 -19.24
CA GLU B 408 -38.02 -13.87 -18.29
C GLU B 408 -38.84 -14.19 -17.04
N ALA B 409 -40.01 -14.79 -17.24
CA ALA B 409 -40.91 -15.03 -16.13
C ALA B 409 -40.32 -16.03 -15.15
N GLU B 410 -39.53 -16.96 -15.66
CA GLU B 410 -38.93 -17.96 -14.80
C GLU B 410 -37.76 -17.39 -14.00
N ILE B 411 -37.04 -16.45 -14.60
CA ILE B 411 -35.99 -15.73 -13.89
C ILE B 411 -36.60 -14.90 -12.77
N ILE B 412 -37.61 -14.11 -13.11
CA ILE B 412 -38.34 -13.32 -12.13
C ILE B 412 -38.89 -14.14 -10.97
N GLU B 413 -39.39 -15.35 -11.24
CA GLU B 413 -39.88 -16.19 -10.15
C GLU B 413 -38.75 -16.63 -9.22
N ILE B 414 -37.56 -16.81 -9.77
CA ILE B 414 -36.44 -17.15 -8.92
C ILE B 414 -36.05 -15.95 -8.07
N LEU B 415 -36.04 -14.75 -8.65
CA LEU B 415 -35.64 -13.57 -7.90
C LEU B 415 -36.67 -13.22 -6.85
N LYS B 416 -37.95 -13.47 -7.13
CA LYS B 416 -39.03 -13.24 -6.17
C LYS B 416 -38.87 -14.06 -4.89
N ALA B 417 -38.39 -15.30 -5.03
CA ALA B 417 -38.19 -16.19 -3.88
C ALA B 417 -36.83 -16.02 -3.23
N LYS B 418 -35.82 -15.58 -3.99
CA LYS B 418 -34.44 -15.70 -3.51
C LYS B 418 -33.58 -14.44 -3.45
N SER B 419 -34.00 -13.35 -4.09
CA SER B 419 -33.17 -12.15 -4.09
C SER B 419 -32.87 -11.72 -2.66
N ARG B 420 -31.63 -11.31 -2.43
CA ARG B 420 -31.23 -10.78 -1.13
C ARG B 420 -31.83 -9.39 -0.91
N ASP B 421 -32.50 -8.83 -1.92
CA ASP B 421 -33.23 -7.58 -1.72
C ASP B 421 -34.52 -7.76 -0.93
N ASN B 422 -35.04 -8.98 -0.88
CA ASN B 422 -36.42 -9.17 -0.50
C ASN B 422 -36.77 -8.74 0.93
N SER B 423 -35.81 -8.85 1.85
CA SER B 423 -36.07 -8.36 3.20
C SER B 423 -35.38 -7.02 3.43
N ARG B 424 -35.05 -6.33 2.33
CA ARG B 424 -34.39 -5.02 2.42
C ARG B 424 -35.28 -3.86 1.97
N THR B 425 -36.54 -4.14 1.69
CA THR B 425 -37.41 -3.03 1.32
C THR B 425 -37.75 -2.24 2.60
N PRO B 426 -38.15 -0.99 2.43
CA PRO B 426 -38.28 -0.10 3.59
C PRO B 426 -39.36 -0.57 4.56
N VAL B 427 -39.08 -0.44 5.85
CA VAL B 427 -40.10 -0.75 6.85
C VAL B 427 -41.35 0.07 6.56
N GLN B 428 -42.51 -0.58 6.55
CA GLN B 428 -43.75 0.07 6.19
C GLN B 428 -44.45 0.72 7.41
N TRP B 429 -44.23 2.01 7.62
CA TRP B 429 -44.70 2.70 8.84
C TRP B 429 -46.18 3.09 8.85
N ASN B 430 -46.70 3.52 7.71
CA ASN B 430 -48.07 4.01 7.65
C ASN B 430 -48.59 3.96 6.22
N GLY B 431 -49.80 4.44 5.99
CA GLY B 431 -50.38 4.41 4.66
C GLY B 431 -50.13 5.65 3.80
N GLU B 432 -49.19 6.51 4.20
CA GLU B 432 -48.81 7.69 3.41
C GLU B 432 -47.83 7.31 2.31
N GLU B 433 -47.38 8.30 1.55
CA GLU B 433 -46.46 8.06 0.43
C GLU B 433 -45.21 7.29 0.87
N ASN B 434 -44.85 6.28 0.09
CA ASN B 434 -43.76 5.37 0.42
C ASN B 434 -43.84 4.81 1.83
N ALA B 435 -45.06 4.56 2.28
CA ALA B 435 -45.32 3.97 3.58
C ALA B 435 -44.72 4.79 4.70
N GLY B 436 -44.47 6.07 4.43
CA GLY B 436 -43.94 6.99 5.44
C GLY B 436 -42.50 6.71 5.83
N PHE B 437 -41.79 5.96 4.99
CA PHE B 437 -40.36 5.68 5.20
C PHE B 437 -39.50 6.90 4.90
N THR B 438 -39.89 7.61 3.84
CA THR B 438 -39.14 8.77 3.39
C THR B 438 -40.06 9.81 2.77
N ALA B 439 -39.67 11.08 2.84
CA ALA B 439 -40.38 12.12 2.10
C ALA B 439 -39.82 12.21 0.67
N GLY B 440 -38.70 11.53 0.42
CA GLY B 440 -38.09 11.57 -0.90
C GLY B 440 -38.44 10.34 -1.72
N THR B 441 -37.44 9.86 -2.47
CA THR B 441 -37.62 8.65 -3.25
C THR B 441 -36.76 7.55 -2.61
N PRO B 442 -37.38 6.44 -2.19
CA PRO B 442 -36.64 5.42 -1.47
C PRO B 442 -35.59 4.72 -2.34
N TRP B 443 -34.46 4.36 -1.75
CA TRP B 443 -33.38 3.72 -2.48
C TRP B 443 -33.78 2.40 -3.12
N ILE B 444 -34.79 1.75 -2.54
CA ILE B 444 -35.34 0.51 -3.05
C ILE B 444 -36.84 0.69 -2.91
N PRO B 445 -37.63 0.19 -3.89
CA PRO B 445 -39.06 0.52 -3.88
C PRO B 445 -39.87 -0.09 -2.72
N VAL B 446 -41.00 0.53 -2.39
CA VAL B 446 -41.99 -0.06 -1.49
C VAL B 446 -43.07 -0.77 -2.31
N PRO B 447 -43.30 -2.06 -2.04
CA PRO B 447 -44.43 -2.76 -2.67
C PRO B 447 -45.79 -2.17 -2.32
N ASP B 448 -46.75 -2.32 -3.23
CA ASP B 448 -48.10 -1.77 -3.08
C ASP B 448 -48.80 -2.16 -1.80
N ASN B 449 -48.45 -3.33 -1.25
CA ASN B 449 -49.15 -3.85 -0.07
C ASN B 449 -49.03 -3.01 1.20
N TYR B 450 -48.19 -1.98 1.18
CA TYR B 450 -48.04 -1.13 2.36
C TYR B 450 -49.36 -0.48 2.80
N LYS B 451 -50.31 -0.39 1.87
CA LYS B 451 -51.60 0.20 2.18
C LYS B 451 -52.38 -0.63 3.18
N GLU B 452 -52.13 -1.93 3.18
CA GLU B 452 -52.74 -2.85 4.12
C GLU B 452 -51.78 -3.26 5.23
N ILE B 453 -50.49 -3.33 4.91
CA ILE B 453 -49.50 -3.86 5.83
C ILE B 453 -48.59 -2.71 6.27
N ASN B 454 -48.84 -2.18 7.46
CA ASN B 454 -48.06 -1.07 7.99
C ASN B 454 -48.23 -0.95 9.50
N ALA B 455 -47.26 -0.31 10.15
CA ALA B 455 -47.23 -0.17 11.59
C ALA B 455 -48.44 0.55 12.18
N GLU B 456 -48.87 1.64 11.55
CA GLU B 456 -49.98 2.44 12.06
C GLU B 456 -51.22 1.57 12.12
N GLU B 457 -51.45 0.83 11.04
CA GLU B 457 -52.55 -0.11 10.96
C GLU B 457 -52.46 -1.19 12.06
N ALA B 458 -51.30 -1.81 12.22
CA ALA B 458 -51.12 -2.89 13.19
C ALA B 458 -51.27 -2.42 14.63
N LEU B 459 -50.77 -1.23 14.92
CA LEU B 459 -50.86 -0.69 16.26
C LEU B 459 -52.30 -0.38 16.69
N ASN B 460 -53.19 -0.17 15.72
CA ASN B 460 -54.61 0.12 16.02
C ASN B 460 -55.53 -1.11 15.90
N ASP B 461 -54.94 -2.29 15.72
CA ASP B 461 -55.69 -3.54 15.63
C ASP B 461 -55.24 -4.46 16.76
N PRO B 462 -56.09 -4.65 17.77
CA PRO B 462 -55.72 -5.50 18.92
C PRO B 462 -55.38 -6.93 18.53
N ASP B 463 -55.86 -7.37 17.37
CA ASP B 463 -55.58 -8.72 16.91
C ASP B 463 -54.40 -8.76 15.93
N SER B 464 -53.58 -7.72 15.94
CA SER B 464 -52.50 -7.62 14.95
C SER B 464 -51.35 -8.57 15.22
N ILE B 465 -50.54 -8.82 14.21
CA ILE B 465 -49.33 -9.57 14.40
C ILE B 465 -48.44 -8.85 15.41
N PHE B 466 -48.46 -7.53 15.38
CA PHE B 466 -47.59 -6.77 16.27
C PHE B 466 -47.86 -7.13 17.74
N TYR B 467 -49.12 -7.12 18.15
CA TYR B 467 -49.48 -7.42 19.54
C TYR B 467 -49.23 -8.88 19.94
N HIS B 468 -49.30 -9.79 18.97
CA HIS B 468 -48.92 -11.19 19.22
C HIS B 468 -47.42 -11.29 19.58
N TYR B 469 -46.57 -10.60 18.82
CA TYR B 469 -45.13 -10.54 19.13
C TYR B 469 -44.92 -9.88 20.48
N LYS B 470 -45.60 -8.76 20.73
CA LYS B 470 -45.49 -8.09 22.02
C LYS B 470 -45.79 -9.07 23.13
N LYS B 471 -46.86 -9.85 22.97
CA LYS B 471 -47.29 -10.78 24.00
C LYS B 471 -46.27 -11.91 24.22
N LEU B 472 -45.73 -12.44 23.13
CA LEU B 472 -44.63 -13.44 23.24
C LEU B 472 -43.42 -12.86 23.94
N ASN B 473 -43.10 -11.61 23.63
CA ASN B 473 -41.94 -10.96 24.22
C ASN B 473 -42.11 -10.76 25.72
N GLU B 474 -43.32 -10.42 26.14
CA GLU B 474 -43.59 -10.29 27.57
C GLU B 474 -43.70 -11.63 28.28
N LEU B 475 -44.29 -12.62 27.63
CA LEU B 475 -44.35 -13.97 28.21
C LEU B 475 -42.98 -14.44 28.66
N ARG B 476 -41.95 -14.12 27.87
CA ARG B 476 -40.58 -14.49 28.18
C ARG B 476 -40.08 -13.87 29.49
N LYS B 477 -40.61 -12.68 29.85
CA LYS B 477 -40.25 -12.04 31.11
C LYS B 477 -41.07 -12.58 32.28
N GLU B 478 -42.24 -13.13 31.96
CA GLU B 478 -43.25 -13.49 32.93
C GLU B 478 -43.19 -14.95 33.39
N PHE B 479 -42.98 -15.86 32.45
CA PHE B 479 -42.99 -17.29 32.75
C PHE B 479 -41.62 -17.91 32.59
N ASP B 480 -41.01 -18.22 33.71
CA ASP B 480 -39.63 -18.64 33.78
C ASP B 480 -39.36 -19.94 33.02
N ILE B 481 -40.39 -20.75 32.84
CA ILE B 481 -40.21 -22.04 32.20
C ILE B 481 -39.74 -21.88 30.75
N ILE B 482 -40.10 -20.77 30.12
CA ILE B 482 -39.68 -20.47 28.75
C ILE B 482 -38.13 -20.38 28.71
N THR B 483 -37.52 -19.98 29.82
CA THR B 483 -36.07 -19.92 29.88
C THR B 483 -35.46 -21.24 30.38
N THR B 484 -36.09 -21.84 31.40
CA THR B 484 -35.45 -22.97 32.08
C THR B 484 -35.93 -24.37 31.68
N GLY B 485 -37.09 -24.49 31.08
CA GLY B 485 -37.64 -25.80 30.76
C GLY B 485 -36.79 -26.53 29.74
N ASP B 486 -36.83 -27.87 29.73
CA ASP B 486 -36.11 -28.56 28.68
C ASP B 486 -36.95 -28.54 27.40
N TYR B 487 -36.52 -29.28 26.38
CA TYR B 487 -37.29 -29.32 25.15
C TYR B 487 -37.57 -30.75 24.74
N GLN B 488 -38.81 -31.04 24.36
CA GLN B 488 -39.14 -32.39 23.94
C GLN B 488 -40.02 -32.40 22.72
N LEU B 489 -39.49 -32.92 21.62
CA LEU B 489 -40.27 -33.01 20.42
C LEU B 489 -41.26 -34.16 20.55
N ILE B 490 -42.49 -33.95 20.11
CA ILE B 490 -43.46 -35.01 19.91
C ILE B 490 -43.92 -34.90 18.48
N LEU B 491 -44.72 -35.87 18.07
CA LEU B 491 -45.21 -35.95 16.70
C LEU B 491 -44.13 -35.70 15.64
N GLU B 492 -42.95 -36.22 15.91
CA GLU B 492 -41.76 -35.98 15.11
C GLU B 492 -41.97 -36.13 13.62
N ASP B 493 -42.76 -37.11 13.21
CA ASP B 493 -42.90 -37.37 11.80
C ASP B 493 -44.19 -36.84 11.21
N ASP B 494 -45.02 -36.16 12.01
CA ASP B 494 -46.23 -35.56 11.48
C ASP B 494 -45.92 -34.69 10.26
N GLN B 495 -46.79 -34.72 9.26
CA GLN B 495 -46.51 -34.05 8.00
C GLN B 495 -46.89 -32.58 8.02
N GLU B 496 -47.65 -32.16 9.04
CA GLU B 496 -48.17 -30.79 9.10
C GLU B 496 -47.93 -30.06 10.41
N LEU B 497 -47.84 -30.81 11.51
CA LEU B 497 -47.74 -30.23 12.83
C LEU B 497 -46.33 -30.25 13.38
N TYR B 498 -45.95 -29.11 13.92
CA TYR B 498 -44.75 -29.01 14.74
C TYR B 498 -45.24 -28.86 16.16
N ALA B 499 -45.00 -29.86 16.99
CA ALA B 499 -45.43 -29.79 18.37
C ALA B 499 -44.34 -30.29 19.27
N TYR B 500 -44.26 -29.66 20.44
CA TYR B 500 -43.22 -29.98 21.39
C TYR B 500 -43.60 -29.53 22.78
N LEU B 501 -42.85 -30.01 23.75
CA LEU B 501 -43.07 -29.63 25.14
C LEU B 501 -41.85 -28.96 25.68
N ARG B 502 -42.04 -28.11 26.68
CA ARG B 502 -40.96 -27.60 27.50
C ARG B 502 -41.23 -28.12 28.91
N ASN B 503 -40.33 -28.94 29.46
CA ASN B 503 -40.61 -29.59 30.74
C ASN B 503 -39.90 -28.93 31.90
N GLY B 504 -40.66 -28.61 32.95
CA GLY B 504 -40.06 -28.07 34.15
C GLY B 504 -40.52 -28.78 35.40
N ALA B 505 -40.28 -28.11 36.54
CA ALA B 505 -40.61 -28.63 37.86
C ALA B 505 -42.11 -28.59 38.11
N ASP B 506 -42.79 -29.69 37.80
CA ASP B 506 -44.25 -29.79 37.93
C ASP B 506 -44.97 -28.73 37.09
N GLU B 507 -44.39 -28.44 35.95
CA GLU B 507 -44.89 -27.40 35.06
C GLU B 507 -44.42 -27.78 33.66
N LYS B 508 -45.26 -27.56 32.66
CA LYS B 508 -44.90 -27.81 31.27
C LYS B 508 -45.52 -26.76 30.36
N LEU B 509 -44.92 -26.54 29.20
CA LEU B 509 -45.62 -25.88 28.10
C LEU B 509 -45.84 -26.93 27.04
N LEU B 510 -47.06 -26.98 26.49
CA LEU B 510 -47.32 -27.77 25.32
C LEU B 510 -47.59 -26.79 24.17
N VAL B 511 -46.79 -26.91 23.12
CA VAL B 511 -46.82 -25.98 22.01
C VAL B 511 -47.24 -26.70 20.74
N ILE B 512 -48.33 -26.26 20.12
CA ILE B 512 -48.78 -26.88 18.90
C ILE B 512 -48.90 -25.90 17.76
N ASN B 513 -48.22 -26.19 16.65
CA ASN B 513 -48.24 -25.33 15.46
C ASN B 513 -48.57 -26.11 14.19
N ASN B 514 -49.59 -25.65 13.49
CA ASN B 514 -49.88 -26.17 12.16
C ASN B 514 -49.14 -25.34 11.11
N PHE B 515 -48.18 -25.98 10.42
CA PHE B 515 -47.37 -25.27 9.44
C PHE B 515 -48.03 -25.16 8.05
N TYR B 516 -49.24 -25.69 7.90
CA TYR B 516 -49.90 -25.68 6.60
C TYR B 516 -51.36 -25.26 6.75
N GLY B 517 -52.02 -25.00 5.62
CA GLY B 517 -53.36 -24.45 5.65
C GLY B 517 -54.52 -25.44 5.61
N LYS B 518 -54.37 -26.58 6.28
CA LYS B 518 -55.43 -27.59 6.28
C LYS B 518 -55.73 -28.06 7.69
N GLU B 519 -56.84 -28.74 7.85
CA GLU B 519 -57.15 -29.41 9.11
C GLU B 519 -56.36 -30.69 9.24
N THR B 520 -55.93 -31.02 10.45
CA THR B 520 -55.29 -32.30 10.70
C THR B 520 -55.49 -32.58 12.18
N GLU B 521 -55.40 -33.84 12.59
CA GLU B 521 -55.71 -34.18 13.96
C GLU B 521 -54.51 -34.06 14.89
N PHE B 522 -54.74 -33.53 16.08
CA PHE B 522 -53.75 -33.59 17.12
C PHE B 522 -54.17 -34.65 18.13
N GLN B 523 -53.21 -35.44 18.60
CA GLN B 523 -53.48 -36.34 19.71
C GLN B 523 -52.25 -36.46 20.56
N LEU B 524 -52.37 -36.14 21.84
CA LEU B 524 -51.21 -36.23 22.70
C LEU B 524 -50.80 -37.69 22.81
N PRO B 525 -49.51 -37.98 22.61
CA PRO B 525 -48.99 -39.35 22.66
C PRO B 525 -49.02 -39.88 24.08
N ASP B 526 -49.38 -41.16 24.22
CA ASP B 526 -49.60 -41.77 25.52
C ASP B 526 -48.42 -41.63 26.47
N ASP B 527 -47.21 -41.57 25.93
CA ASP B 527 -46.01 -41.52 26.76
C ASP B 527 -45.70 -40.13 27.36
N ILE B 528 -46.58 -39.16 27.15
CA ILE B 528 -46.43 -37.87 27.82
C ILE B 528 -47.18 -37.95 29.15
N ASP B 529 -46.44 -37.85 30.25
CA ASP B 529 -47.05 -37.95 31.57
C ASP B 529 -47.62 -36.60 32.04
N ILE B 530 -48.90 -36.38 31.79
CA ILE B 530 -49.55 -35.17 32.24
C ILE B 530 -50.76 -35.43 33.14
N GLU B 531 -50.65 -36.49 33.94
CA GLU B 531 -51.74 -36.82 34.85
C GLU B 531 -51.71 -35.89 36.04
N GLY B 532 -52.84 -35.25 36.33
CA GLY B 532 -52.94 -34.34 37.47
C GLY B 532 -52.47 -32.93 37.16
N TYR B 533 -52.27 -32.65 35.88
CA TYR B 533 -51.87 -31.33 35.43
C TYR B 533 -53.09 -30.54 34.98
N ASP B 534 -53.14 -29.27 35.39
CA ASP B 534 -54.16 -28.34 34.93
C ASP B 534 -53.62 -27.59 33.71
N ALA B 535 -54.49 -27.39 32.72
CA ALA B 535 -54.11 -26.74 31.47
C ALA B 535 -54.82 -25.41 31.29
N LYS B 536 -54.04 -24.36 31.00
CA LYS B 536 -54.60 -23.10 30.56
C LYS B 536 -53.92 -22.61 29.27
N VAL B 537 -54.61 -21.79 28.52
CA VAL B 537 -54.07 -21.26 27.27
C VAL B 537 -53.07 -20.15 27.56
N LEU B 538 -51.83 -20.31 27.12
CA LEU B 538 -50.82 -19.29 27.36
C LEU B 538 -50.91 -18.22 26.28
N ILE B 539 -50.97 -18.66 25.02
CA ILE B 539 -51.15 -17.74 23.90
C ILE B 539 -51.68 -18.55 22.71
N SER B 540 -52.49 -17.92 21.86
CA SER B 540 -53.09 -18.58 20.69
C SER B 540 -53.32 -17.54 19.60
N ASN B 541 -53.34 -17.98 18.35
CA ASN B 541 -53.62 -17.08 17.24
C ASN B 541 -55.03 -17.32 16.71
N ASP B 542 -55.82 -18.01 17.52
CA ASP B 542 -57.14 -18.45 17.09
C ASP B 542 -58.05 -18.53 18.31
N THR B 543 -59.26 -17.96 18.21
CA THR B 543 -60.22 -18.01 19.32
C THR B 543 -60.94 -19.36 19.43
N ASP B 544 -61.01 -20.13 18.35
CA ASP B 544 -61.61 -21.48 18.43
C ASP B 544 -60.71 -22.40 19.25
N LEU B 545 -60.90 -22.37 20.57
CA LEU B 545 -60.10 -23.21 21.44
C LEU B 545 -60.76 -24.57 21.55
N PRO B 546 -59.97 -25.64 21.50
CA PRO B 546 -60.56 -26.99 21.59
C PRO B 546 -61.06 -27.29 22.98
N GLU B 547 -61.96 -28.26 23.10
CA GLU B 547 -62.54 -28.62 24.38
C GLU B 547 -61.49 -29.27 25.27
N SER B 548 -60.64 -30.09 24.66
CA SER B 548 -59.57 -30.74 25.40
C SER B 548 -58.27 -30.71 24.62
N PHE B 549 -57.21 -30.28 25.27
CA PHE B 549 -55.93 -30.16 24.61
C PHE B 549 -55.37 -31.52 24.20
N LYS B 550 -55.93 -32.61 24.72
CA LYS B 550 -55.35 -33.93 24.49
C LYS B 550 -55.63 -34.49 23.10
N ARG B 551 -56.71 -34.05 22.49
CA ARG B 551 -57.11 -34.61 21.22
C ARG B 551 -58.07 -33.64 20.58
N PHE B 552 -57.70 -33.10 19.42
CA PHE B 552 -58.57 -32.17 18.73
C PHE B 552 -58.15 -31.98 17.28
N THR B 553 -59.04 -31.36 16.52
CA THR B 553 -58.80 -31.08 15.11
C THR B 553 -58.15 -29.70 15.00
N VAL B 554 -56.92 -29.67 14.51
CA VAL B 554 -56.20 -28.42 14.37
C VAL B 554 -56.63 -27.70 13.09
N LYS B 555 -56.98 -26.43 13.22
CA LYS B 555 -57.39 -25.60 12.10
C LYS B 555 -56.18 -25.11 11.27
N PRO B 556 -56.44 -24.62 10.05
CA PRO B 556 -55.42 -24.03 9.18
C PRO B 556 -54.50 -23.05 9.93
N TYR B 557 -53.21 -23.35 10.02
CA TYR B 557 -52.21 -22.43 10.59
C TYR B 557 -52.49 -22.05 12.04
N GLN B 558 -53.30 -22.86 12.72
CA GLN B 558 -53.55 -22.67 14.13
C GLN B 558 -52.30 -22.91 14.95
N SER B 559 -52.14 -22.09 15.98
CA SER B 559 -51.00 -22.21 16.89
C SER B 559 -51.52 -21.98 18.30
N ILE B 560 -51.17 -22.86 19.23
CA ILE B 560 -51.70 -22.76 20.59
C ILE B 560 -50.61 -23.17 21.53
N VAL B 561 -50.43 -22.42 22.60
CA VAL B 561 -49.54 -22.87 23.65
C VAL B 561 -50.36 -23.05 24.90
N TYR B 562 -50.25 -24.25 25.49
CA TYR B 562 -50.86 -24.53 26.77
C TYR B 562 -49.83 -24.49 27.88
N HIS B 563 -50.22 -23.86 28.99
CA HIS B 563 -49.42 -23.90 30.20
C HIS B 563 -50.05 -24.98 31.07
N LEU B 564 -49.24 -25.94 31.49
CA LEU B 564 -49.72 -27.06 32.29
C LEU B 564 -49.03 -27.02 33.62
N ALA B 565 -49.80 -27.10 34.70
CA ALA B 565 -49.25 -27.06 36.05
C ALA B 565 -50.00 -27.98 37.02
N LYS B 566 -49.42 -28.15 38.21
CA LYS B 566 -49.99 -29.03 39.25
C LYS B 566 -51.05 -28.33 40.11
N ASN C 12 -2.46 -4.93 -57.91
CA ASN C 12 -3.25 -5.91 -57.17
C ASN C 12 -2.51 -6.43 -55.93
N PRO C 13 -2.93 -5.99 -54.72
CA PRO C 13 -2.18 -6.26 -53.48
C PRO C 13 -2.00 -7.76 -53.20
N TRP C 14 -0.90 -8.14 -52.56
CA TRP C 14 -0.65 -9.55 -52.28
C TRP C 14 -1.73 -10.16 -51.37
N TRP C 15 -2.35 -9.33 -50.54
CA TRP C 15 -3.31 -9.84 -49.58
C TRP C 15 -4.68 -10.11 -50.20
N LYS C 16 -4.86 -9.72 -51.44
CA LYS C 16 -6.17 -9.84 -52.06
C LYS C 16 -6.54 -11.30 -52.29
N LYS C 17 -5.57 -12.09 -52.73
CA LYS C 17 -5.80 -13.50 -53.02
C LYS C 17 -5.15 -14.41 -51.96
N ALA C 18 -4.71 -13.82 -50.85
CA ALA C 18 -4.07 -14.59 -49.78
C ALA C 18 -5.08 -15.50 -49.09
N VAL C 19 -4.59 -16.53 -48.42
CA VAL C 19 -5.39 -17.23 -47.41
C VAL C 19 -4.60 -17.27 -46.11
N VAL C 20 -5.26 -16.88 -45.02
CA VAL C 20 -4.60 -16.69 -43.74
C VAL C 20 -4.91 -17.88 -42.81
N TYR C 21 -3.87 -18.42 -42.17
CA TYR C 21 -4.04 -19.49 -41.18
C TYR C 21 -3.93 -18.89 -39.79
N GLN C 22 -4.97 -19.01 -38.97
CA GLN C 22 -4.97 -18.36 -37.66
C GLN C 22 -4.49 -19.31 -36.59
N ILE C 23 -3.42 -18.91 -35.91
CA ILE C 23 -2.83 -19.75 -34.87
C ILE C 23 -3.08 -19.16 -33.49
N TYR C 24 -3.50 -20.04 -32.58
CA TYR C 24 -3.68 -19.73 -31.17
C TYR C 24 -2.57 -20.55 -30.50
N PRO C 25 -1.40 -19.94 -30.31
CA PRO C 25 -0.13 -20.66 -30.04
C PRO C 25 -0.21 -21.61 -28.85
N LYS C 26 -0.95 -21.21 -27.82
CA LYS C 26 -1.11 -21.98 -26.59
C LYS C 26 -1.60 -23.39 -26.88
N SER C 27 -2.38 -23.55 -27.94
CA SER C 27 -2.90 -24.88 -28.26
C SER C 27 -2.46 -25.45 -29.62
N PHE C 28 -1.39 -24.92 -30.17
CA PHE C 28 -0.98 -25.34 -31.51
C PHE C 28 0.00 -26.51 -31.45
N LYS C 29 1.21 -26.26 -30.96
CA LYS C 29 2.23 -27.31 -30.82
C LYS C 29 3.20 -27.04 -29.67
N ASP C 30 3.31 -27.97 -28.74
CA ASP C 30 4.26 -27.79 -27.63
C ASP C 30 5.56 -28.55 -27.91
N THR C 31 6.68 -27.87 -27.72
CA THR C 31 7.97 -28.51 -27.97
C THR C 31 8.87 -28.63 -26.74
N THR C 32 8.47 -27.97 -25.64
CA THR C 32 9.25 -28.00 -24.39
C THR C 32 8.68 -28.97 -23.35
N GLY C 33 7.39 -29.30 -23.47
CA GLY C 33 6.81 -30.36 -22.66
C GLY C 33 6.03 -29.87 -21.44
N ASN C 34 5.89 -28.55 -21.33
CA ASN C 34 5.09 -27.94 -20.27
C ASN C 34 3.57 -27.99 -20.53
N GLY C 35 3.16 -28.65 -21.61
CA GLY C 35 1.75 -28.72 -21.96
C GLY C 35 1.16 -27.45 -22.57
N VAL C 36 2.02 -26.49 -22.90
CA VAL C 36 1.59 -25.25 -23.53
C VAL C 36 2.29 -25.07 -24.89
N GLY C 37 1.51 -24.71 -25.92
CA GLY C 37 2.09 -24.48 -27.23
C GLY C 37 3.10 -23.35 -27.19
N ASP C 38 4.07 -23.39 -28.09
CA ASP C 38 5.11 -22.35 -28.11
C ASP C 38 5.51 -21.97 -29.54
N ILE C 39 6.32 -20.93 -29.65
CA ILE C 39 6.74 -20.41 -30.95
C ILE C 39 7.56 -21.44 -31.75
N ARG C 40 8.46 -22.14 -31.06
CA ARG C 40 9.23 -23.21 -31.69
C ARG C 40 8.33 -24.24 -32.37
N GLY C 41 7.16 -24.48 -31.79
CA GLY C 41 6.22 -25.43 -32.36
C GLY C 41 5.62 -24.96 -33.68
N ILE C 42 5.40 -23.66 -33.80
CA ILE C 42 4.90 -23.09 -35.04
C ILE C 42 5.95 -23.27 -36.15
N ILE C 43 7.21 -22.98 -35.83
CA ILE C 43 8.33 -23.20 -36.75
C ILE C 43 8.36 -24.63 -37.29
N GLU C 44 8.15 -25.60 -36.41
CA GLU C 44 8.18 -27.00 -36.80
C GLU C 44 7.08 -27.38 -37.77
N LYS C 45 6.00 -26.60 -37.75
CA LYS C 45 4.83 -26.92 -38.57
C LYS C 45 4.72 -26.05 -39.83
N LEU C 46 5.76 -25.28 -40.15
CA LEU C 46 5.72 -24.40 -41.32
C LEU C 46 5.48 -25.14 -42.64
N ASP C 47 6.10 -26.29 -42.82
CA ASP C 47 5.91 -27.08 -44.04
C ASP C 47 4.47 -27.56 -44.21
N TYR C 48 3.85 -27.87 -43.08
CA TYR C 48 2.45 -28.29 -43.05
C TYR C 48 1.55 -27.14 -43.49
N ILE C 49 1.85 -25.95 -43.01
CA ILE C 49 1.06 -24.77 -43.32
C ILE C 49 1.25 -24.42 -44.81
N LYS C 50 2.48 -24.50 -45.30
CA LYS C 50 2.74 -24.29 -46.72
C LYS C 50 2.04 -25.36 -47.58
N GLU C 51 2.03 -26.60 -47.09
CA GLU C 51 1.37 -27.67 -47.81
C GLU C 51 -0.14 -27.39 -47.96
N LEU C 52 -0.73 -26.77 -46.95
CA LEU C 52 -2.16 -26.44 -46.96
C LEU C 52 -2.43 -25.32 -47.97
N ALA C 53 -1.35 -24.68 -48.42
CA ALA C 53 -1.34 -23.57 -49.39
C ALA C 53 -1.90 -22.26 -48.81
N CYS C 54 -1.68 -22.06 -47.51
CA CYS C 54 -1.88 -20.75 -46.93
C CYS C 54 -0.60 -19.97 -47.15
N ASP C 55 -0.71 -18.67 -47.35
CA ASP C 55 0.52 -17.92 -47.52
C ASP C 55 0.68 -16.82 -46.48
N VAL C 56 -0.21 -16.82 -45.48
CA VAL C 56 -0.10 -15.90 -44.37
C VAL C 56 -0.42 -16.68 -43.09
N ILE C 57 0.32 -16.38 -42.04
CA ILE C 57 0.01 -16.87 -40.68
C ILE C 57 -0.33 -15.69 -39.79
N TRP C 58 -1.39 -15.84 -39.01
CA TRP C 58 -1.80 -14.81 -38.07
C TRP C 58 -1.70 -15.36 -36.64
N LEU C 59 -0.91 -14.68 -35.80
CA LEU C 59 -0.71 -15.10 -34.42
C LEU C 59 -1.60 -14.33 -33.47
N THR C 60 -2.36 -15.04 -32.63
CA THR C 60 -3.13 -14.37 -31.57
C THR C 60 -2.12 -13.74 -30.58
N PRO C 61 -2.57 -12.92 -29.61
CA PRO C 61 -1.54 -12.17 -28.86
C PRO C 61 -0.55 -13.04 -28.09
N ILE C 62 0.73 -12.71 -28.19
CA ILE C 62 1.78 -13.41 -27.48
C ILE C 62 2.67 -12.41 -26.72
N TYR C 63 2.12 -11.23 -26.47
CA TYR C 63 2.85 -10.18 -25.77
C TYR C 63 2.86 -10.43 -24.27
N GLN C 64 3.87 -9.89 -23.59
CA GLN C 64 3.94 -9.94 -22.14
C GLN C 64 2.63 -9.50 -21.52
N SER C 65 2.11 -10.35 -20.64
CA SER C 65 0.77 -10.16 -20.11
C SER C 65 0.62 -10.91 -18.78
N PRO C 66 -0.17 -10.34 -17.85
CA PRO C 66 -0.56 -11.01 -16.60
C PRO C 66 -1.53 -12.17 -16.85
N GLN C 67 -1.94 -12.36 -18.10
CA GLN C 67 -2.86 -13.44 -18.46
C GLN C 67 -4.16 -13.42 -17.68
N ASN C 68 -4.57 -12.23 -17.23
CA ASN C 68 -5.87 -12.05 -16.60
C ASN C 68 -7.00 -12.18 -17.63
N ASP C 69 -6.67 -11.96 -18.90
CA ASP C 69 -7.68 -12.02 -19.95
C ASP C 69 -7.15 -12.63 -21.23
N ASN C 70 -6.58 -13.83 -21.11
CA ASN C 70 -6.14 -14.62 -22.25
C ASN C 70 -5.16 -13.87 -23.18
N GLY C 71 -4.37 -12.97 -22.60
CA GLY C 71 -3.37 -12.22 -23.35
C GLY C 71 -3.89 -10.98 -24.07
N TYR C 72 -5.17 -10.67 -23.89
CA TYR C 72 -5.68 -9.42 -24.43
C TYR C 72 -5.55 -8.29 -23.42
N ASP C 73 -4.99 -8.61 -22.26
CA ASP C 73 -4.57 -7.61 -21.27
C ASP C 73 -3.04 -7.52 -21.33
N ILE C 74 -2.53 -6.59 -22.12
CA ILE C 74 -1.09 -6.51 -22.39
C ILE C 74 -0.42 -5.51 -21.44
N SER C 75 0.71 -5.92 -20.89
CA SER C 75 1.45 -5.09 -19.93
C SER C 75 2.78 -4.61 -20.52
N ASP C 76 3.22 -5.25 -21.59
CA ASP C 76 4.39 -4.79 -22.32
C ASP C 76 4.34 -5.18 -23.80
N TYR C 77 4.19 -4.18 -24.67
CA TYR C 77 4.08 -4.44 -26.10
C TYR C 77 5.39 -4.80 -26.80
N TYR C 78 6.52 -4.63 -26.12
CA TYR C 78 7.81 -4.81 -26.77
C TYR C 78 8.43 -6.18 -26.53
N SER C 79 7.84 -6.96 -25.64
CA SER C 79 8.39 -8.29 -25.39
C SER C 79 7.34 -9.40 -25.49
N ILE C 80 7.84 -10.63 -25.60
CA ILE C 80 7.02 -11.82 -25.75
C ILE C 80 6.78 -12.45 -24.38
N HIS C 81 5.62 -13.08 -24.23
CA HIS C 81 5.29 -13.85 -23.03
C HIS C 81 6.25 -15.05 -22.93
N GLU C 82 6.98 -15.13 -21.83
CA GLU C 82 8.06 -16.10 -21.65
C GLU C 82 7.68 -17.53 -22.00
N GLU C 83 6.43 -17.89 -21.69
CA GLU C 83 5.92 -19.24 -21.89
C GLU C 83 5.90 -19.68 -23.36
N TYR C 84 5.90 -18.70 -24.26
CA TYR C 84 5.76 -18.97 -25.70
C TYR C 84 7.13 -19.03 -26.39
N GLY C 85 8.16 -18.58 -25.69
CA GLY C 85 9.50 -18.55 -26.24
C GLY C 85 10.12 -17.17 -26.13
N THR C 86 11.31 -17.03 -26.70
CA THR C 86 12.07 -15.80 -26.58
C THR C 86 11.89 -14.95 -27.82
N MET C 87 12.30 -13.69 -27.73
CA MET C 87 12.24 -12.77 -28.86
C MET C 87 13.05 -13.34 -30.03
N ALA C 88 14.07 -14.12 -29.71
CA ALA C 88 14.89 -14.77 -30.73
C ALA C 88 14.13 -15.88 -31.47
N ASP C 89 13.27 -16.60 -30.76
CA ASP C 89 12.43 -17.61 -31.38
C ASP C 89 11.53 -16.91 -32.42
N PHE C 90 10.94 -15.80 -32.02
CA PHE C 90 10.03 -15.07 -32.89
C PHE C 90 10.73 -14.62 -34.17
N GLU C 91 11.95 -14.13 -34.01
CA GLU C 91 12.74 -13.69 -35.14
C GLU C 91 13.06 -14.85 -36.08
N GLU C 92 13.34 -16.02 -35.51
CA GLU C 92 13.56 -17.19 -36.33
C GLU C 92 12.27 -17.65 -37.02
N LEU C 93 11.12 -17.37 -36.42
CA LEU C 93 9.86 -17.72 -37.05
C LEU C 93 9.64 -16.87 -38.30
N LEU C 94 9.74 -15.54 -38.15
CA LEU C 94 9.68 -14.62 -39.28
C LEU C 94 10.59 -15.07 -40.42
N GLU C 95 11.85 -15.37 -40.11
CA GLU C 95 12.81 -15.82 -41.11
C GLU C 95 12.39 -17.10 -41.79
N GLU C 96 12.00 -18.08 -40.97
CA GLU C 96 11.62 -19.38 -41.49
C GLU C 96 10.32 -19.31 -42.27
N ALA C 97 9.42 -18.43 -41.84
CA ALA C 97 8.17 -18.25 -42.58
C ALA C 97 8.46 -17.63 -43.96
N HIS C 98 9.18 -16.52 -43.95
CA HIS C 98 9.50 -15.78 -45.18
C HIS C 98 10.21 -16.64 -46.22
N LYS C 99 11.09 -17.52 -45.73
CA LYS C 99 11.84 -18.43 -46.59
C LYS C 99 10.91 -19.35 -47.39
N ARG C 100 9.70 -19.54 -46.88
CA ARG C 100 8.73 -20.41 -47.55
C ARG C 100 7.66 -19.61 -48.26
N GLY C 101 7.86 -18.30 -48.30
CA GLY C 101 6.92 -17.40 -48.93
C GLY C 101 5.66 -17.19 -48.10
N ILE C 102 5.81 -17.39 -46.79
CA ILE C 102 4.70 -17.18 -45.88
C ILE C 102 4.89 -15.86 -45.14
N LYS C 103 3.87 -15.02 -45.16
CA LYS C 103 3.93 -13.79 -44.40
C LYS C 103 3.33 -14.00 -43.02
N VAL C 104 3.68 -13.11 -42.08
CA VAL C 104 3.22 -13.23 -40.69
C VAL C 104 2.60 -11.94 -40.20
N ILE C 105 1.37 -12.01 -39.67
CA ILE C 105 0.77 -10.85 -39.06
C ILE C 105 0.48 -11.11 -37.58
N MET C 106 0.45 -10.03 -36.80
CA MET C 106 0.27 -10.14 -35.35
C MET C 106 -1.02 -9.50 -34.90
N ASP C 107 -1.48 -9.87 -33.72
CA ASP C 107 -2.62 -9.22 -33.12
C ASP C 107 -2.21 -7.91 -32.45
N LEU C 108 -2.85 -6.81 -32.80
CA LEU C 108 -2.58 -5.54 -32.13
C LEU C 108 -3.75 -5.16 -31.24
N VAL C 109 -3.50 -5.14 -29.93
CA VAL C 109 -4.54 -4.81 -28.97
C VAL C 109 -4.27 -3.42 -28.38
N VAL C 110 -4.94 -2.39 -28.90
CA VAL C 110 -4.60 -1.03 -28.48
C VAL C 110 -5.78 -0.16 -28.10
N ASN C 111 -6.93 -0.78 -27.82
CA ASN C 111 -8.03 -0.03 -27.25
C ASN C 111 -7.79 0.13 -25.75
N HIS C 112 -6.93 -0.74 -25.23
CA HIS C 112 -6.73 -0.84 -23.81
C HIS C 112 -5.45 -1.59 -23.55
N THR C 113 -4.92 -1.46 -22.34
CA THR C 113 -3.71 -2.18 -21.95
C THR C 113 -4.01 -2.82 -20.61
N SER C 114 -3.15 -3.72 -20.15
CA SER C 114 -3.28 -4.21 -18.78
C SER C 114 -3.15 -3.05 -17.78
N THR C 115 -3.70 -3.22 -16.59
CA THR C 115 -3.48 -2.24 -15.53
C THR C 115 -2.10 -2.42 -14.91
N GLU C 116 -1.41 -3.48 -15.31
CA GLU C 116 -0.03 -3.70 -14.92
C GLU C 116 0.91 -3.13 -15.97
N HIS C 117 0.37 -2.39 -16.94
CA HIS C 117 1.24 -1.67 -17.87
C HIS C 117 1.87 -0.47 -17.15
N ARG C 118 3.14 -0.21 -17.47
CA ARG C 118 3.88 0.91 -16.93
C ARG C 118 3.07 2.21 -16.99
N TRP C 119 2.51 2.49 -18.16
CA TRP C 119 1.69 3.70 -18.36
C TRP C 119 0.55 3.79 -17.36
N PHE C 120 -0.05 2.65 -17.00
CA PHE C 120 -1.16 2.69 -16.06
C PHE C 120 -0.70 2.78 -14.61
N LYS C 121 0.42 2.13 -14.30
CA LYS C 121 0.96 2.23 -12.96
C LYS C 121 1.23 3.71 -12.67
N GLU C 122 2.00 4.33 -13.56
CA GLU C 122 2.23 5.76 -13.52
C GLU C 122 0.93 6.57 -13.45
N ALA C 123 0.02 6.34 -14.42
CA ALA C 123 -1.20 7.13 -14.49
C ALA C 123 -2.03 7.13 -13.19
N ALA C 124 -2.15 5.97 -12.56
CA ALA C 124 -3.02 5.86 -11.38
C ALA C 124 -2.41 6.49 -10.14
N SER C 125 -1.11 6.74 -10.17
CA SER C 125 -0.36 7.17 -9.00
C SER C 125 -0.49 8.66 -8.63
N GLY C 126 -1.61 9.28 -9.01
CA GLY C 126 -1.82 10.70 -8.76
C GLY C 126 -2.41 11.46 -9.94
N LYS C 127 -3.36 12.34 -9.66
CA LYS C 127 -4.03 13.15 -10.69
C LYS C 127 -3.07 13.99 -11.52
N GLU C 128 -1.83 14.13 -11.03
CA GLU C 128 -0.87 15.03 -11.64
C GLU C 128 0.33 14.29 -12.20
N ASN C 129 0.17 13.03 -12.56
CA ASN C 129 1.26 12.29 -13.19
C ASN C 129 1.36 12.65 -14.68
N LEU C 130 2.55 12.50 -15.25
CA LEU C 130 2.76 12.74 -16.66
C LEU C 130 1.82 11.86 -17.49
N TYR C 131 1.68 10.60 -17.08
CA TYR C 131 0.91 9.62 -17.82
C TYR C 131 -0.58 9.59 -17.51
N ARG C 132 -1.04 10.48 -16.64
CA ARG C 132 -2.43 10.44 -16.18
C ARG C 132 -3.45 10.37 -17.31
N ASP C 133 -3.28 11.18 -18.33
CA ASP C 133 -4.31 11.28 -19.36
C ASP C 133 -4.18 10.24 -20.48
N PHE C 134 -3.28 9.27 -20.30
CA PHE C 134 -3.19 8.13 -21.19
C PHE C 134 -4.45 7.28 -21.09
N TYR C 135 -5.18 7.41 -19.98
CA TYR C 135 -6.42 6.69 -19.78
C TYR C 135 -7.58 7.63 -19.58
N ILE C 136 -8.76 7.07 -19.33
CA ILE C 136 -9.98 7.85 -19.28
C ILE C 136 -10.48 7.97 -17.85
N TRP C 137 -10.28 9.14 -17.23
CA TRP C 137 -10.68 9.38 -15.83
C TRP C 137 -11.82 10.37 -15.71
N LYS C 138 -12.85 9.97 -14.98
CA LYS C 138 -14.01 10.82 -14.73
C LYS C 138 -14.34 10.84 -13.24
N ASP C 139 -14.81 11.99 -12.76
CA ASP C 139 -15.23 12.12 -11.37
C ASP C 139 -16.54 11.40 -11.12
N MET C 140 -16.80 11.08 -9.85
CA MET C 140 -18.05 10.46 -9.45
C MET C 140 -19.20 11.46 -9.62
N LYS C 141 -20.42 10.94 -9.76
CA LYS C 141 -21.59 11.81 -9.73
C LYS C 141 -21.92 12.18 -8.28
N PRO C 142 -22.32 13.46 -8.05
CA PRO C 142 -22.80 13.96 -6.76
C PRO C 142 -23.80 13.01 -6.10
N ASN C 143 -24.60 12.35 -6.95
CA ASN C 143 -25.53 11.33 -6.50
C ASN C 143 -24.88 9.97 -6.28
N GLY C 144 -23.57 9.95 -6.08
CA GLY C 144 -22.83 8.73 -5.77
C GLY C 144 -22.63 7.75 -6.91
N ALA C 145 -23.51 7.81 -7.91
CA ALA C 145 -23.49 6.88 -9.05
C ALA C 145 -22.26 7.07 -9.93
N PRO C 146 -21.91 6.03 -10.73
CA PRO C 146 -20.78 6.13 -11.65
C PRO C 146 -20.95 7.27 -12.67
N PRO C 147 -19.84 7.79 -13.21
CA PRO C 147 -19.88 8.94 -14.14
C PRO C 147 -20.81 8.73 -15.33
N THR C 148 -20.95 7.48 -15.81
CA THR C 148 -22.02 7.12 -16.74
C THR C 148 -22.64 5.78 -16.40
N ASN C 149 -23.83 5.50 -16.94
CA ASN C 149 -24.50 4.22 -16.72
C ASN C 149 -24.06 3.14 -17.71
N TRP C 150 -22.91 3.35 -18.34
CA TRP C 150 -22.37 2.41 -19.33
C TRP C 150 -21.96 1.08 -18.70
N GLU C 151 -22.36 -0.03 -19.31
CA GLU C 151 -21.96 -1.36 -18.85
C GLU C 151 -20.69 -1.87 -19.53
N SER C 152 -19.86 -2.56 -18.76
CA SER C 152 -18.74 -3.30 -19.31
C SER C 152 -19.24 -4.53 -20.07
N LYS C 153 -18.47 -4.95 -21.07
CA LYS C 153 -18.84 -6.12 -21.87
C LYS C 153 -18.67 -7.42 -21.09
N PHE C 154 -18.11 -7.32 -19.89
CA PHE C 154 -17.95 -8.48 -19.02
C PHE C 154 -19.03 -8.50 -17.94
N GLY C 155 -19.86 -7.47 -17.90
CA GLY C 155 -20.94 -7.39 -16.93
C GLY C 155 -20.70 -6.31 -15.88
N GLY C 156 -21.76 -5.59 -15.56
CA GLY C 156 -21.69 -4.56 -14.54
C GLY C 156 -21.15 -3.27 -15.12
N SER C 157 -20.89 -2.29 -14.26
CA SER C 157 -20.46 -0.97 -14.71
C SER C 157 -19.14 -0.97 -15.47
N ALA C 158 -19.02 -0.10 -16.47
CA ALA C 158 -17.78 0.04 -17.25
C ALA C 158 -16.78 0.95 -16.56
N TRP C 159 -17.18 1.48 -15.41
CA TRP C 159 -16.34 2.38 -14.64
C TRP C 159 -15.89 1.72 -13.34
N GLU C 160 -14.58 1.75 -13.09
CA GLU C 160 -14.01 1.19 -11.88
C GLU C 160 -13.39 2.31 -11.04
N PHE C 161 -13.79 2.39 -9.77
CA PHE C 161 -13.30 3.45 -8.89
C PHE C 161 -11.86 3.22 -8.39
N HIS C 162 -11.06 4.29 -8.39
CA HIS C 162 -9.71 4.24 -7.87
C HIS C 162 -9.69 5.18 -6.68
N ALA C 163 -10.18 4.69 -5.55
CA ALA C 163 -10.33 5.50 -4.35
C ALA C 163 -9.08 6.33 -4.02
N GLU C 164 -7.90 5.76 -4.28
CA GLU C 164 -6.63 6.44 -4.02
C GLU C 164 -6.55 7.81 -4.70
N SER C 165 -6.62 7.84 -6.03
CA SER C 165 -6.62 9.11 -6.77
C SER C 165 -8.03 9.73 -6.80
N GLY C 166 -9.02 8.96 -6.39
CA GLY C 166 -10.37 9.48 -6.21
C GLY C 166 -11.21 9.61 -7.46
N GLN C 167 -10.78 8.97 -8.55
CA GLN C 167 -11.53 9.01 -9.79
C GLN C 167 -11.74 7.61 -10.36
N TYR C 168 -12.79 7.48 -11.17
CA TYR C 168 -13.07 6.25 -11.91
C TYR C 168 -12.26 6.25 -13.21
N TYR C 169 -11.82 5.07 -13.63
CA TYR C 169 -11.33 4.92 -15.00
C TYR C 169 -12.31 4.07 -15.82
N LEU C 170 -12.23 4.18 -17.14
CA LEU C 170 -13.12 3.42 -18.01
C LEU C 170 -12.50 2.08 -18.35
N HIS C 171 -13.31 1.03 -18.34
CA HIS C 171 -12.93 -0.26 -18.91
C HIS C 171 -14.13 -0.85 -19.62
N LEU C 172 -14.08 -0.90 -20.95
CA LEU C 172 -15.21 -1.46 -21.67
C LEU C 172 -15.16 -2.98 -21.53
N TYR C 173 -13.97 -3.52 -21.33
CA TYR C 173 -13.77 -4.95 -21.20
C TYR C 173 -13.55 -5.31 -19.75
N ASP C 174 -12.57 -6.16 -19.45
CA ASP C 174 -12.42 -6.60 -18.06
C ASP C 174 -11.91 -5.48 -17.17
N VAL C 175 -12.11 -5.63 -15.85
CA VAL C 175 -11.76 -4.59 -14.89
C VAL C 175 -10.28 -4.22 -15.01
N THR C 176 -9.47 -5.19 -15.41
CA THR C 176 -8.03 -5.03 -15.45
C THR C 176 -7.55 -4.64 -16.85
N GLN C 177 -8.47 -4.22 -17.70
CA GLN C 177 -8.16 -3.73 -19.05
C GLN C 177 -8.67 -2.30 -19.16
N ALA C 178 -7.79 -1.34 -18.90
CA ALA C 178 -8.17 0.06 -18.89
C ALA C 178 -8.06 0.69 -20.27
N ASP C 179 -9.12 1.35 -20.72
CA ASP C 179 -9.17 1.97 -22.04
C ASP C 179 -8.18 3.10 -22.19
N LEU C 180 -7.36 3.04 -23.23
CA LEU C 180 -6.47 4.13 -23.58
C LEU C 180 -7.27 5.35 -24.02
N ASN C 181 -6.67 6.54 -23.88
CA ASN C 181 -7.33 7.78 -24.27
C ASN C 181 -6.81 8.22 -25.64
N TRP C 182 -7.49 7.80 -26.70
CA TRP C 182 -7.02 8.07 -28.05
C TRP C 182 -7.07 9.57 -28.45
N GLU C 183 -7.73 10.37 -27.63
CA GLU C 183 -7.76 11.82 -27.80
C GLU C 183 -6.42 12.47 -27.50
N ASN C 184 -5.56 11.73 -26.82
CA ASN C 184 -4.24 12.22 -26.46
C ASN C 184 -3.19 11.75 -27.48
N GLU C 185 -2.54 12.71 -28.13
CA GLU C 185 -1.56 12.42 -29.17
C GLU C 185 -0.31 11.72 -28.66
N ALA C 186 -0.01 11.88 -27.38
CA ALA C 186 1.15 11.20 -26.83
C ALA C 186 0.91 9.70 -26.84
N VAL C 187 -0.36 9.32 -26.70
CA VAL C 187 -0.74 7.90 -26.76
C VAL C 187 -0.58 7.38 -28.17
N ARG C 188 -1.24 8.04 -29.12
CA ARG C 188 -1.23 7.64 -30.52
C ARG C 188 0.19 7.53 -31.03
N LYS C 189 1.04 8.50 -30.67
CA LYS C 189 2.43 8.50 -31.09
C LYS C 189 3.23 7.33 -30.50
N LYS C 190 2.95 6.96 -29.26
CA LYS C 190 3.68 5.85 -28.67
C LYS C 190 3.22 4.51 -29.28
N VAL C 191 1.93 4.41 -29.58
CA VAL C 191 1.38 3.25 -30.28
C VAL C 191 2.10 3.12 -31.61
N TYR C 192 2.12 4.21 -32.38
CA TYR C 192 2.76 4.22 -33.69
C TYR C 192 4.22 3.81 -33.60
N GLU C 193 4.92 4.27 -32.56
CA GLU C 193 6.31 3.88 -32.32
C GLU C 193 6.47 2.38 -32.15
N MET C 194 5.61 1.80 -31.33
CA MET C 194 5.63 0.37 -31.10
C MET C 194 5.34 -0.42 -32.40
N MET C 195 4.41 0.07 -33.21
CA MET C 195 4.06 -0.60 -34.45
C MET C 195 5.24 -0.60 -35.43
N HIS C 196 5.95 0.51 -35.50
CA HIS C 196 7.16 0.59 -36.33
C HIS C 196 8.18 -0.44 -35.87
N PHE C 197 8.32 -0.59 -34.56
CA PHE C 197 9.22 -1.57 -33.96
C PHE C 197 8.96 -2.95 -34.54
N TRP C 198 7.70 -3.37 -34.53
CA TRP C 198 7.38 -4.70 -35.07
C TRP C 198 7.58 -4.80 -36.59
N PHE C 199 7.15 -3.78 -37.33
CA PHE C 199 7.32 -3.82 -38.77
C PHE C 199 8.79 -3.88 -39.12
N GLU C 200 9.61 -3.23 -38.31
CA GLU C 200 11.06 -3.20 -38.53
C GLU C 200 11.66 -4.59 -38.36
N LYS C 201 11.12 -5.35 -37.42
CA LYS C 201 11.57 -6.72 -37.20
C LYS C 201 11.25 -7.60 -38.39
N GLY C 202 10.18 -7.24 -39.11
CA GLY C 202 9.85 -7.93 -40.33
C GLY C 202 8.44 -8.47 -40.47
N ILE C 203 7.55 -8.18 -39.51
CA ILE C 203 6.19 -8.69 -39.61
C ILE C 203 5.48 -8.02 -40.77
N ASP C 204 4.42 -8.64 -41.26
CA ASP C 204 3.81 -8.17 -42.49
C ASP C 204 2.49 -7.49 -42.27
N GLY C 205 2.10 -7.35 -41.02
CA GLY C 205 0.89 -6.64 -40.73
C GLY C 205 0.27 -6.96 -39.39
N PHE C 206 -0.91 -6.42 -39.17
CA PHE C 206 -1.57 -6.55 -37.89
C PHE C 206 -3.04 -6.83 -38.07
N ARG C 207 -3.57 -7.67 -37.19
CA ARG C 207 -5.00 -7.65 -36.97
C ARG C 207 -5.32 -6.78 -35.77
N LEU C 208 -6.18 -5.77 -35.97
CA LEU C 208 -6.45 -4.79 -34.93
C LEU C 208 -7.66 -5.17 -34.10
N ASP C 209 -7.41 -5.58 -32.87
CA ASP C 209 -8.41 -6.01 -31.88
C ASP C 209 -9.44 -4.91 -31.55
N VAL C 210 -10.72 -5.27 -31.60
CA VAL C 210 -11.84 -4.37 -31.29
C VAL C 210 -11.58 -2.90 -31.62
N ILE C 211 -11.06 -2.65 -32.82
CA ILE C 211 -10.50 -1.35 -33.11
C ILE C 211 -11.55 -0.24 -33.26
N ASN C 212 -12.81 -0.60 -33.47
CA ASN C 212 -13.83 0.43 -33.68
C ASN C 212 -14.42 1.02 -32.41
N VAL C 213 -13.85 0.68 -31.27
CA VAL C 213 -14.33 1.29 -30.04
C VAL C 213 -13.32 2.26 -29.44
N ILE C 214 -12.30 2.67 -30.21
CA ILE C 214 -11.29 3.56 -29.65
C ILE C 214 -11.77 5.01 -29.50
N SER C 215 -12.79 5.41 -30.25
CA SER C 215 -13.27 6.78 -30.18
C SER C 215 -14.58 6.91 -29.39
N LYS C 216 -14.52 7.64 -28.27
CA LYS C 216 -15.67 7.80 -27.39
C LYS C 216 -16.34 9.17 -27.55
N ASP C 217 -17.66 9.20 -27.40
CA ASP C 217 -18.40 10.46 -27.41
C ASP C 217 -17.96 11.24 -26.18
N GLN C 218 -17.25 12.34 -26.42
CA GLN C 218 -16.55 13.05 -25.35
C GLN C 218 -17.45 13.70 -24.32
N ARG C 219 -18.73 13.83 -24.61
CA ARG C 219 -19.67 14.43 -23.66
C ARG C 219 -20.27 13.38 -22.73
N PHE C 220 -19.81 12.14 -22.89
CA PHE C 220 -20.19 10.99 -22.05
C PHE C 220 -21.64 10.93 -21.55
N PRO C 221 -22.61 10.98 -22.46
CA PRO C 221 -23.99 11.00 -21.98
C PRO C 221 -24.47 9.61 -21.57
N ASP C 222 -25.49 9.58 -20.71
CA ASP C 222 -26.06 8.32 -20.26
C ASP C 222 -26.93 7.68 -21.33
N ASP C 223 -27.16 6.38 -21.19
CA ASP C 223 -28.02 5.66 -22.12
C ASP C 223 -29.31 5.26 -21.43
N ASP C 224 -30.42 5.82 -21.88
CA ASP C 224 -31.74 5.54 -21.31
C ASP C 224 -32.34 4.27 -21.89
N GLU C 225 -31.49 3.47 -22.52
CA GLU C 225 -31.93 2.27 -23.18
C GLU C 225 -30.80 1.23 -23.13
N GLY C 226 -29.69 1.62 -22.52
CA GLY C 226 -28.52 0.75 -22.37
C GLY C 226 -27.91 0.38 -23.71
N ASP C 227 -26.68 -0.13 -23.70
CA ASP C 227 -25.86 -0.28 -22.51
C ASP C 227 -24.64 0.63 -22.61
N GLY C 228 -24.75 1.64 -23.45
CA GLY C 228 -23.68 2.62 -23.66
C GLY C 228 -22.99 2.53 -25.01
N ARG C 229 -23.19 1.43 -25.72
CA ARG C 229 -22.41 1.16 -26.93
C ARG C 229 -22.58 2.17 -28.08
N ARG C 230 -23.74 2.81 -28.17
CA ARG C 230 -23.99 3.83 -29.20
C ARG C 230 -23.01 5.02 -29.11
N PHE C 231 -22.40 5.18 -27.94
CA PHE C 231 -21.53 6.33 -27.67
C PHE C 231 -20.05 6.04 -27.82
N TYR C 232 -19.69 4.80 -28.14
CA TYR C 232 -18.28 4.49 -28.35
C TYR C 232 -18.01 3.55 -29.52
N THR C 233 -19.06 3.00 -30.09
CA THR C 233 -18.89 2.11 -31.23
C THR C 233 -18.98 2.90 -32.54
N ASP C 234 -17.90 2.84 -33.33
CA ASP C 234 -17.79 3.61 -34.55
C ASP C 234 -17.99 5.09 -34.23
N GLY C 235 -17.25 5.57 -33.22
CA GLY C 235 -17.37 6.94 -32.75
C GLY C 235 -16.86 8.02 -33.70
N PRO C 236 -16.95 9.29 -33.27
CA PRO C 236 -16.67 10.49 -34.09
C PRO C 236 -15.30 10.54 -34.75
N ARG C 237 -14.27 10.03 -34.10
CA ARG C 237 -12.92 10.13 -34.66
C ARG C 237 -12.27 8.79 -35.07
N VAL C 238 -13.05 7.72 -35.19
CA VAL C 238 -12.44 6.44 -35.50
C VAL C 238 -11.75 6.51 -36.84
N HIS C 239 -12.49 6.95 -37.85
CA HIS C 239 -11.92 7.04 -39.19
C HIS C 239 -10.73 7.97 -39.24
N GLU C 240 -10.83 9.13 -38.61
CA GLU C 240 -9.69 10.03 -38.51
C GLU C 240 -8.48 9.30 -37.95
N PHE C 241 -8.66 8.63 -36.81
CA PHE C 241 -7.57 7.91 -36.14
C PHE C 241 -6.97 6.81 -37.00
N LEU C 242 -7.83 6.02 -37.62
CA LEU C 242 -7.37 4.92 -38.45
C LEU C 242 -6.62 5.45 -39.69
N ASN C 243 -7.10 6.55 -40.24
CA ASN C 243 -6.43 7.15 -41.39
C ASN C 243 -5.06 7.70 -40.99
N GLU C 244 -4.98 8.25 -39.78
CA GLU C 244 -3.72 8.74 -39.25
C GLU C 244 -2.72 7.61 -39.11
N MET C 245 -3.22 6.49 -38.61
CA MET C 245 -2.38 5.31 -38.37
C MET C 245 -1.81 4.78 -39.68
N ASN C 246 -2.65 4.81 -40.70
CA ASN C 246 -2.26 4.38 -42.02
C ASN C 246 -1.16 5.31 -42.56
N ARG C 247 -1.42 6.61 -42.49
CA ARG C 247 -0.44 7.59 -42.97
C ARG C 247 0.87 7.50 -42.20
N GLU C 248 0.79 7.41 -40.87
CA GLU C 248 2.00 7.37 -40.04
C GLU C 248 2.75 6.03 -40.10
N VAL C 249 2.02 4.93 -40.18
CA VAL C 249 2.64 3.61 -40.09
C VAL C 249 2.45 2.72 -41.34
N PHE C 250 1.23 2.24 -41.56
CA PHE C 250 0.97 1.26 -42.63
C PHE C 250 1.49 1.66 -44.01
N SER C 251 1.36 2.93 -44.35
CA SER C 251 1.81 3.40 -45.66
C SER C 251 3.31 3.18 -45.97
N LYS C 252 4.12 2.92 -44.95
CA LYS C 252 5.57 2.75 -45.19
C LYS C 252 6.00 1.29 -45.34
N TYR C 253 5.04 0.39 -45.46
CA TYR C 253 5.36 -1.03 -45.49
C TYR C 253 4.46 -1.77 -46.46
N ASP C 254 4.96 -2.87 -47.00
CA ASP C 254 4.17 -3.76 -47.83
C ASP C 254 3.35 -4.65 -46.89
N SER C 255 2.22 -4.12 -46.44
CA SER C 255 1.53 -4.67 -45.29
C SER C 255 0.10 -5.09 -45.59
N MET C 256 -0.45 -5.90 -44.70
CA MET C 256 -1.88 -6.20 -44.70
C MET C 256 -2.41 -5.85 -43.33
N THR C 257 -3.54 -5.17 -43.27
CA THR C 257 -4.19 -4.88 -42.00
C THR C 257 -5.64 -5.33 -42.00
N VAL C 258 -6.07 -5.98 -40.91
CA VAL C 258 -7.44 -6.40 -40.81
C VAL C 258 -8.02 -5.92 -39.48
N GLY C 259 -9.16 -5.25 -39.54
CA GLY C 259 -9.76 -4.74 -38.32
C GLY C 259 -10.81 -5.70 -37.78
N GLU C 260 -10.78 -5.94 -36.47
CA GLU C 260 -11.85 -6.69 -35.84
C GLU C 260 -12.91 -5.73 -35.31
N MET C 261 -14.14 -5.89 -35.80
CA MET C 261 -15.21 -4.97 -35.47
C MET C 261 -16.08 -5.47 -34.35
N SER C 262 -16.51 -4.55 -33.52
CA SER C 262 -17.47 -4.89 -32.48
C SER C 262 -18.77 -4.25 -32.91
N SER C 263 -19.83 -5.07 -33.03
CA SER C 263 -21.19 -4.59 -33.32
C SER C 263 -21.25 -3.45 -34.34
N THR C 264 -20.63 -3.61 -35.50
CA THR C 264 -20.51 -2.49 -36.41
C THR C 264 -21.61 -2.47 -37.43
N THR C 265 -21.48 -1.64 -38.46
CA THR C 265 -22.46 -1.64 -39.54
C THR C 265 -21.76 -1.65 -40.91
N ILE C 266 -22.50 -1.99 -41.96
CA ILE C 266 -21.89 -2.14 -43.26
C ILE C 266 -21.41 -0.79 -43.78
N ALA C 267 -22.24 0.23 -43.59
CA ALA C 267 -21.90 1.59 -44.06
C ALA C 267 -20.54 1.99 -43.49
N ASP C 268 -20.32 1.69 -42.21
CA ASP C 268 -19.06 1.99 -41.58
C ASP C 268 -17.92 1.11 -42.11
N CYS C 269 -18.23 -0.16 -42.37
CA CYS C 269 -17.19 -1.06 -42.83
C CYS C 269 -16.74 -0.72 -44.24
N ILE C 270 -17.64 -0.14 -45.04
CA ILE C 270 -17.26 0.36 -46.37
C ILE C 270 -16.23 1.47 -46.23
N ARG C 271 -16.46 2.37 -45.28
CA ARG C 271 -15.51 3.44 -44.96
C ARG C 271 -14.17 2.93 -44.45
N TYR C 272 -14.20 1.95 -43.56
CA TYR C 272 -12.96 1.40 -43.02
C TYR C 272 -12.08 0.77 -44.10
N THR C 273 -12.69 0.17 -45.12
CA THR C 273 -11.94 -0.71 -46.02
C THR C 273 -11.84 -0.20 -47.46
N ASN C 274 -12.67 0.75 -47.84
CA ASN C 274 -12.50 1.37 -49.16
C ASN C 274 -11.08 1.89 -49.27
N PRO C 275 -10.38 1.52 -50.35
CA PRO C 275 -8.97 1.92 -50.46
C PRO C 275 -8.77 3.44 -50.45
N GLU C 276 -9.74 4.19 -50.96
CA GLU C 276 -9.56 5.64 -51.07
C GLU C 276 -9.61 6.26 -49.68
N SER C 277 -10.12 5.52 -48.69
CA SER C 277 -10.12 5.95 -47.30
C SER C 277 -8.73 5.87 -46.68
N ARG C 278 -7.91 4.97 -47.19
CA ARG C 278 -6.59 4.69 -46.62
C ARG C 278 -6.68 4.51 -45.10
N GLU C 279 -7.55 3.59 -44.68
CA GLU C 279 -7.62 3.19 -43.29
C GLU C 279 -7.12 1.75 -43.14
N LEU C 280 -8.04 0.79 -43.26
CA LEU C 280 -7.67 -0.63 -43.15
C LEU C 280 -7.93 -1.35 -44.45
N ASP C 281 -7.29 -2.50 -44.64
CA ASP C 281 -7.47 -3.29 -45.85
C ASP C 281 -8.76 -4.11 -45.86
N MET C 282 -9.15 -4.63 -44.70
CA MET C 282 -10.34 -5.48 -44.63
C MET C 282 -10.78 -5.54 -43.17
N VAL C 283 -11.97 -6.07 -42.93
CA VAL C 283 -12.55 -6.18 -41.58
C VAL C 283 -13.26 -7.50 -41.33
N PHE C 284 -13.18 -7.96 -40.08
CA PHE C 284 -14.05 -9.01 -39.57
C PHE C 284 -15.34 -8.40 -39.03
N ASN C 285 -16.48 -8.98 -39.36
CA ASN C 285 -17.67 -8.73 -38.56
C ASN C 285 -18.26 -10.08 -38.16
N PHE C 286 -19.10 -10.08 -37.13
CA PHE C 286 -19.49 -11.33 -36.49
C PHE C 286 -20.97 -11.63 -36.58
N HIS C 287 -21.70 -10.90 -37.43
CA HIS C 287 -23.14 -11.11 -37.54
C HIS C 287 -23.51 -12.54 -37.95
N HIS C 288 -22.69 -13.15 -38.79
CA HIS C 288 -23.04 -14.45 -39.33
C HIS C 288 -22.83 -15.52 -38.26
N LEU C 289 -22.03 -15.17 -37.27
CA LEU C 289 -21.73 -16.06 -36.15
C LEU C 289 -22.64 -15.76 -34.98
N LYS C 290 -23.75 -15.09 -35.23
CA LYS C 290 -24.79 -14.89 -34.22
C LYS C 290 -26.11 -15.46 -34.73
N ALA C 291 -26.05 -16.20 -35.83
CA ALA C 291 -27.27 -16.69 -36.46
C ALA C 291 -27.97 -17.77 -35.65
N ASP C 292 -27.26 -18.38 -34.70
CA ASP C 292 -27.88 -19.41 -33.87
C ASP C 292 -28.22 -18.93 -32.45
N TYR C 293 -28.11 -17.62 -32.21
CA TYR C 293 -28.45 -17.03 -30.93
C TYR C 293 -29.96 -16.78 -30.90
N PRO C 294 -30.71 -17.48 -30.02
CA PRO C 294 -32.14 -17.18 -29.93
C PRO C 294 -32.35 -15.86 -29.20
N ASN C 295 -32.92 -14.88 -29.90
CA ASN C 295 -33.22 -13.58 -29.29
C ASN C 295 -32.00 -12.83 -28.76
N GLY C 296 -30.85 -13.04 -29.39
CA GLY C 296 -29.63 -12.39 -28.94
C GLY C 296 -28.99 -12.96 -27.67
N GLU C 297 -29.52 -14.06 -27.14
CA GLU C 297 -28.95 -14.66 -25.94
C GLU C 297 -27.77 -15.52 -26.33
N LYS C 298 -26.56 -15.14 -25.92
CA LYS C 298 -25.34 -15.75 -26.44
C LYS C 298 -24.96 -17.11 -25.84
N TRP C 299 -25.53 -17.48 -24.69
CA TRP C 299 -25.25 -18.77 -24.11
C TRP C 299 -26.41 -19.75 -24.27
N ALA C 300 -27.46 -19.36 -24.99
CA ALA C 300 -28.66 -20.18 -25.08
C ALA C 300 -28.64 -21.18 -26.26
N LEU C 301 -29.21 -22.37 -26.04
CA LEU C 301 -29.32 -23.37 -27.10
C LEU C 301 -30.42 -23.03 -28.10
N ALA C 302 -30.09 -23.17 -29.38
CA ALA C 302 -31.04 -23.00 -30.48
C ALA C 302 -30.40 -23.50 -31.77
N ASP C 303 -31.22 -23.79 -32.78
CA ASP C 303 -30.74 -24.20 -34.11
C ASP C 303 -30.45 -22.96 -34.90
N PHE C 304 -29.55 -23.02 -35.87
CA PHE C 304 -29.27 -21.81 -36.62
C PHE C 304 -30.44 -21.40 -37.49
N ASP C 305 -30.63 -20.09 -37.61
CA ASP C 305 -31.64 -19.52 -38.48
C ASP C 305 -31.00 -19.40 -39.85
N PHE C 306 -31.30 -20.36 -40.71
CA PHE C 306 -30.61 -20.50 -41.99
C PHE C 306 -30.88 -19.33 -42.90
N LEU C 307 -32.16 -18.94 -43.03
CA LEU C 307 -32.51 -17.86 -43.93
C LEU C 307 -31.89 -16.54 -43.50
N LYS C 308 -31.79 -16.35 -42.18
CA LYS C 308 -31.13 -15.17 -41.65
C LYS C 308 -29.61 -15.19 -41.94
N LEU C 309 -28.99 -16.36 -41.82
CA LEU C 309 -27.58 -16.53 -42.16
C LEU C 309 -27.33 -16.15 -43.62
N LYS C 310 -28.16 -16.67 -44.51
CA LYS C 310 -28.02 -16.38 -45.93
C LYS C 310 -28.16 -14.89 -46.20
N LYS C 311 -29.19 -14.28 -45.60
CA LYS C 311 -29.44 -12.87 -45.77
C LYS C 311 -28.27 -12.04 -45.24
N ILE C 312 -27.67 -12.47 -44.13
CA ILE C 312 -26.53 -11.73 -43.57
C ILE C 312 -25.30 -11.78 -44.47
N LEU C 313 -24.94 -12.97 -44.92
CA LEU C 313 -23.76 -13.11 -45.74
C LEU C 313 -23.98 -12.33 -47.03
N SER C 314 -25.20 -12.38 -47.55
CA SER C 314 -25.52 -11.77 -48.83
C SER C 314 -25.46 -10.24 -48.79
N GLU C 315 -26.02 -9.62 -47.76
CA GLU C 315 -25.93 -8.16 -47.65
C GLU C 315 -24.49 -7.71 -47.48
N TRP C 316 -23.70 -8.41 -46.66
CA TRP C 316 -22.29 -8.06 -46.54
C TRP C 316 -21.51 -8.22 -47.84
N GLN C 317 -21.82 -9.24 -48.62
CA GLN C 317 -21.20 -9.39 -49.93
C GLN C 317 -21.60 -8.24 -50.86
N THR C 318 -22.89 -8.06 -51.07
CA THR C 318 -23.32 -7.14 -52.12
C THR C 318 -23.07 -5.69 -51.75
N GLU C 319 -23.23 -5.34 -50.48
CA GLU C 319 -23.04 -3.93 -50.09
C GLU C 319 -21.58 -3.54 -50.00
N MET C 320 -20.73 -4.47 -49.58
CA MET C 320 -19.30 -4.17 -49.53
C MET C 320 -18.76 -4.09 -50.96
N ASN C 321 -19.22 -5.00 -51.82
CA ASN C 321 -18.87 -4.99 -53.24
C ASN C 321 -19.21 -3.63 -53.90
N LYS C 322 -20.45 -3.16 -53.73
CA LYS C 322 -20.87 -1.87 -54.26
C LYS C 322 -20.03 -0.73 -53.71
N GLY C 323 -19.72 -0.78 -52.42
CA GLY C 323 -19.00 0.30 -51.76
C GLY C 323 -17.49 0.25 -51.91
N GLY C 324 -16.96 -0.79 -52.54
CA GLY C 324 -15.52 -0.92 -52.67
C GLY C 324 -14.81 -1.33 -51.39
N GLY C 325 -15.55 -1.99 -50.50
CA GLY C 325 -14.95 -2.51 -49.27
C GLY C 325 -14.43 -3.93 -49.46
N TRP C 326 -13.87 -4.51 -48.41
CA TRP C 326 -13.33 -5.86 -48.49
C TRP C 326 -13.57 -6.58 -47.17
N ASN C 327 -14.13 -7.79 -47.26
CA ASN C 327 -14.48 -8.60 -46.11
C ASN C 327 -13.38 -9.63 -45.78
N ALA C 328 -13.15 -9.88 -44.50
CA ALA C 328 -12.39 -11.05 -44.11
C ALA C 328 -13.42 -12.18 -44.01
N LEU C 329 -13.11 -13.34 -44.56
CA LEU C 329 -14.10 -14.43 -44.63
C LEU C 329 -13.68 -15.51 -43.65
N PHE C 330 -14.56 -15.92 -42.75
CA PHE C 330 -14.15 -16.87 -41.71
C PHE C 330 -15.36 -17.48 -41.05
N TRP C 331 -15.16 -18.66 -40.46
CA TRP C 331 -16.18 -19.34 -39.68
C TRP C 331 -15.77 -19.49 -38.21
N CYS C 332 -14.47 -19.46 -37.94
CA CYS C 332 -13.95 -19.94 -36.64
C CYS C 332 -12.95 -18.97 -36.05
N ASN C 333 -12.89 -18.95 -34.73
CA ASN C 333 -11.73 -18.44 -34.02
C ASN C 333 -11.71 -19.03 -32.60
N HIS C 334 -10.83 -18.52 -31.75
CA HIS C 334 -10.60 -19.13 -30.45
C HIS C 334 -11.74 -18.88 -29.46
N ASP C 335 -12.69 -18.04 -29.84
CA ASP C 335 -13.84 -17.68 -29.00
C ASP C 335 -15.13 -18.35 -29.46
N GLN C 336 -15.07 -19.05 -30.59
CA GLN C 336 -16.30 -19.54 -31.22
C GLN C 336 -16.32 -21.06 -31.21
N PRO C 337 -17.50 -21.66 -31.37
CA PRO C 337 -17.54 -23.11 -31.55
C PRO C 337 -16.82 -23.53 -32.83
N ARG C 338 -16.27 -24.74 -32.88
CA ARG C 338 -15.79 -25.26 -34.16
C ARG C 338 -16.95 -25.42 -35.15
N ILE C 339 -16.74 -25.02 -36.39
CA ILE C 339 -17.86 -24.80 -37.28
C ILE C 339 -18.55 -26.10 -37.72
N VAL C 340 -17.81 -27.18 -37.88
CA VAL C 340 -18.49 -28.41 -38.29
C VAL C 340 -19.52 -28.84 -37.23
N SER C 341 -19.21 -28.62 -35.96
CA SER C 341 -20.17 -28.96 -34.92
C SER C 341 -21.30 -27.96 -34.88
N ARG C 342 -20.99 -26.71 -35.21
CA ARG C 342 -21.98 -25.64 -35.09
C ARG C 342 -22.99 -25.56 -36.22
N TYR C 343 -22.51 -25.37 -37.44
CA TYR C 343 -23.40 -25.25 -38.59
C TYR C 343 -23.42 -26.50 -39.49
N GLY C 344 -22.48 -27.42 -39.27
CA GLY C 344 -22.46 -28.64 -40.06
C GLY C 344 -22.99 -29.81 -39.23
N ASP C 345 -22.60 -31.01 -39.60
CA ASP C 345 -22.99 -32.23 -38.89
C ASP C 345 -21.73 -32.93 -38.49
N ASP C 346 -21.42 -32.97 -37.20
CA ASP C 346 -20.18 -33.64 -36.81
C ASP C 346 -20.34 -35.16 -36.66
N GLY C 347 -21.51 -35.66 -37.04
CA GLY C 347 -21.83 -37.08 -36.98
C GLY C 347 -21.50 -37.75 -38.29
N LYS C 348 -22.47 -38.42 -38.91
CA LYS C 348 -22.21 -39.12 -40.17
C LYS C 348 -21.54 -38.23 -41.22
N TYR C 349 -22.05 -37.01 -41.38
CA TYR C 349 -21.55 -36.12 -42.44
C TYR C 349 -20.46 -35.13 -42.01
N ARG C 350 -19.62 -35.53 -41.07
CA ARG C 350 -18.53 -34.66 -40.66
C ARG C 350 -17.63 -34.22 -41.82
N LYS C 351 -17.15 -35.16 -42.63
CA LYS C 351 -16.24 -34.79 -43.73
C LYS C 351 -16.99 -33.98 -44.77
N LYS C 352 -18.13 -34.50 -45.22
CA LYS C 352 -18.90 -33.83 -46.25
C LYS C 352 -19.38 -32.43 -45.83
N SER C 353 -19.83 -32.26 -44.59
CA SER C 353 -20.30 -30.96 -44.16
C SER C 353 -19.16 -29.98 -43.89
N ALA C 354 -18.01 -30.46 -43.45
CA ALA C 354 -16.89 -29.56 -43.25
C ALA C 354 -16.44 -29.01 -44.62
N LYS C 355 -16.48 -29.84 -45.65
CA LYS C 355 -16.02 -29.38 -46.98
C LYS C 355 -17.01 -28.39 -47.58
N MET C 356 -18.28 -28.67 -47.36
CA MET C 356 -19.35 -27.80 -47.78
C MET C 356 -19.20 -26.42 -47.15
N LEU C 357 -18.96 -26.40 -45.84
CA LEU C 357 -18.83 -25.13 -45.13
C LEU C 357 -17.62 -24.34 -45.64
N ALA C 358 -16.52 -25.02 -45.91
CA ALA C 358 -15.33 -24.38 -46.43
C ALA C 358 -15.64 -23.76 -47.79
N THR C 359 -16.33 -24.52 -48.65
CA THR C 359 -16.63 -24.06 -50.00
C THR C 359 -17.58 -22.86 -49.98
N ALA C 360 -18.58 -22.96 -49.11
CA ALA C 360 -19.59 -21.95 -49.01
C ALA C 360 -19.01 -20.57 -48.75
N ILE C 361 -18.01 -20.51 -47.87
CA ILE C 361 -17.42 -19.22 -47.46
C ILE C 361 -16.22 -18.83 -48.35
N HIS C 362 -15.43 -19.81 -48.77
CA HIS C 362 -14.29 -19.52 -49.63
C HIS C 362 -14.65 -19.00 -51.03
N MET C 363 -15.83 -19.36 -51.55
CA MET C 363 -16.24 -18.88 -52.88
C MET C 363 -16.95 -17.52 -52.87
N LEU C 364 -17.01 -16.92 -51.69
CA LEU C 364 -17.45 -15.54 -51.51
C LEU C 364 -16.31 -14.55 -51.86
N GLN C 365 -16.65 -13.28 -52.04
CA GLN C 365 -15.62 -12.27 -52.33
C GLN C 365 -15.02 -11.79 -51.02
N GLY C 366 -13.69 -11.82 -50.94
CA GLY C 366 -12.99 -11.40 -49.74
C GLY C 366 -11.75 -12.26 -49.49
N THR C 367 -11.16 -12.14 -48.31
CA THR C 367 -9.96 -12.90 -47.97
C THR C 367 -10.28 -13.93 -46.88
N PRO C 368 -10.08 -15.23 -47.17
CA PRO C 368 -10.42 -16.30 -46.23
C PRO C 368 -9.40 -16.50 -45.12
N TYR C 369 -9.91 -16.87 -43.96
CA TYR C 369 -9.10 -17.19 -42.80
C TYR C 369 -9.46 -18.62 -42.37
N ILE C 370 -8.44 -19.43 -42.15
CA ILE C 370 -8.63 -20.76 -41.63
C ILE C 370 -8.12 -20.81 -40.20
N TYR C 371 -8.92 -21.37 -39.31
CA TYR C 371 -8.50 -21.47 -37.91
C TYR C 371 -7.87 -22.82 -37.67
N GLN C 372 -6.72 -22.86 -37.01
CA GLN C 372 -6.01 -24.12 -36.71
C GLN C 372 -6.99 -25.27 -36.38
N GLY C 373 -6.88 -26.35 -37.12
CA GLY C 373 -7.74 -27.51 -36.91
C GLY C 373 -9.00 -27.55 -37.75
N GLU C 374 -9.46 -26.39 -38.20
CA GLU C 374 -10.62 -26.33 -39.08
C GLU C 374 -10.39 -27.17 -40.35
N GLU C 375 -9.16 -27.20 -40.82
CA GLU C 375 -8.80 -27.96 -42.01
C GLU C 375 -8.80 -29.48 -41.81
N LEU C 376 -8.88 -29.90 -40.55
CA LEU C 376 -8.94 -31.32 -40.21
C LEU C 376 -10.37 -31.70 -39.89
N GLY C 377 -11.27 -30.73 -39.90
CA GLY C 377 -12.61 -30.98 -39.42
C GLY C 377 -12.67 -31.32 -37.93
N MET C 378 -11.81 -30.70 -37.15
CA MET C 378 -11.91 -30.87 -35.70
C MET C 378 -13.28 -30.41 -35.24
N THR C 379 -13.82 -31.11 -34.23
CA THR C 379 -15.17 -30.88 -33.77
C THR C 379 -15.10 -30.23 -32.38
N ASN C 380 -16.23 -29.77 -31.87
CA ASN C 380 -16.31 -29.41 -30.45
C ASN C 380 -15.94 -30.64 -29.64
N PRO C 381 -15.29 -30.46 -28.49
CA PRO C 381 -14.75 -31.65 -27.83
C PRO C 381 -15.77 -32.49 -27.04
N LYS C 382 -16.93 -31.92 -26.72
CA LYS C 382 -17.99 -32.64 -26.01
C LYS C 382 -17.51 -33.13 -24.65
N PHE C 383 -16.79 -32.28 -23.92
CA PHE C 383 -16.35 -32.57 -22.57
C PHE C 383 -17.59 -32.75 -21.67
N ASP C 384 -17.73 -33.91 -21.05
CA ASP C 384 -18.95 -34.18 -20.28
C ASP C 384 -18.79 -33.99 -18.77
N ASP C 385 -17.73 -33.32 -18.33
CA ASP C 385 -17.54 -33.08 -16.90
C ASP C 385 -16.91 -31.70 -16.66
N ILE C 386 -17.36 -31.00 -15.62
CA ILE C 386 -16.87 -29.64 -15.35
C ILE C 386 -15.35 -29.57 -15.15
N SER C 387 -14.75 -30.69 -14.73
CA SER C 387 -13.32 -30.70 -14.43
C SER C 387 -12.46 -30.60 -15.69
N LEU C 388 -13.06 -30.89 -16.85
CA LEU C 388 -12.35 -30.77 -18.12
C LEU C 388 -12.27 -29.34 -18.68
N TYR C 389 -13.11 -28.45 -18.17
CA TYR C 389 -13.19 -27.09 -18.69
C TYR C 389 -12.14 -26.19 -18.07
N ARG C 390 -11.83 -25.07 -18.72
CA ARG C 390 -10.77 -24.18 -18.25
C ARG C 390 -11.20 -22.73 -18.27
N ASP C 391 -11.95 -22.35 -19.30
CA ASP C 391 -12.48 -21.00 -19.49
C ASP C 391 -13.19 -20.52 -18.22
N VAL C 392 -12.70 -19.43 -17.64
CA VAL C 392 -13.28 -18.88 -16.43
C VAL C 392 -14.77 -18.58 -16.57
N GLU C 393 -15.20 -18.12 -17.75
CA GLU C 393 -16.60 -17.84 -17.99
C GLU C 393 -17.48 -19.11 -17.95
N SER C 394 -16.96 -20.20 -18.52
CA SER C 394 -17.63 -21.49 -18.45
C SER C 394 -17.73 -22.01 -17.01
N LEU C 395 -16.66 -21.83 -16.24
CA LEU C 395 -16.62 -22.29 -14.86
C LEU C 395 -17.63 -21.49 -14.04
N ASN C 396 -17.68 -20.19 -14.28
CA ASN C 396 -18.63 -19.33 -13.57
C ASN C 396 -20.06 -19.67 -13.97
N MET C 397 -20.26 -19.93 -15.25
CA MET C 397 -21.58 -20.25 -15.76
C MET C 397 -22.10 -21.54 -15.14
N TYR C 398 -21.21 -22.51 -15.00
CA TYR C 398 -21.55 -23.78 -14.37
C TYR C 398 -21.97 -23.54 -12.92
N ARG C 399 -21.16 -22.81 -12.18
CA ARG C 399 -21.45 -22.51 -10.77
C ARG C 399 -22.82 -21.87 -10.58
N ILE C 400 -23.07 -20.81 -11.35
CA ILE C 400 -24.32 -20.08 -11.27
C ILE C 400 -25.54 -20.92 -11.66
N LEU C 401 -25.49 -21.61 -12.80
CA LEU C 401 -26.62 -22.44 -13.20
C LEU C 401 -26.88 -23.58 -12.22
N LYS C 402 -25.81 -24.15 -11.68
CA LYS C 402 -25.96 -25.21 -10.67
C LYS C 402 -26.69 -24.68 -9.43
N GLU C 403 -26.27 -23.52 -8.95
CA GLU C 403 -26.91 -22.85 -7.83
C GLU C 403 -28.38 -22.60 -8.07
N ALA C 404 -28.75 -22.26 -9.30
CA ALA C 404 -30.13 -21.96 -9.63
C ALA C 404 -30.95 -23.22 -9.88
N GLY C 405 -30.34 -24.38 -9.71
CA GLY C 405 -31.05 -25.64 -9.79
C GLY C 405 -31.15 -26.33 -11.15
N LYS C 406 -30.40 -25.87 -12.15
CA LYS C 406 -30.41 -26.56 -13.42
C LYS C 406 -29.74 -27.92 -13.27
N PRO C 407 -30.38 -29.00 -13.75
CA PRO C 407 -29.77 -30.34 -13.72
C PRO C 407 -28.39 -30.36 -14.40
N GLU C 408 -27.49 -31.12 -13.80
CA GLU C 408 -26.13 -31.32 -14.26
C GLU C 408 -26.07 -31.55 -15.78
N ALA C 409 -26.90 -32.45 -16.29
CA ALA C 409 -26.90 -32.82 -17.70
C ALA C 409 -27.28 -31.65 -18.61
N GLU C 410 -28.19 -30.81 -18.15
CA GLU C 410 -28.59 -29.67 -18.95
C GLU C 410 -27.48 -28.62 -18.99
N ILE C 411 -26.78 -28.44 -17.88
CA ILE C 411 -25.68 -27.47 -17.84
C ILE C 411 -24.55 -27.88 -18.78
N ILE C 412 -24.19 -29.16 -18.75
CA ILE C 412 -23.16 -29.73 -19.62
C ILE C 412 -23.54 -29.58 -21.09
N GLU C 413 -24.82 -29.79 -21.42
CA GLU C 413 -25.24 -29.61 -22.80
C GLU C 413 -25.03 -28.17 -23.26
N ILE C 414 -25.27 -27.21 -22.36
CA ILE C 414 -24.98 -25.81 -22.66
C ILE C 414 -23.49 -25.58 -22.89
N LEU C 415 -22.66 -26.11 -22.00
CA LEU C 415 -21.21 -25.91 -22.13
C LEU C 415 -20.64 -26.59 -23.37
N LYS C 416 -21.20 -27.73 -23.73
CA LYS C 416 -20.73 -28.48 -24.88
C LYS C 416 -20.93 -27.66 -26.15
N ALA C 417 -22.03 -26.90 -26.22
CA ALA C 417 -22.27 -26.06 -27.39
C ALA C 417 -21.62 -24.68 -27.29
N LYS C 418 -21.41 -24.17 -26.08
CA LYS C 418 -21.11 -22.76 -25.92
C LYS C 418 -19.79 -22.36 -25.26
N SER C 419 -19.16 -23.28 -24.55
CA SER C 419 -17.93 -22.94 -23.82
C SER C 419 -16.87 -22.35 -24.75
N ARG C 420 -16.24 -21.25 -24.32
CA ARG C 420 -15.15 -20.71 -25.11
C ARG C 420 -13.91 -21.60 -25.16
N ASP C 421 -13.94 -22.75 -24.49
CA ASP C 421 -12.85 -23.71 -24.55
C ASP C 421 -12.92 -24.55 -25.82
N ASN C 422 -14.09 -24.57 -26.42
CA ASN C 422 -14.37 -25.58 -27.42
C ASN C 422 -13.45 -25.53 -28.65
N SER C 423 -12.99 -24.34 -29.03
CA SER C 423 -12.05 -24.28 -30.14
C SER C 423 -10.61 -24.13 -29.63
N ARG C 424 -10.41 -24.40 -28.34
CA ARG C 424 -9.09 -24.21 -27.77
C ARG C 424 -8.38 -25.51 -27.40
N THR C 425 -8.97 -26.65 -27.73
CA THR C 425 -8.30 -27.91 -27.42
C THR C 425 -7.10 -28.05 -28.38
N PRO C 426 -6.14 -28.91 -28.04
CA PRO C 426 -4.92 -28.92 -28.84
C PRO C 426 -5.14 -29.38 -30.28
N VAL C 427 -4.42 -28.79 -31.23
CA VAL C 427 -4.45 -29.30 -32.59
C VAL C 427 -4.01 -30.76 -32.59
N GLN C 428 -4.75 -31.60 -33.30
CA GLN C 428 -4.51 -33.03 -33.24
C GLN C 428 -3.64 -33.46 -34.41
N TRP C 429 -2.34 -33.61 -34.12
CA TRP C 429 -1.33 -33.86 -35.14
C TRP C 429 -1.25 -35.32 -35.60
N ASN C 430 -1.39 -36.24 -34.67
CA ASN C 430 -1.30 -37.65 -35.04
C ASN C 430 -2.10 -38.51 -34.09
N GLY C 431 -2.00 -39.83 -34.24
CA GLY C 431 -2.67 -40.74 -33.33
C GLY C 431 -1.85 -41.12 -32.10
N GLU C 432 -0.75 -40.40 -31.85
CA GLU C 432 0.08 -40.71 -30.68
C GLU C 432 -0.58 -40.20 -29.42
N GLU C 433 0.12 -40.29 -28.30
CA GLU C 433 -0.44 -39.82 -27.04
C GLU C 433 -0.66 -38.31 -27.11
N ASN C 434 -1.82 -37.86 -26.65
CA ASN C 434 -2.15 -36.45 -26.67
C ASN C 434 -2.16 -35.90 -28.13
N ALA C 435 -2.53 -36.77 -29.06
CA ALA C 435 -2.50 -36.49 -30.50
C ALA C 435 -1.20 -35.87 -30.99
N GLY C 436 -0.12 -36.10 -30.24
CA GLY C 436 1.18 -35.60 -30.61
C GLY C 436 1.36 -34.12 -30.41
N PHE C 437 0.47 -33.51 -29.63
CA PHE C 437 0.56 -32.08 -29.36
C PHE C 437 1.65 -31.79 -28.36
N THR C 438 1.80 -32.69 -27.39
CA THR C 438 2.78 -32.55 -26.31
C THR C 438 3.27 -33.91 -25.81
N ALA C 439 4.49 -33.92 -25.28
CA ALA C 439 5.06 -35.10 -24.61
C ALA C 439 4.69 -35.06 -23.14
N GLY C 440 4.33 -33.88 -22.65
CA GLY C 440 3.87 -33.72 -21.29
C GLY C 440 2.37 -33.89 -21.17
N THR C 441 1.78 -33.07 -20.30
CA THR C 441 0.35 -33.12 -20.09
C THR C 441 -0.25 -31.79 -20.57
N PRO C 442 -1.19 -31.87 -21.51
CA PRO C 442 -1.75 -30.65 -22.11
C PRO C 442 -2.48 -29.78 -21.10
N TRP C 443 -2.37 -28.46 -21.23
CA TRP C 443 -3.06 -27.53 -20.34
C TRP C 443 -4.58 -27.67 -20.41
N ILE C 444 -5.06 -28.27 -21.50
CA ILE C 444 -6.49 -28.52 -21.68
C ILE C 444 -6.57 -29.89 -22.36
N PRO C 445 -7.58 -30.70 -22.03
CA PRO C 445 -7.59 -32.07 -22.57
C PRO C 445 -7.82 -32.18 -24.06
N VAL C 446 -7.39 -33.31 -24.60
CA VAL C 446 -7.66 -33.71 -25.97
C VAL C 446 -8.79 -34.73 -25.95
N PRO C 447 -9.88 -34.48 -26.69
CA PRO C 447 -10.95 -35.46 -26.74
C PRO C 447 -10.50 -36.75 -27.41
N ASP C 448 -11.26 -37.84 -27.27
CA ASP C 448 -10.85 -39.15 -27.77
C ASP C 448 -10.99 -39.34 -29.29
N ASN C 449 -11.72 -38.45 -29.94
CA ASN C 449 -11.91 -38.56 -31.39
C ASN C 449 -10.59 -38.41 -32.16
N TYR C 450 -9.53 -38.02 -31.47
CA TYR C 450 -8.26 -37.70 -32.09
C TYR C 450 -7.66 -38.88 -32.86
N LYS C 451 -7.98 -40.09 -32.42
CA LYS C 451 -7.53 -41.27 -33.16
C LYS C 451 -8.08 -41.27 -34.59
N GLU C 452 -9.26 -40.73 -34.79
CA GLU C 452 -9.86 -40.66 -36.14
C GLU C 452 -9.66 -39.29 -36.79
N ILE C 453 -9.43 -38.28 -35.98
CA ILE C 453 -9.27 -36.92 -36.49
C ILE C 453 -7.90 -36.35 -36.15
N ASN C 454 -7.02 -36.32 -37.13
CA ASN C 454 -5.67 -35.81 -36.92
C ASN C 454 -4.96 -35.60 -38.25
N ALA C 455 -3.92 -34.76 -38.22
CA ALA C 455 -3.27 -34.29 -39.44
C ALA C 455 -2.64 -35.43 -40.21
N GLU C 456 -2.05 -36.38 -39.49
CA GLU C 456 -1.36 -37.47 -40.15
C GLU C 456 -2.31 -38.30 -40.99
N GLU C 457 -3.47 -38.61 -40.42
CA GLU C 457 -4.50 -39.33 -41.17
C GLU C 457 -5.03 -38.50 -42.35
N ALA C 458 -5.31 -37.22 -42.12
CA ALA C 458 -5.85 -36.39 -43.19
C ALA C 458 -4.88 -36.30 -44.38
N LEU C 459 -3.60 -36.10 -44.09
CA LEU C 459 -2.57 -35.93 -45.12
C LEU C 459 -2.33 -37.18 -45.95
N ASN C 460 -2.81 -38.33 -45.46
CA ASN C 460 -2.60 -39.60 -46.18
C ASN C 460 -3.89 -40.11 -46.79
N ASP C 461 -4.91 -39.26 -46.76
CA ASP C 461 -6.22 -39.54 -47.36
C ASP C 461 -6.49 -38.50 -48.44
N PRO C 462 -6.42 -38.91 -49.72
CA PRO C 462 -6.62 -37.97 -50.82
C PRO C 462 -7.99 -37.31 -50.75
N ASP C 463 -8.94 -37.97 -50.08
CA ASP C 463 -10.30 -37.46 -50.02
C ASP C 463 -10.55 -36.64 -48.75
N SER C 464 -9.48 -36.25 -48.08
CA SER C 464 -9.62 -35.62 -46.76
C SER C 464 -10.11 -34.18 -46.84
N ILE C 465 -10.59 -33.68 -45.70
CA ILE C 465 -10.96 -32.29 -45.56
C ILE C 465 -9.75 -31.38 -45.86
N PHE C 466 -8.59 -31.79 -45.38
CA PHE C 466 -7.37 -31.02 -45.55
C PHE C 466 -7.13 -30.72 -47.04
N TYR C 467 -7.24 -31.74 -47.89
CA TYR C 467 -6.95 -31.55 -49.30
C TYR C 467 -8.03 -30.73 -50.02
N HIS C 468 -9.24 -30.76 -49.48
CA HIS C 468 -10.33 -29.94 -49.98
C HIS C 468 -9.99 -28.47 -49.71
N TYR C 469 -9.53 -28.18 -48.49
CA TYR C 469 -9.11 -26.81 -48.17
C TYR C 469 -7.95 -26.40 -49.06
N LYS C 470 -7.03 -27.32 -49.30
CA LYS C 470 -5.85 -27.00 -50.09
C LYS C 470 -6.28 -26.60 -51.49
N LYS C 471 -7.21 -27.35 -52.06
CA LYS C 471 -7.73 -27.05 -53.38
C LYS C 471 -8.43 -25.70 -53.45
N LEU C 472 -9.32 -25.42 -52.49
CA LEU C 472 -9.98 -24.12 -52.42
C LEU C 472 -8.93 -23.01 -52.37
N ASN C 473 -7.90 -23.21 -51.57
CA ASN C 473 -6.84 -22.21 -51.40
C ASN C 473 -6.10 -21.96 -52.71
N GLU C 474 -5.85 -23.03 -53.45
CA GLU C 474 -5.19 -22.90 -54.75
C GLU C 474 -6.08 -22.33 -55.84
N LEU C 475 -7.36 -22.71 -55.82
CA LEU C 475 -8.32 -22.08 -56.75
C LEU C 475 -8.29 -20.55 -56.71
N ARG C 476 -8.17 -20.01 -55.51
CA ARG C 476 -8.19 -18.56 -55.32
C ARG C 476 -6.98 -17.92 -56.02
N LYS C 477 -5.89 -18.66 -56.10
CA LYS C 477 -4.72 -18.20 -56.84
C LYS C 477 -4.90 -18.37 -58.36
N GLU C 478 -5.69 -19.37 -58.76
CA GLU C 478 -5.71 -19.82 -60.16
C GLU C 478 -6.84 -19.19 -60.99
N PHE C 479 -7.95 -18.90 -60.35
CA PHE C 479 -9.12 -18.36 -61.02
C PHE C 479 -9.47 -16.95 -60.53
N ASP C 480 -9.17 -15.97 -61.36
CA ASP C 480 -9.34 -14.56 -60.99
C ASP C 480 -10.77 -14.22 -60.64
N ILE C 481 -11.74 -14.90 -61.26
CA ILE C 481 -13.15 -14.59 -60.96
C ILE C 481 -13.48 -14.73 -59.46
N ILE C 482 -12.81 -15.63 -58.76
CA ILE C 482 -13.04 -15.73 -57.30
C ILE C 482 -12.75 -14.40 -56.58
N THR C 483 -11.84 -13.63 -57.13
CA THR C 483 -11.51 -12.30 -56.57
C THR C 483 -12.38 -11.19 -57.18
N THR C 484 -12.60 -11.23 -58.49
CA THR C 484 -13.24 -10.08 -59.17
C THR C 484 -14.74 -10.20 -59.47
N GLY C 485 -15.27 -11.42 -59.49
CA GLY C 485 -16.69 -11.61 -59.78
C GLY C 485 -17.59 -10.94 -58.76
N ASP C 486 -18.76 -10.46 -59.18
CA ASP C 486 -19.71 -9.91 -58.21
C ASP C 486 -20.37 -11.06 -57.44
N TYR C 487 -21.31 -10.76 -56.56
CA TYR C 487 -22.01 -11.83 -55.86
C TYR C 487 -23.49 -11.68 -56.08
N GLN C 488 -24.18 -12.77 -56.36
CA GLN C 488 -25.62 -12.73 -56.58
C GLN C 488 -26.29 -13.90 -55.87
N LEU C 489 -27.08 -13.62 -54.85
CA LEU C 489 -27.78 -14.69 -54.14
C LEU C 489 -28.92 -15.24 -55.00
N ILE C 490 -29.10 -16.55 -55.00
CA ILE C 490 -30.29 -17.14 -55.57
C ILE C 490 -30.92 -18.10 -54.56
N LEU C 491 -32.17 -18.47 -54.80
CA LEU C 491 -32.88 -19.38 -53.92
C LEU C 491 -32.87 -18.86 -52.49
N GLU C 492 -33.11 -17.56 -52.35
CA GLU C 492 -33.01 -16.88 -51.08
C GLU C 492 -33.82 -17.57 -49.99
N ASP C 493 -35.00 -18.04 -50.36
CA ASP C 493 -35.95 -18.58 -49.38
C ASP C 493 -35.81 -20.08 -49.15
N ASP C 494 -34.93 -20.74 -49.92
CA ASP C 494 -34.83 -22.18 -49.80
C ASP C 494 -34.41 -22.56 -48.38
N GLN C 495 -35.05 -23.59 -47.85
CA GLN C 495 -34.84 -23.98 -46.47
C GLN C 495 -33.63 -24.89 -46.29
N GLU C 496 -33.07 -25.36 -47.40
CA GLU C 496 -31.93 -26.27 -47.32
C GLU C 496 -30.70 -25.78 -48.09
N LEU C 497 -30.92 -25.13 -49.23
CA LEU C 497 -29.80 -24.76 -50.11
C LEU C 497 -29.31 -23.34 -49.92
N TYR C 498 -27.99 -23.19 -49.95
CA TYR C 498 -27.38 -21.89 -50.03
C TYR C 498 -26.71 -21.89 -51.39
N ALA C 499 -27.23 -21.09 -52.30
CA ALA C 499 -26.73 -21.06 -53.66
C ALA C 499 -26.54 -19.63 -54.13
N TYR C 500 -25.47 -19.40 -54.87
CA TYR C 500 -25.21 -18.07 -55.36
C TYR C 500 -24.34 -18.14 -56.60
N LEU C 501 -24.29 -17.03 -57.33
CA LEU C 501 -23.43 -16.95 -58.48
C LEU C 501 -22.35 -15.88 -58.24
N ARG C 502 -21.18 -16.07 -58.83
CA ARG C 502 -20.21 -14.98 -58.96
C ARG C 502 -20.16 -14.63 -60.46
N ASN C 503 -20.53 -13.41 -60.81
CA ASN C 503 -20.62 -13.01 -62.21
C ASN C 503 -19.39 -12.22 -62.64
N GLY C 504 -18.72 -12.70 -63.68
CA GLY C 504 -17.58 -12.00 -64.25
C GLY C 504 -17.84 -11.71 -65.73
N ALA C 505 -16.78 -11.46 -66.49
CA ALA C 505 -16.93 -11.13 -67.91
C ALA C 505 -16.97 -12.41 -68.75
N ASP C 506 -18.15 -12.72 -69.28
CA ASP C 506 -18.38 -13.95 -70.04
C ASP C 506 -17.96 -15.18 -69.24
N GLU C 507 -18.08 -15.09 -67.91
CA GLU C 507 -17.58 -16.12 -67.02
C GLU C 507 -18.38 -16.04 -65.70
N LYS C 508 -18.73 -17.19 -65.13
CA LYS C 508 -19.46 -17.21 -63.86
C LYS C 508 -19.06 -18.41 -63.03
N LEU C 509 -19.22 -18.30 -61.71
CA LEU C 509 -19.28 -19.47 -60.86
C LEU C 509 -20.71 -19.65 -60.38
N LEU C 510 -21.19 -20.88 -60.38
CA LEU C 510 -22.45 -21.21 -59.71
C LEU C 510 -22.06 -22.10 -58.53
N VAL C 511 -22.42 -21.67 -57.33
CA VAL C 511 -22.03 -22.35 -56.10
C VAL C 511 -23.30 -22.86 -55.44
N ILE C 512 -23.37 -24.16 -55.17
CA ILE C 512 -24.58 -24.77 -54.62
C ILE C 512 -24.19 -25.60 -53.39
N ASN C 513 -24.71 -25.24 -52.23
CA ASN C 513 -24.38 -25.93 -50.98
C ASN C 513 -25.62 -26.38 -50.25
N ASN C 514 -25.66 -27.66 -49.87
CA ASN C 514 -26.75 -28.17 -49.05
C ASN C 514 -26.39 -28.04 -47.58
N PHE C 515 -27.10 -27.19 -46.85
CA PHE C 515 -26.77 -26.99 -45.45
C PHE C 515 -27.34 -28.03 -44.49
N TYR C 516 -28.03 -29.05 -45.00
CA TYR C 516 -28.63 -30.08 -44.16
C TYR C 516 -28.43 -31.47 -44.75
N GLY C 517 -28.85 -32.48 -44.00
CA GLY C 517 -28.60 -33.86 -44.33
C GLY C 517 -29.77 -34.56 -45.02
N LYS C 518 -30.54 -33.83 -45.82
CA LYS C 518 -31.61 -34.45 -46.57
C LYS C 518 -31.41 -34.13 -48.05
N GLU C 519 -31.93 -34.98 -48.93
CA GLU C 519 -31.94 -34.68 -50.36
C GLU C 519 -32.94 -33.57 -50.60
N THR C 520 -32.66 -32.71 -51.56
CA THR C 520 -33.58 -31.63 -51.89
C THR C 520 -33.28 -31.16 -53.31
N GLU C 521 -34.26 -30.56 -53.95
CA GLU C 521 -34.11 -30.23 -55.37
C GLU C 521 -33.49 -28.86 -55.64
N PHE C 522 -32.52 -28.83 -56.54
CA PHE C 522 -32.03 -27.55 -57.06
C PHE C 522 -32.60 -27.27 -58.44
N GLN C 523 -33.11 -26.06 -58.66
CA GLN C 523 -33.49 -25.66 -59.99
C GLN C 523 -32.99 -24.26 -60.23
N LEU C 524 -32.23 -24.10 -61.31
CA LEU C 524 -31.72 -22.78 -61.65
C LEU C 524 -32.91 -21.88 -61.93
N PRO C 525 -32.89 -20.67 -61.38
CA PRO C 525 -34.02 -19.77 -61.64
C PRO C 525 -34.00 -19.19 -63.06
N ASP C 526 -35.16 -18.71 -63.50
CA ASP C 526 -35.36 -18.29 -64.89
C ASP C 526 -34.57 -17.03 -65.26
N ASP C 527 -34.31 -16.17 -64.29
CA ASP C 527 -33.63 -14.91 -64.60
C ASP C 527 -32.10 -15.02 -64.62
N ILE C 528 -31.58 -16.23 -64.51
CA ILE C 528 -30.15 -16.44 -64.63
C ILE C 528 -29.86 -16.73 -66.08
N ASP C 529 -29.22 -15.78 -66.75
CA ASP C 529 -28.95 -15.92 -68.17
C ASP C 529 -27.60 -16.59 -68.39
N ILE C 530 -27.63 -17.85 -68.81
CA ILE C 530 -26.39 -18.57 -69.09
C ILE C 530 -26.41 -19.24 -70.46
N GLU C 531 -27.11 -18.63 -71.40
CA GLU C 531 -27.16 -19.14 -72.75
C GLU C 531 -25.78 -19.01 -73.40
N GLY C 532 -25.26 -20.11 -73.92
CA GLY C 532 -23.98 -20.10 -74.58
C GLY C 532 -22.81 -20.38 -73.66
N TYR C 533 -23.10 -20.55 -72.37
CA TYR C 533 -22.07 -20.89 -71.41
C TYR C 533 -21.90 -22.40 -71.32
N ASP C 534 -20.67 -22.86 -71.30
CA ASP C 534 -20.38 -24.25 -71.02
C ASP C 534 -20.02 -24.42 -69.54
N ALA C 535 -20.44 -25.54 -68.95
CA ALA C 535 -20.21 -25.80 -67.52
C ALA C 535 -19.18 -26.89 -67.28
N LYS C 536 -18.20 -26.60 -66.43
CA LYS C 536 -17.29 -27.61 -65.89
C LYS C 536 -17.30 -27.55 -64.35
N VAL C 537 -17.15 -28.69 -63.70
CA VAL C 537 -17.06 -28.71 -62.24
C VAL C 537 -15.73 -28.13 -61.75
N LEU C 538 -15.80 -27.07 -60.93
CA LEU C 538 -14.58 -26.47 -60.38
C LEU C 538 -14.09 -27.23 -59.15
N ILE C 539 -15.02 -27.55 -58.24
CA ILE C 539 -14.71 -28.29 -57.03
C ILE C 539 -16.00 -28.87 -56.45
N SER C 540 -15.90 -30.05 -55.86
CA SER C 540 -17.08 -30.75 -55.35
C SER C 540 -16.64 -31.61 -54.18
N ASN C 541 -17.53 -31.85 -53.22
CA ASN C 541 -17.24 -32.78 -52.13
C ASN C 541 -17.91 -34.15 -52.39
N ASP C 542 -18.35 -34.38 -53.62
CA ASP C 542 -19.08 -35.62 -53.93
C ASP C 542 -18.81 -35.99 -55.38
N THR C 543 -18.48 -37.25 -55.65
CA THR C 543 -18.26 -37.67 -57.04
C THR C 543 -19.58 -37.91 -57.75
N ASP C 544 -20.67 -37.87 -57.00
CA ASP C 544 -21.99 -38.07 -57.60
C ASP C 544 -22.56 -36.79 -58.21
N LEU C 545 -22.12 -36.48 -59.42
CA LEU C 545 -22.46 -35.24 -60.08
C LEU C 545 -23.69 -35.42 -60.94
N PRO C 546 -24.52 -34.39 -61.03
CA PRO C 546 -25.78 -34.52 -61.78
C PRO C 546 -25.54 -34.46 -63.28
N GLU C 547 -26.50 -34.95 -64.06
CA GLU C 547 -26.40 -34.90 -65.51
C GLU C 547 -26.51 -33.46 -66.02
N SER C 548 -27.37 -32.68 -65.37
CA SER C 548 -27.52 -31.27 -65.69
C SER C 548 -27.67 -30.47 -64.41
N PHE C 549 -26.84 -29.44 -64.27
CA PHE C 549 -26.92 -28.60 -63.08
C PHE C 549 -28.23 -27.81 -63.01
N LYS C 550 -28.90 -27.64 -64.15
CA LYS C 550 -30.08 -26.77 -64.18
C LYS C 550 -31.24 -27.24 -63.32
N ARG C 551 -31.31 -28.55 -63.07
CA ARG C 551 -32.28 -29.12 -62.16
C ARG C 551 -31.82 -30.49 -61.75
N PHE C 552 -31.65 -30.71 -60.46
CA PHE C 552 -31.19 -32.00 -59.99
C PHE C 552 -31.42 -32.17 -58.50
N THR C 553 -31.34 -33.41 -58.04
CA THR C 553 -31.49 -33.72 -56.62
C THR C 553 -30.16 -33.57 -55.89
N VAL C 554 -30.08 -32.59 -54.98
CA VAL C 554 -28.86 -32.37 -54.22
C VAL C 554 -28.80 -33.39 -53.08
N LYS C 555 -27.69 -34.10 -52.95
CA LYS C 555 -27.49 -35.05 -51.84
C LYS C 555 -27.29 -34.33 -50.50
N PRO C 556 -27.43 -35.08 -49.38
CA PRO C 556 -27.09 -34.54 -48.06
C PRO C 556 -25.71 -33.88 -47.99
N TYR C 557 -25.70 -32.63 -47.54
CA TYR C 557 -24.46 -31.87 -47.41
C TYR C 557 -23.61 -31.76 -48.68
N GLN C 558 -24.23 -31.96 -49.83
CA GLN C 558 -23.48 -31.87 -51.07
C GLN C 558 -23.10 -30.42 -51.37
N SER C 559 -21.89 -30.23 -51.92
CA SER C 559 -21.39 -28.91 -52.26
C SER C 559 -20.76 -29.00 -53.64
N ILE C 560 -21.17 -28.13 -54.55
CA ILE C 560 -20.60 -28.20 -55.88
C ILE C 560 -20.42 -26.79 -56.46
N VAL C 561 -19.29 -26.55 -57.10
CA VAL C 561 -19.06 -25.28 -57.78
C VAL C 561 -18.87 -25.55 -59.26
N TYR C 562 -19.65 -24.88 -60.09
CA TYR C 562 -19.51 -24.99 -61.54
C TYR C 562 -18.82 -23.77 -62.05
N HIS C 563 -17.82 -23.97 -62.90
CA HIS C 563 -17.21 -22.89 -63.65
C HIS C 563 -17.93 -22.76 -64.99
N LEU C 564 -18.50 -21.60 -65.23
CA LEU C 564 -19.29 -21.37 -66.43
C LEU C 564 -18.58 -20.34 -67.30
N ALA C 565 -18.35 -20.68 -68.57
CA ALA C 565 -17.70 -19.77 -69.52
C ALA C 565 -18.11 -20.01 -70.99
N LYS C 566 -17.91 -19.02 -71.84
CA LYS C 566 -18.07 -19.27 -73.29
C LYS C 566 -16.82 -19.04 -74.12
N ASN D 12 20.91 5.38 29.63
CA ASN D 12 20.12 6.46 30.19
C ASN D 12 18.85 6.77 29.40
N PRO D 13 17.81 7.26 30.10
CA PRO D 13 16.52 7.56 29.47
C PRO D 13 16.70 8.47 28.26
N TRP D 14 16.03 8.13 27.16
CA TRP D 14 16.15 8.89 25.91
C TRP D 14 15.75 10.36 26.06
N TRP D 15 14.80 10.63 26.96
CA TRP D 15 14.29 11.99 27.12
C TRP D 15 15.33 12.96 27.72
N LYS D 16 16.38 12.43 28.35
CA LYS D 16 17.45 13.26 28.91
C LYS D 16 18.07 14.20 27.90
N LYS D 17 18.42 13.66 26.74
CA LYS D 17 19.15 14.38 25.73
C LYS D 17 18.27 14.78 24.54
N ALA D 18 16.97 14.52 24.67
CA ALA D 18 16.01 14.93 23.64
C ALA D 18 15.87 16.45 23.52
N VAL D 19 15.50 16.90 22.33
CA VAL D 19 15.05 18.27 22.14
C VAL D 19 13.63 18.18 21.59
N VAL D 20 12.70 18.79 22.30
CA VAL D 20 11.28 18.75 21.98
C VAL D 20 10.85 19.97 21.17
N TYR D 21 10.11 19.74 20.10
CA TYR D 21 9.53 20.79 19.30
C TYR D 21 8.04 20.94 19.68
N GLN D 22 7.65 22.10 20.21
CA GLN D 22 6.25 22.30 20.61
C GLN D 22 5.40 22.81 19.46
N ILE D 23 4.33 22.09 19.14
CA ILE D 23 3.42 22.50 18.08
C ILE D 23 2.03 22.91 18.59
N TYR D 24 1.58 24.07 18.13
CA TYR D 24 0.24 24.59 18.40
C TYR D 24 -0.47 24.46 17.05
N PRO D 25 -1.12 23.31 16.82
CA PRO D 25 -1.58 22.87 15.48
C PRO D 25 -2.41 23.91 14.75
N LYS D 26 -3.28 24.61 15.45
CA LYS D 26 -4.13 25.60 14.83
C LYS D 26 -3.36 26.64 14.02
N SER D 27 -2.11 26.91 14.40
CA SER D 27 -1.32 27.91 13.70
C SER D 27 -0.07 27.36 13.02
N PHE D 28 0.04 26.04 12.92
CA PHE D 28 1.25 25.43 12.34
C PHE D 28 1.20 25.37 10.81
N LYS D 29 0.34 24.52 10.25
CA LYS D 29 0.21 24.47 8.79
C LYS D 29 -1.15 23.97 8.37
N ASP D 30 -1.82 24.76 7.54
CA ASP D 30 -3.16 24.42 7.07
C ASP D 30 -3.06 23.81 5.68
N THR D 31 -3.65 22.63 5.51
CA THR D 31 -3.64 21.95 4.21
C THR D 31 -5.03 21.86 3.58
N THR D 32 -6.07 22.00 4.40
CA THR D 32 -7.45 21.95 3.89
C THR D 32 -7.85 23.29 3.26
N GLY D 33 -7.66 24.38 3.98
CA GLY D 33 -7.87 25.71 3.41
C GLY D 33 -8.82 26.57 4.22
N ASN D 34 -9.28 26.04 5.35
CA ASN D 34 -10.17 26.78 6.23
C ASN D 34 -9.41 27.83 7.05
N GLY D 35 -8.11 27.96 6.77
CA GLY D 35 -7.25 28.92 7.43
C GLY D 35 -6.88 28.53 8.85
N VAL D 36 -7.09 27.25 9.18
CA VAL D 36 -6.77 26.72 10.48
C VAL D 36 -5.81 25.54 10.27
N GLY D 37 -4.75 25.45 11.06
CA GLY D 37 -3.77 24.39 10.88
C GLY D 37 -4.38 23.03 11.23
N ASP D 38 -3.80 21.97 10.68
CA ASP D 38 -4.32 20.64 10.94
C ASP D 38 -3.22 19.58 11.00
N ILE D 39 -3.61 18.35 11.32
CA ILE D 39 -2.67 17.24 11.50
C ILE D 39 -1.90 16.93 10.22
N ARG D 40 -2.60 16.87 9.09
CA ARG D 40 -1.95 16.65 7.79
C ARG D 40 -0.83 17.66 7.59
N GLY D 41 -1.06 18.88 8.10
CA GLY D 41 -0.04 19.91 8.07
C GLY D 41 1.22 19.52 8.83
N ILE D 42 1.05 18.93 10.01
CA ILE D 42 2.19 18.49 10.80
C ILE D 42 2.92 17.38 10.07
N ILE D 43 2.15 16.44 9.51
CA ILE D 43 2.73 15.38 8.68
C ILE D 43 3.63 15.94 7.56
N GLU D 44 3.15 16.92 6.82
CA GLU D 44 3.95 17.50 5.73
C GLU D 44 5.23 18.21 6.20
N LYS D 45 5.33 18.53 7.48
CA LYS D 45 6.52 19.27 7.90
C LYS D 45 7.51 18.43 8.72
N LEU D 46 7.32 17.11 8.72
CA LEU D 46 8.16 16.22 9.53
C LEU D 46 9.64 16.28 9.13
N ASP D 47 9.93 16.43 7.84
CA ASP D 47 11.31 16.50 7.37
C ASP D 47 11.98 17.78 7.87
N TYR D 48 11.21 18.86 7.94
CA TYR D 48 11.71 20.13 8.42
C TYR D 48 12.04 20.00 9.90
N ILE D 49 11.14 19.39 10.66
CA ILE D 49 11.40 19.13 12.08
C ILE D 49 12.63 18.24 12.30
N LYS D 50 12.77 17.21 11.46
CA LYS D 50 13.92 16.31 11.52
C LYS D 50 15.22 17.04 11.23
N GLU D 51 15.18 17.90 10.22
CA GLU D 51 16.34 18.68 9.83
C GLU D 51 16.76 19.65 10.95
N LEU D 52 15.80 20.06 11.77
CA LEU D 52 16.06 20.95 12.91
C LEU D 52 16.79 20.18 14.01
N ALA D 53 16.75 18.85 13.90
CA ALA D 53 17.37 17.92 14.83
C ALA D 53 16.64 17.88 16.18
N CYS D 54 15.32 18.12 16.12
CA CYS D 54 14.44 17.75 17.20
C CYS D 54 14.12 16.28 17.07
N ASP D 55 13.97 15.60 18.20
CA ASP D 55 13.59 14.21 18.13
C ASP D 55 12.31 13.91 18.90
N VAL D 56 11.62 14.93 19.37
CA VAL D 56 10.28 14.76 19.96
C VAL D 56 9.39 15.86 19.45
N ILE D 57 8.13 15.53 19.19
CA ILE D 57 7.12 16.54 18.91
C ILE D 57 6.09 16.49 20.00
N TRP D 58 5.74 17.65 20.53
CA TRP D 58 4.72 17.74 21.57
C TRP D 58 3.57 18.54 20.95
N LEU D 59 2.36 17.99 21.02
CA LEU D 59 1.19 18.67 20.49
C LEU D 59 0.37 19.22 21.64
N THR D 60 -0.09 20.46 21.50
CA THR D 60 -1.06 21.01 22.44
C THR D 60 -2.39 20.25 22.24
N PRO D 61 -3.38 20.41 23.15
CA PRO D 61 -4.62 19.61 23.07
C PRO D 61 -5.26 19.56 21.67
N ILE D 62 -5.59 18.35 21.22
CA ILE D 62 -6.33 18.17 19.98
C ILE D 62 -7.57 17.29 20.19
N TYR D 63 -7.89 16.96 21.43
CA TYR D 63 -9.04 16.11 21.73
C TYR D 63 -10.33 16.84 21.39
N GLN D 64 -11.41 16.09 21.25
CA GLN D 64 -12.73 16.69 21.02
C GLN D 64 -13.11 17.61 22.15
N SER D 65 -13.50 18.83 21.81
CA SER D 65 -13.75 19.87 22.80
C SER D 65 -14.64 20.96 22.18
N PRO D 66 -15.52 21.57 22.98
CA PRO D 66 -16.34 22.71 22.53
C PRO D 66 -15.50 23.95 22.30
N GLN D 67 -14.23 23.91 22.70
CA GLN D 67 -13.32 25.06 22.61
C GLN D 67 -13.82 26.24 23.44
N ASN D 68 -14.37 25.95 24.61
CA ASN D 68 -14.71 27.01 25.55
C ASN D 68 -13.46 27.53 26.24
N ASP D 69 -12.40 26.73 26.22
CA ASP D 69 -11.14 27.13 26.83
C ASP D 69 -9.94 26.63 26.03
N ASN D 70 -9.94 26.94 24.74
CA ASN D 70 -8.83 26.64 23.83
C ASN D 70 -8.45 25.17 23.71
N GLY D 71 -9.39 24.28 24.03
CA GLY D 71 -9.15 22.85 23.90
C GLY D 71 -8.82 22.18 25.22
N TYR D 72 -8.69 22.98 26.28
CA TYR D 72 -8.35 22.44 27.59
C TYR D 72 -9.59 21.95 28.33
N ASP D 73 -10.73 22.17 27.71
CA ASP D 73 -12.01 21.65 28.18
C ASP D 73 -12.41 20.44 27.30
N ILE D 74 -12.10 19.23 27.77
CA ILE D 74 -12.16 18.05 26.91
C ILE D 74 -13.49 17.30 27.08
N SER D 75 -14.19 17.12 25.97
CA SER D 75 -15.50 16.45 25.99
C SER D 75 -15.46 14.97 25.58
N ASP D 76 -14.38 14.55 24.90
CA ASP D 76 -14.12 13.13 24.64
C ASP D 76 -12.62 12.90 24.52
N TYR D 77 -12.05 12.11 25.42
CA TYR D 77 -10.61 11.79 25.35
C TYR D 77 -10.25 10.83 24.23
N TYR D 78 -11.22 10.04 23.81
CA TYR D 78 -10.99 9.00 22.81
C TYR D 78 -11.10 9.51 21.39
N SER D 79 -11.37 10.79 21.23
CA SER D 79 -11.59 11.33 19.88
C SER D 79 -10.85 12.62 19.68
N ILE D 80 -10.56 12.92 18.42
CA ILE D 80 -9.84 14.13 18.06
C ILE D 80 -10.81 15.20 17.58
N HIS D 81 -10.47 16.47 17.85
CA HIS D 81 -11.26 17.61 17.40
C HIS D 81 -11.26 17.65 15.89
N GLU D 82 -12.44 17.62 15.28
CA GLU D 82 -12.58 17.34 13.85
C GLU D 82 -11.89 18.31 12.89
N GLU D 83 -11.76 19.56 13.29
CA GLU D 83 -11.08 20.53 12.44
C GLU D 83 -9.59 20.18 12.22
N TYR D 84 -8.98 19.47 13.17
CA TYR D 84 -7.56 19.10 13.04
C TYR D 84 -7.38 17.86 12.17
N GLY D 85 -8.42 17.04 12.07
CA GLY D 85 -8.38 15.84 11.24
C GLY D 85 -9.00 14.62 11.89
N THR D 86 -8.64 13.44 11.39
CA THR D 86 -9.23 12.20 11.88
C THR D 86 -8.24 11.37 12.69
N MET D 87 -8.73 10.30 13.32
CA MET D 87 -7.85 9.42 14.06
C MET D 87 -6.83 8.76 13.13
N ALA D 88 -7.17 8.67 11.85
CA ALA D 88 -6.27 8.04 10.88
C ALA D 88 -5.12 8.95 10.51
N ASP D 89 -5.35 10.26 10.49
CA ASP D 89 -4.27 11.20 10.23
C ASP D 89 -3.29 11.21 11.39
N PHE D 90 -3.82 11.03 12.60
CA PHE D 90 -2.98 11.03 13.78
C PHE D 90 -2.11 9.78 13.82
N GLU D 91 -2.75 8.63 13.66
CA GLU D 91 -2.03 7.38 13.60
C GLU D 91 -0.97 7.42 12.50
N GLU D 92 -1.27 8.12 11.41
CA GLU D 92 -0.28 8.31 10.37
C GLU D 92 0.87 9.21 10.85
N LEU D 93 0.52 10.29 11.53
CA LEU D 93 1.53 11.20 12.07
C LEU D 93 2.48 10.42 12.95
N LEU D 94 1.95 9.65 13.90
CA LEU D 94 2.79 8.79 14.76
C LEU D 94 3.73 7.89 13.99
N GLU D 95 3.19 7.20 12.99
CA GLU D 95 4.00 6.26 12.19
C GLU D 95 5.09 6.97 11.40
N GLU D 96 4.74 8.09 10.75
CA GLU D 96 5.70 8.83 9.96
C GLU D 96 6.76 9.55 10.81
N ALA D 97 6.36 9.99 11.98
CA ALA D 97 7.33 10.58 12.90
C ALA D 97 8.29 9.49 13.35
N HIS D 98 7.74 8.35 13.74
CA HIS D 98 8.55 7.23 14.23
C HIS D 98 9.57 6.77 13.18
N LYS D 99 9.13 6.67 11.94
CA LYS D 99 10.02 6.32 10.83
C LYS D 99 11.23 7.26 10.76
N ARG D 100 11.06 8.46 11.29
CA ARG D 100 12.13 9.44 11.26
C ARG D 100 12.89 9.53 12.59
N GLY D 101 12.55 8.69 13.53
CA GLY D 101 13.21 8.70 14.83
C GLY D 101 12.72 9.86 15.67
N ILE D 102 11.45 10.23 15.49
CA ILE D 102 10.86 11.33 16.25
C ILE D 102 9.72 10.80 17.10
N LYS D 103 9.76 11.03 18.40
CA LYS D 103 8.69 10.60 19.28
C LYS D 103 7.60 11.66 19.31
N VAL D 104 6.45 11.30 19.85
CA VAL D 104 5.31 12.19 19.92
C VAL D 104 4.69 12.14 21.31
N ILE D 105 4.59 13.31 21.93
CA ILE D 105 3.88 13.39 23.20
C ILE D 105 2.65 14.32 23.09
N MET D 106 1.72 14.17 24.01
CA MET D 106 0.49 14.94 23.94
C MET D 106 0.24 15.68 25.24
N ASP D 107 -0.22 16.92 25.16
CA ASP D 107 -0.83 17.55 26.34
C ASP D 107 -2.00 16.69 26.76
N LEU D 108 -2.12 16.43 28.07
CA LEU D 108 -3.29 15.76 28.60
C LEU D 108 -3.85 16.48 29.82
N VAL D 109 -5.17 16.66 29.85
CA VAL D 109 -5.83 17.33 30.96
C VAL D 109 -6.73 16.38 31.72
N VAL D 110 -6.35 16.04 32.94
CA VAL D 110 -7.15 15.08 33.70
C VAL D 110 -7.56 15.59 35.07
N ASN D 111 -7.33 16.86 35.32
CA ASN D 111 -7.86 17.47 36.53
C ASN D 111 -9.36 17.70 36.40
N HIS D 112 -9.80 17.97 35.16
CA HIS D 112 -11.18 18.33 34.89
C HIS D 112 -11.55 17.93 33.46
N THR D 113 -12.84 17.79 33.18
CA THR D 113 -13.30 17.60 31.81
C THR D 113 -14.23 18.75 31.46
N SER D 114 -14.53 18.90 30.18
CA SER D 114 -15.62 19.79 29.80
C SER D 114 -16.93 19.33 30.44
N THR D 115 -17.88 20.24 30.62
CA THR D 115 -19.21 19.86 31.06
C THR D 115 -19.98 19.15 29.94
N GLU D 116 -19.50 19.28 28.71
CA GLU D 116 -20.07 18.59 27.55
C GLU D 116 -19.63 17.14 27.45
N HIS D 117 -18.88 16.66 28.44
CA HIS D 117 -18.38 15.30 28.47
C HIS D 117 -19.44 14.35 29.01
N ARG D 118 -19.61 13.23 28.34
CA ARG D 118 -20.64 12.27 28.69
C ARG D 118 -20.67 11.96 30.18
N TRP D 119 -19.50 11.72 30.79
CA TRP D 119 -19.43 11.47 32.23
C TRP D 119 -20.19 12.53 33.02
N PHE D 120 -20.02 13.79 32.64
CA PHE D 120 -20.66 14.88 33.36
C PHE D 120 -22.17 14.98 33.06
N LYS D 121 -22.54 14.72 31.81
CA LYS D 121 -23.94 14.72 31.40
C LYS D 121 -24.67 13.72 32.28
N GLU D 122 -24.16 12.49 32.29
CA GLU D 122 -24.73 11.44 33.13
C GLU D 122 -24.74 11.85 34.60
N ALA D 123 -23.59 12.30 35.11
CA ALA D 123 -23.48 12.71 36.50
C ALA D 123 -24.42 13.83 36.91
N ALA D 124 -24.64 14.78 36.01
CA ALA D 124 -25.42 15.98 36.33
C ALA D 124 -26.88 15.69 36.66
N SER D 125 -27.47 14.75 35.92
CA SER D 125 -28.90 14.52 35.98
C SER D 125 -29.30 13.33 36.87
N GLY D 126 -28.80 13.30 38.10
CA GLY D 126 -29.16 12.23 39.01
C GLY D 126 -28.25 12.10 40.21
N LYS D 127 -28.76 12.41 41.39
CA LYS D 127 -27.99 12.36 42.64
C LYS D 127 -27.52 10.94 42.95
N GLU D 128 -28.08 9.97 42.23
CA GLU D 128 -27.73 8.58 42.44
C GLU D 128 -27.37 7.93 41.11
N ASN D 129 -27.09 8.76 40.10
CA ASN D 129 -26.62 8.29 38.80
C ASN D 129 -25.32 7.47 38.91
N LEU D 130 -24.99 6.72 37.86
CA LEU D 130 -23.84 5.81 37.91
C LEU D 130 -22.50 6.53 37.73
N TYR D 131 -22.52 7.68 37.05
CA TYR D 131 -21.31 8.48 36.90
C TYR D 131 -21.26 9.68 37.85
N ARG D 132 -22.27 9.79 38.71
CA ARG D 132 -22.39 10.95 39.59
C ARG D 132 -21.12 11.27 40.36
N ASP D 133 -20.54 10.24 40.97
CA ASP D 133 -19.37 10.39 41.84
C ASP D 133 -18.06 10.63 41.08
N PHE D 134 -18.15 10.91 39.78
CA PHE D 134 -16.97 11.22 38.97
C PHE D 134 -16.55 12.66 39.19
N TYR D 135 -17.48 13.48 39.67
CA TYR D 135 -17.19 14.89 39.89
C TYR D 135 -17.36 15.27 41.34
N ILE D 136 -17.12 16.53 41.66
CA ILE D 136 -17.11 16.93 43.06
C ILE D 136 -18.38 17.72 43.42
N TRP D 137 -19.33 17.04 44.08
CA TRP D 137 -20.62 17.64 44.43
C TRP D 137 -20.74 17.89 45.93
N LYS D 138 -21.12 19.11 46.32
CA LYS D 138 -21.39 19.41 47.73
C LYS D 138 -22.65 20.27 47.93
N ASP D 139 -23.20 20.22 49.14
CA ASP D 139 -24.43 20.93 49.46
C ASP D 139 -24.16 22.39 49.85
N MET D 140 -25.14 23.24 49.60
CA MET D 140 -25.10 24.64 50.02
C MET D 140 -24.95 24.77 51.54
N LYS D 141 -24.27 25.82 51.98
CA LYS D 141 -24.23 26.17 53.40
C LYS D 141 -25.62 26.70 53.83
N PRO D 142 -25.90 26.80 55.16
CA PRO D 142 -27.25 27.22 55.58
C PRO D 142 -27.60 28.67 55.22
N ASN D 143 -26.63 29.59 55.30
CA ASN D 143 -26.89 30.99 54.95
C ASN D 143 -27.04 31.24 53.45
N GLY D 144 -27.02 30.18 52.65
CA GLY D 144 -27.24 30.29 51.22
C GLY D 144 -25.94 30.50 50.47
N ALA D 145 -24.83 30.19 51.13
CA ALA D 145 -23.51 30.36 50.55
C ALA D 145 -23.07 29.07 49.83
N PRO D 146 -22.10 29.17 48.91
CA PRO D 146 -21.49 27.98 48.31
C PRO D 146 -20.83 27.07 49.37
N PRO D 147 -20.61 25.78 49.05
CA PRO D 147 -20.08 24.83 50.03
C PRO D 147 -18.78 25.30 50.66
N THR D 148 -18.03 26.11 49.93
CA THR D 148 -16.79 26.66 50.45
C THR D 148 -16.56 28.05 49.83
N ASN D 149 -15.60 28.81 50.36
CA ASN D 149 -15.30 30.12 49.82
C ASN D 149 -14.17 30.16 48.80
N TRP D 150 -13.66 28.99 48.40
CA TRP D 150 -12.56 28.94 47.43
C TRP D 150 -12.95 29.68 46.17
N GLU D 151 -11.98 30.37 45.58
CA GLU D 151 -12.25 31.12 44.35
C GLU D 151 -11.76 30.35 43.15
N SER D 152 -12.41 30.54 42.01
CA SER D 152 -11.93 29.94 40.77
C SER D 152 -10.79 30.76 40.17
N LYS D 153 -9.87 30.08 39.51
CA LYS D 153 -8.73 30.73 38.87
C LYS D 153 -9.15 31.67 37.74
N PHE D 154 -10.38 31.50 37.26
CA PHE D 154 -10.93 32.39 36.24
C PHE D 154 -11.86 33.43 36.86
N GLY D 155 -11.90 33.48 38.19
CA GLY D 155 -12.72 34.43 38.91
C GLY D 155 -14.04 33.89 39.41
N GLY D 156 -14.53 34.46 40.50
CA GLY D 156 -15.80 34.05 41.06
C GLY D 156 -15.66 32.83 41.95
N SER D 157 -16.79 32.28 42.36
CA SER D 157 -16.76 31.06 43.16
C SER D 157 -16.21 29.89 42.36
N ALA D 158 -15.59 28.95 43.06
CA ALA D 158 -15.13 27.70 42.47
C ALA D 158 -16.29 26.72 42.38
N TRP D 159 -17.44 27.07 42.96
CA TRP D 159 -18.59 26.19 42.90
C TRP D 159 -19.70 26.72 42.02
N GLU D 160 -20.29 25.80 41.26
CA GLU D 160 -21.36 26.11 40.33
C GLU D 160 -22.63 25.35 40.72
N PHE D 161 -23.72 26.07 40.83
CA PHE D 161 -24.99 25.49 41.25
C PHE D 161 -25.64 24.72 40.10
N HIS D 162 -25.93 23.45 40.34
CA HIS D 162 -26.78 22.67 39.46
C HIS D 162 -28.12 22.50 40.18
N ALA D 163 -28.93 23.55 40.16
CA ALA D 163 -30.15 23.66 40.98
C ALA D 163 -31.16 22.50 40.84
N GLU D 164 -30.89 21.60 39.89
CA GLU D 164 -31.73 20.42 39.68
C GLU D 164 -31.41 19.33 40.73
N SER D 165 -30.12 19.17 41.03
CA SER D 165 -29.66 18.18 41.98
C SER D 165 -29.67 18.73 43.40
N GLY D 166 -29.65 20.05 43.50
CA GLY D 166 -29.61 20.73 44.78
C GLY D 166 -28.20 20.83 45.31
N GLN D 167 -27.24 20.67 44.41
CA GLN D 167 -25.83 20.64 44.77
C GLN D 167 -24.93 21.46 43.85
N TYR D 168 -23.82 21.92 44.43
CA TYR D 168 -22.77 22.59 43.67
C TYR D 168 -21.71 21.57 43.21
N TYR D 169 -21.24 21.70 41.97
CA TYR D 169 -20.04 20.97 41.54
C TYR D 169 -18.83 21.91 41.51
N LEU D 170 -17.65 21.37 41.82
CA LEU D 170 -16.42 22.15 41.89
C LEU D 170 -15.83 22.40 40.51
N HIS D 171 -15.46 23.65 40.23
CA HIS D 171 -14.66 24.00 39.07
C HIS D 171 -13.52 24.98 39.43
N LEU D 172 -12.29 24.48 39.55
CA LEU D 172 -11.13 25.34 39.83
C LEU D 172 -10.90 26.29 38.67
N TYR D 173 -11.22 25.84 37.48
CA TYR D 173 -11.03 26.68 36.31
C TYR D 173 -12.37 27.20 35.82
N ASP D 174 -12.66 27.07 34.54
CA ASP D 174 -13.87 27.68 34.03
C ASP D 174 -15.12 26.95 34.49
N VAL D 175 -16.25 27.64 34.42
CA VAL D 175 -17.55 27.08 34.81
C VAL D 175 -17.81 25.78 34.08
N THR D 176 -17.43 25.74 32.82
CA THR D 176 -17.61 24.56 31.98
C THR D 176 -16.46 23.54 32.08
N GLN D 177 -15.62 23.67 33.09
CA GLN D 177 -14.55 22.71 33.34
C GLN D 177 -14.69 22.08 34.71
N ALA D 178 -15.34 20.93 34.77
CA ALA D 178 -15.74 20.33 36.03
C ALA D 178 -14.65 19.42 36.58
N ASP D 179 -14.23 19.68 37.81
CA ASP D 179 -13.13 18.92 38.39
C ASP D 179 -13.48 17.46 38.63
N LEU D 180 -12.58 16.56 38.23
CA LEU D 180 -12.82 15.14 38.43
C LEU D 180 -12.51 14.79 39.87
N ASN D 181 -13.23 13.80 40.38
CA ASN D 181 -13.11 13.41 41.78
C ASN D 181 -12.09 12.30 41.95
N TRP D 182 -10.82 12.68 42.16
CA TRP D 182 -9.73 11.70 42.17
C TRP D 182 -9.74 10.82 43.42
N GLU D 183 -10.57 11.17 44.40
CA GLU D 183 -10.78 10.28 45.54
C GLU D 183 -11.54 9.02 45.13
N ASN D 184 -12.22 9.09 44.00
CA ASN D 184 -12.93 7.93 43.50
C ASN D 184 -12.02 7.01 42.66
N GLU D 185 -11.68 5.85 43.21
CA GLU D 185 -10.84 4.89 42.50
C GLU D 185 -11.38 4.52 41.14
N ALA D 186 -12.69 4.67 40.95
CA ALA D 186 -13.29 4.35 39.65
C ALA D 186 -12.89 5.39 38.61
N VAL D 187 -12.70 6.63 39.05
CA VAL D 187 -12.27 7.71 38.19
C VAL D 187 -10.81 7.54 37.73
N ARG D 188 -9.93 7.27 38.68
CA ARG D 188 -8.51 7.05 38.38
C ARG D 188 -8.34 5.87 37.44
N LYS D 189 -9.07 4.80 37.72
CA LYS D 189 -9.11 3.61 36.88
C LYS D 189 -9.52 3.96 35.44
N LYS D 190 -10.61 4.72 35.31
CA LYS D 190 -11.06 5.17 33.98
C LYS D 190 -10.01 6.02 33.28
N VAL D 191 -9.33 6.87 34.04
CA VAL D 191 -8.31 7.70 33.43
C VAL D 191 -7.17 6.84 32.89
N TYR D 192 -6.72 5.86 33.68
CA TYR D 192 -5.60 5.01 33.28
C TYR D 192 -5.95 4.17 32.05
N GLU D 193 -7.20 3.67 32.01
CA GLU D 193 -7.68 2.94 30.84
C GLU D 193 -7.54 3.79 29.59
N MET D 194 -7.96 5.04 29.67
CA MET D 194 -7.88 5.97 28.55
C MET D 194 -6.43 6.29 28.17
N MET D 195 -5.54 6.33 29.17
CA MET D 195 -4.14 6.59 28.90
C MET D 195 -3.53 5.39 28.16
N HIS D 196 -3.91 4.20 28.59
CA HIS D 196 -3.50 2.98 27.89
C HIS D 196 -3.89 2.99 26.43
N PHE D 197 -5.11 3.44 26.15
CA PHE D 197 -5.59 3.57 24.78
C PHE D 197 -4.59 4.31 23.89
N TRP D 198 -4.20 5.50 24.32
CA TRP D 198 -3.23 6.28 23.54
C TRP D 198 -1.83 5.67 23.49
N PHE D 199 -1.36 5.06 24.57
CA PHE D 199 -0.06 4.42 24.52
C PHE D 199 -0.07 3.23 23.55
N GLU D 200 -1.11 2.42 23.61
CA GLU D 200 -1.24 1.31 22.68
C GLU D 200 -1.33 1.81 21.25
N LYS D 201 -1.92 2.99 21.07
CA LYS D 201 -1.91 3.60 19.75
C LYS D 201 -0.49 4.05 19.35
N GLY D 202 0.40 4.19 20.34
CA GLY D 202 1.80 4.45 20.07
C GLY D 202 2.42 5.80 20.41
N ILE D 203 1.70 6.62 21.17
CA ILE D 203 2.28 7.89 21.62
C ILE D 203 3.40 7.57 22.59
N ASP D 204 4.36 8.50 22.72
CA ASP D 204 5.50 8.24 23.57
C ASP D 204 5.46 8.97 24.91
N GLY D 205 4.41 9.72 25.16
CA GLY D 205 4.22 10.28 26.48
C GLY D 205 3.21 11.40 26.53
N PHE D 206 3.01 11.95 27.72
CA PHE D 206 2.05 13.03 27.94
C PHE D 206 2.70 14.22 28.64
N ARG D 207 2.26 15.43 28.32
CA ARG D 207 2.49 16.57 29.21
C ARG D 207 1.22 16.80 30.02
N LEU D 208 1.30 16.54 31.33
CA LEU D 208 0.15 16.54 32.20
C LEU D 208 -0.15 17.95 32.70
N ASP D 209 -1.30 18.48 32.30
CA ASP D 209 -1.65 19.87 32.61
C ASP D 209 -2.14 20.07 34.03
N VAL D 210 -1.68 21.15 34.66
CA VAL D 210 -2.03 21.50 36.04
C VAL D 210 -2.16 20.28 36.94
N ILE D 211 -1.27 19.31 36.74
CA ILE D 211 -1.42 18.00 37.33
C ILE D 211 -1.37 18.05 38.86
N ASN D 212 -0.79 19.11 39.41
CA ASN D 212 -0.62 19.21 40.85
C ASN D 212 -1.85 19.65 41.65
N VAL D 213 -3.00 19.76 41.00
CA VAL D 213 -4.23 20.16 41.71
C VAL D 213 -5.31 19.09 41.81
N ILE D 214 -4.96 17.86 41.43
CA ILE D 214 -5.92 16.77 41.37
C ILE D 214 -6.33 16.25 42.74
N SER D 215 -5.54 16.57 43.76
CA SER D 215 -5.82 16.09 45.11
C SER D 215 -6.39 17.19 46.01
N LYS D 216 -7.68 17.07 46.35
CA LYS D 216 -8.31 18.04 47.25
C LYS D 216 -8.35 17.54 48.70
N ASP D 217 -8.19 18.47 49.64
CA ASP D 217 -8.45 18.16 51.05
C ASP D 217 -9.92 17.83 51.18
N GLN D 218 -10.22 16.62 51.65
CA GLN D 218 -11.59 16.12 51.66
C GLN D 218 -12.47 16.70 52.78
N ARG D 219 -11.86 17.51 53.62
CA ARG D 219 -12.65 18.24 54.61
C ARG D 219 -13.29 19.43 53.94
N PHE D 220 -12.73 19.81 52.79
CA PHE D 220 -13.16 21.01 52.07
C PHE D 220 -13.34 22.23 52.98
N PRO D 221 -12.32 22.57 53.79
CA PRO D 221 -12.51 23.69 54.71
C PRO D 221 -12.36 25.06 54.04
N ASP D 222 -12.87 26.09 54.69
CA ASP D 222 -12.80 27.46 54.17
C ASP D 222 -11.40 28.02 54.33
N ASP D 223 -10.96 28.78 53.34
CA ASP D 223 -9.67 29.45 53.43
C ASP D 223 -9.89 30.85 53.96
N ASP D 224 -9.28 31.15 55.10
CA ASP D 224 -9.42 32.47 55.70
C ASP D 224 -8.12 33.25 55.55
N GLU D 225 -7.29 32.84 54.58
CA GLU D 225 -6.00 33.48 54.32
C GLU D 225 -5.80 33.76 52.83
N GLY D 226 -6.29 32.86 51.99
CA GLY D 226 -6.19 33.04 50.55
C GLY D 226 -7.48 32.69 49.84
N ASP D 227 -7.37 32.15 48.64
CA ASP D 227 -8.53 31.83 47.83
C ASP D 227 -8.85 30.34 47.82
N GLY D 228 -8.22 29.58 48.72
CA GLY D 228 -8.49 28.16 48.85
C GLY D 228 -7.48 27.25 48.18
N ARG D 229 -6.42 27.82 47.62
CA ARG D 229 -5.47 27.02 46.84
C ARG D 229 -4.61 26.07 47.68
N ARG D 230 -4.38 26.39 48.95
CA ARG D 230 -3.59 25.49 49.78
C ARG D 230 -4.27 24.15 50.02
N PHE D 231 -5.59 24.10 49.84
CA PHE D 231 -6.34 22.86 50.07
C PHE D 231 -6.35 21.92 48.88
N TYR D 232 -5.77 22.33 47.76
CA TYR D 232 -5.76 21.47 46.59
C TYR D 232 -4.47 21.54 45.79
N THR D 233 -3.59 22.48 46.13
CA THR D 233 -2.32 22.61 45.41
C THR D 233 -1.25 21.82 46.12
N ASP D 234 -0.74 20.79 45.44
CA ASP D 234 0.12 19.79 46.06
C ASP D 234 -0.63 19.17 47.23
N GLY D 235 -1.88 18.82 46.94
CA GLY D 235 -2.80 18.23 47.91
C GLY D 235 -2.27 17.01 48.61
N PRO D 236 -2.97 16.59 49.67
CA PRO D 236 -2.48 15.52 50.54
C PRO D 236 -2.19 14.20 49.81
N ARG D 237 -2.91 13.89 48.74
CA ARG D 237 -2.73 12.60 48.07
C ARG D 237 -2.10 12.71 46.67
N VAL D 238 -1.61 13.89 46.31
CA VAL D 238 -1.10 14.11 44.95
C VAL D 238 0.09 13.18 44.60
N HIS D 239 1.01 12.98 45.54
CA HIS D 239 2.18 12.15 45.26
C HIS D 239 1.79 10.68 45.18
N GLU D 240 0.83 10.27 45.99
CA GLU D 240 0.34 8.90 45.97
C GLU D 240 -0.38 8.64 44.64
N PHE D 241 -1.07 9.66 44.15
CA PHE D 241 -1.84 9.54 42.90
C PHE D 241 -0.93 9.47 41.68
N LEU D 242 0.00 10.42 41.56
CA LEU D 242 0.99 10.37 40.50
C LEU D 242 1.81 9.06 40.51
N ASN D 243 2.21 8.62 41.69
CA ASN D 243 2.91 7.35 41.81
C ASN D 243 2.05 6.16 41.35
N GLU D 244 0.78 6.15 41.77
CA GLU D 244 -0.15 5.10 41.34
C GLU D 244 -0.24 5.08 39.82
N MET D 245 -0.42 6.26 39.24
CA MET D 245 -0.52 6.38 37.79
C MET D 245 0.74 5.90 37.10
N ASN D 246 1.89 6.24 37.67
CA ASN D 246 3.14 5.78 37.11
C ASN D 246 3.22 4.24 37.09
N ARG D 247 2.83 3.61 38.20
CA ARG D 247 2.84 2.15 38.31
C ARG D 247 1.83 1.51 37.37
N GLU D 248 0.61 2.04 37.37
CA GLU D 248 -0.45 1.47 36.54
C GLU D 248 -0.23 1.73 35.05
N VAL D 249 0.35 2.87 34.71
CA VAL D 249 0.48 3.23 33.30
C VAL D 249 1.91 3.43 32.77
N PHE D 250 2.55 4.53 33.18
CA PHE D 250 3.79 5.00 32.57
C PHE D 250 4.91 3.96 32.61
N SER D 251 4.92 3.16 33.67
CA SER D 251 5.99 2.22 33.90
C SER D 251 6.00 1.11 32.86
N LYS D 252 4.91 1.00 32.09
CA LYS D 252 4.72 -0.08 31.14
C LYS D 252 5.11 0.30 29.72
N TYR D 253 5.54 1.55 29.53
CA TYR D 253 5.95 1.98 28.20
C TYR D 253 7.27 2.75 28.25
N ASP D 254 7.98 2.79 27.13
CA ASP D 254 9.20 3.58 27.06
C ASP D 254 8.78 5.04 26.92
N SER D 255 8.40 5.64 28.04
CA SER D 255 7.65 6.89 28.00
C SER D 255 8.38 8.08 28.60
N MET D 256 7.98 9.25 28.16
CA MET D 256 8.41 10.53 28.73
C MET D 256 7.20 11.23 29.33
N THR D 257 7.19 11.47 30.64
CA THR D 257 6.08 12.18 31.29
C THR D 257 6.54 13.52 31.88
N VAL D 258 5.85 14.59 31.51
CA VAL D 258 6.23 15.91 31.98
C VAL D 258 5.03 16.59 32.63
N GLY D 259 5.26 17.26 33.75
CA GLY D 259 4.18 17.97 34.41
C GLY D 259 4.25 19.46 34.23
N GLU D 260 3.09 20.06 34.03
CA GLU D 260 2.95 21.51 34.08
C GLU D 260 2.20 21.79 35.39
N MET D 261 2.73 22.68 36.22
CA MET D 261 2.18 22.92 37.55
C MET D 261 1.47 24.27 37.61
N SER D 262 0.49 24.40 38.51
CA SER D 262 -0.31 25.61 38.58
C SER D 262 0.48 26.72 39.26
N SER D 263 1.29 26.30 40.24
CA SER D 263 2.29 27.15 40.87
C SER D 263 3.39 26.17 41.22
N THR D 264 4.60 26.67 41.38
CA THR D 264 5.74 25.80 41.59
C THR D 264 6.55 26.20 42.82
N THR D 265 6.99 25.22 43.59
CA THR D 265 8.19 25.40 44.42
C THR D 265 9.24 24.33 44.08
N ILE D 266 10.50 24.72 44.20
CA ILE D 266 11.60 23.81 43.89
C ILE D 266 11.49 22.57 44.73
N ALA D 267 11.30 22.77 46.03
CA ALA D 267 11.21 21.65 46.96
C ALA D 267 10.19 20.63 46.48
N ASP D 268 9.04 21.14 46.04
CA ASP D 268 7.97 20.27 45.55
C ASP D 268 8.32 19.60 44.21
N CYS D 269 9.00 20.35 43.35
CA CYS D 269 9.35 19.82 42.04
C CYS D 269 10.44 18.75 42.13
N ILE D 270 11.24 18.78 43.19
CA ILE D 270 12.20 17.71 43.42
C ILE D 270 11.46 16.42 43.80
N ARG D 271 10.43 16.55 44.62
CA ARG D 271 9.62 15.38 44.96
C ARG D 271 8.90 14.80 43.74
N TYR D 272 8.49 15.66 42.81
CA TYR D 272 7.79 15.24 41.60
C TYR D 272 8.70 14.52 40.57
N THR D 273 9.94 14.96 40.46
CA THR D 273 10.81 14.49 39.36
C THR D 273 11.97 13.60 39.77
N ASN D 274 12.29 13.51 41.06
CA ASN D 274 13.34 12.61 41.46
C ASN D 274 12.94 11.20 41.09
N PRO D 275 13.81 10.49 40.34
CA PRO D 275 13.54 9.12 39.89
C PRO D 275 13.11 8.15 41.00
N GLU D 276 13.60 8.32 42.23
CA GLU D 276 13.16 7.46 43.34
C GLU D 276 11.64 7.51 43.50
N SER D 277 11.08 8.72 43.35
CA SER D 277 9.65 8.95 43.53
C SER D 277 8.76 8.17 42.57
N ARG D 278 9.27 7.90 41.38
CA ARG D 278 8.48 7.29 40.31
C ARG D 278 7.16 8.04 40.14
N GLU D 279 7.26 9.34 39.88
CA GLU D 279 6.08 10.14 39.58
C GLU D 279 6.21 10.72 38.16
N LEU D 280 6.85 11.87 38.03
CA LEU D 280 7.10 12.48 36.72
C LEU D 280 8.58 12.40 36.34
N ASP D 281 8.88 12.62 35.07
CA ASP D 281 10.27 12.67 34.60
C ASP D 281 10.88 14.08 34.66
N MET D 282 10.06 15.10 34.41
CA MET D 282 10.53 16.48 34.43
C MET D 282 9.34 17.42 34.64
N VAL D 283 9.62 18.68 34.95
CA VAL D 283 8.52 19.64 35.15
C VAL D 283 8.81 20.98 34.52
N PHE D 284 7.73 21.67 34.15
CA PHE D 284 7.81 23.05 33.68
C PHE D 284 7.65 24.02 34.85
N ASN D 285 8.53 25.01 34.97
CA ASN D 285 8.28 26.14 35.86
C ASN D 285 8.26 27.43 35.04
N PHE D 286 7.52 28.43 35.51
CA PHE D 286 7.33 29.64 34.73
C PHE D 286 7.91 30.88 35.37
N HIS D 287 8.69 30.69 36.43
CA HIS D 287 9.26 31.84 37.16
C HIS D 287 10.15 32.76 36.31
N HIS D 288 10.92 32.17 35.39
CA HIS D 288 11.79 32.96 34.53
C HIS D 288 11.00 33.76 33.50
N LEU D 289 9.75 33.37 33.28
CA LEU D 289 8.90 34.11 32.36
C LEU D 289 8.00 35.11 33.10
N LYS D 290 8.41 35.46 34.32
CA LYS D 290 7.70 36.48 35.11
C LYS D 290 8.65 37.59 35.57
N ALA D 291 9.82 37.64 34.94
CA ALA D 291 10.88 38.57 35.35
C ALA D 291 10.67 39.98 34.80
N ASP D 292 9.76 40.13 33.85
CA ASP D 292 9.38 41.46 33.41
C ASP D 292 7.98 41.90 33.89
N TYR D 293 7.45 41.26 34.92
CA TYR D 293 6.17 41.70 35.49
C TYR D 293 6.50 42.70 36.59
N PRO D 294 6.19 43.98 36.39
CA PRO D 294 6.46 44.90 37.49
C PRO D 294 5.51 44.67 38.67
N ASN D 295 6.05 44.31 39.83
CA ASN D 295 5.25 44.01 41.02
C ASN D 295 4.22 42.92 40.82
N GLY D 296 4.55 41.92 40.01
CA GLY D 296 3.64 40.79 39.79
C GLY D 296 2.40 41.09 38.96
N GLU D 297 2.33 42.31 38.43
CA GLU D 297 1.18 42.74 37.63
C GLU D 297 1.33 42.31 36.18
N LYS D 298 0.54 41.33 35.76
CA LYS D 298 0.82 40.66 34.50
C LYS D 298 0.54 41.46 33.22
N TRP D 299 -0.21 42.55 33.31
CA TRP D 299 -0.47 43.36 32.12
C TRP D 299 0.34 44.65 32.04
N ALA D 300 1.13 44.90 33.08
CA ALA D 300 1.90 46.14 33.16
C ALA D 300 3.23 46.01 32.42
N LEU D 301 3.63 47.08 31.74
CA LEU D 301 4.88 47.12 30.98
C LEU D 301 6.07 47.48 31.86
N ALA D 302 7.15 46.73 31.72
CA ALA D 302 8.41 47.05 32.36
C ALA D 302 9.51 46.31 31.62
N ASP D 303 10.75 46.75 31.82
CA ASP D 303 11.92 46.01 31.35
C ASP D 303 12.08 44.76 32.20
N PHE D 304 12.72 43.73 31.65
CA PHE D 304 12.95 42.56 32.48
C PHE D 304 13.99 42.92 33.54
N ASP D 305 13.86 42.27 34.68
CA ASP D 305 14.79 42.41 35.78
C ASP D 305 15.83 41.32 35.55
N PHE D 306 16.94 41.71 34.92
CA PHE D 306 17.98 40.77 34.49
C PHE D 306 18.60 39.97 35.64
N LEU D 307 18.96 40.67 36.72
CA LEU D 307 19.55 40.00 37.87
C LEU D 307 18.61 38.97 38.50
N LYS D 308 17.34 39.31 38.60
CA LYS D 308 16.33 38.38 39.08
C LYS D 308 16.20 37.20 38.10
N LEU D 309 16.18 37.50 36.80
CA LEU D 309 16.18 36.42 35.80
C LEU D 309 17.32 35.45 36.07
N LYS D 310 18.53 35.97 36.20
CA LYS D 310 19.69 35.11 36.48
C LYS D 310 19.58 34.33 37.77
N LYS D 311 18.99 34.94 38.79
CA LYS D 311 18.88 34.28 40.09
C LYS D 311 17.90 33.13 40.01
N ILE D 312 16.79 33.37 39.32
CA ILE D 312 15.75 32.34 39.21
C ILE D 312 16.28 31.11 38.49
N LEU D 313 16.83 31.32 37.31
CA LEU D 313 17.39 30.21 36.54
C LEU D 313 18.43 29.44 37.33
N SER D 314 19.33 30.17 37.98
CA SER D 314 20.39 29.52 38.75
C SER D 314 19.85 28.68 39.90
N GLU D 315 18.89 29.22 40.65
CA GLU D 315 18.28 28.46 41.76
C GLU D 315 17.69 27.15 41.25
N TRP D 316 16.97 27.21 40.14
CA TRP D 316 16.37 26.00 39.60
C TRP D 316 17.43 25.03 39.08
N GLN D 317 18.51 25.57 38.52
CA GLN D 317 19.62 24.73 38.11
C GLN D 317 20.23 24.00 39.30
N THR D 318 20.79 24.77 40.23
CA THR D 318 21.55 24.20 41.34
C THR D 318 20.68 23.32 42.24
N GLU D 319 19.51 23.80 42.63
CA GLU D 319 18.71 23.06 43.59
C GLU D 319 18.14 21.75 43.04
N MET D 320 17.68 21.78 41.79
CA MET D 320 17.18 20.55 41.17
C MET D 320 18.30 19.56 40.93
N ASN D 321 19.47 20.07 40.56
CA ASN D 321 20.63 19.20 40.37
C ASN D 321 20.92 18.49 41.69
N LYS D 322 21.11 19.27 42.74
CA LYS D 322 21.31 18.74 44.09
C LYS D 322 20.24 17.73 44.49
N GLY D 323 18.98 18.08 44.31
CA GLY D 323 17.90 17.19 44.69
C GLY D 323 17.66 16.00 43.75
N GLY D 324 18.27 16.03 42.57
CA GLY D 324 18.06 14.96 41.60
C GLY D 324 16.82 15.19 40.73
N GLY D 325 16.39 16.44 40.62
CA GLY D 325 15.23 16.77 39.82
C GLY D 325 15.63 16.99 38.37
N TRP D 326 14.65 17.17 37.48
CA TRP D 326 14.95 17.50 36.09
C TRP D 326 14.03 18.58 35.56
N ASN D 327 14.60 19.63 34.98
CA ASN D 327 13.85 20.75 34.44
C ASN D 327 13.59 20.60 32.94
N ALA D 328 12.40 21.02 32.53
CA ALA D 328 12.16 21.35 31.14
C ALA D 328 12.69 22.76 30.94
N LEU D 329 13.47 22.99 29.89
CA LEU D 329 14.01 24.31 29.64
C LEU D 329 13.28 24.91 28.45
N PHE D 330 12.84 26.15 28.60
CA PHE D 330 12.04 26.75 27.54
C PHE D 330 11.97 28.25 27.73
N TRP D 331 11.76 28.96 26.63
CA TRP D 331 11.48 30.38 26.63
C TRP D 331 10.05 30.70 26.19
N CYS D 332 9.44 29.81 25.43
CA CYS D 332 8.21 30.14 24.70
C CYS D 332 7.11 29.12 24.87
N ASN D 333 5.87 29.55 24.73
CA ASN D 333 4.76 28.68 24.36
C ASN D 333 3.62 29.51 23.79
N HIS D 334 2.46 28.91 23.56
CA HIS D 334 1.34 29.61 22.91
C HIS D 334 0.72 30.72 23.75
N ASP D 335 1.11 30.83 25.03
CA ASP D 335 0.55 31.80 25.99
C ASP D 335 1.51 32.94 26.30
N GLN D 336 2.74 32.85 25.80
CA GLN D 336 3.80 33.75 26.19
C GLN D 336 4.26 34.56 24.98
N PRO D 337 4.84 35.75 25.20
CA PRO D 337 5.36 36.54 24.06
C PRO D 337 6.53 35.79 23.42
N ARG D 338 6.83 36.08 22.15
CA ARG D 338 7.96 35.42 21.47
C ARG D 338 9.24 36.00 22.06
N ILE D 339 10.25 35.18 22.40
CA ILE D 339 11.32 35.72 23.24
C ILE D 339 12.16 36.79 22.61
N VAL D 340 12.39 36.71 21.29
CA VAL D 340 13.26 37.70 20.67
C VAL D 340 12.73 39.10 20.92
N SER D 341 11.41 39.24 20.90
CA SER D 341 10.78 40.53 21.14
C SER D 341 10.80 40.83 22.62
N ARG D 342 10.72 39.78 23.44
CA ARG D 342 10.54 39.94 24.87
C ARG D 342 11.83 40.25 25.63
N TYR D 343 12.83 39.37 25.50
CA TYR D 343 14.10 39.54 26.20
C TYR D 343 15.26 39.84 25.27
N GLY D 344 15.02 39.74 23.97
CA GLY D 344 16.08 40.03 23.02
C GLY D 344 15.86 41.36 22.34
N ASP D 345 16.37 41.49 21.13
CA ASP D 345 16.14 42.69 20.34
C ASP D 345 15.59 42.27 19.00
N ASP D 346 14.31 42.53 18.76
CA ASP D 346 13.68 42.08 17.52
C ASP D 346 13.93 43.02 16.34
N GLY D 347 14.74 44.05 16.57
CA GLY D 347 15.13 44.92 15.48
C GLY D 347 16.51 44.59 14.94
N LYS D 348 17.43 45.53 15.10
CA LYS D 348 18.76 45.46 14.49
C LYS D 348 19.47 44.15 14.78
N TYR D 349 19.40 43.69 16.02
CA TYR D 349 20.07 42.47 16.40
C TYR D 349 19.10 41.30 16.56
N ARG D 350 18.12 41.22 15.66
CA ARG D 350 17.16 40.11 15.75
C ARG D 350 17.86 38.75 15.73
N LYS D 351 18.66 38.52 14.69
CA LYS D 351 19.35 37.25 14.52
C LYS D 351 20.36 36.98 15.63
N LYS D 352 21.21 37.96 15.93
CA LYS D 352 22.21 37.80 16.95
C LYS D 352 21.61 37.53 18.30
N SER D 353 20.53 38.24 18.66
CA SER D 353 19.99 38.09 20.01
C SER D 353 19.15 36.83 20.13
N ALA D 354 18.50 36.45 19.05
CA ALA D 354 17.75 35.19 19.06
C ALA D 354 18.70 34.01 19.31
N LYS D 355 19.84 34.00 18.61
CA LYS D 355 20.85 32.94 18.80
C LYS D 355 21.38 32.91 20.21
N MET D 356 21.67 34.10 20.72
CA MET D 356 22.12 34.28 22.09
C MET D 356 21.12 33.70 23.08
N LEU D 357 19.84 34.06 22.92
CA LEU D 357 18.83 33.51 23.83
C LEU D 357 18.78 31.99 23.76
N ALA D 358 18.94 31.46 22.55
CA ALA D 358 18.90 30.02 22.34
C ALA D 358 20.06 29.36 23.11
N THR D 359 21.26 29.90 22.98
CA THR D 359 22.41 29.31 23.67
C THR D 359 22.24 29.39 25.18
N ALA D 360 21.74 30.53 25.68
CA ALA D 360 21.65 30.74 27.13
C ALA D 360 20.89 29.63 27.82
N ILE D 361 19.78 29.21 27.20
CA ILE D 361 18.91 28.23 27.82
C ILE D 361 19.31 26.81 27.47
N HIS D 362 19.82 26.58 26.26
CA HIS D 362 20.22 25.26 25.84
C HIS D 362 21.45 24.70 26.55
N MET D 363 22.34 25.56 27.03
CA MET D 363 23.55 25.08 27.69
C MET D 363 23.33 24.86 29.18
N LEU D 364 22.07 24.97 29.61
CA LEU D 364 21.66 24.63 30.98
C LEU D 364 21.42 23.14 31.12
N GLN D 365 21.28 22.66 32.35
CA GLN D 365 20.97 21.26 32.56
C GLN D 365 19.45 21.04 32.50
N GLY D 366 19.02 20.17 31.59
CA GLY D 366 17.60 19.91 31.45
C GLY D 366 17.26 19.45 30.05
N THR D 367 15.97 19.39 29.75
CA THR D 367 15.50 19.03 28.42
C THR D 367 14.93 20.25 27.73
N PRO D 368 15.52 20.66 26.61
CA PRO D 368 15.06 21.86 25.91
C PRO D 368 13.79 21.66 25.09
N TYR D 369 12.95 22.68 25.08
CA TYR D 369 11.75 22.71 24.27
C TYR D 369 11.85 23.91 23.32
N ILE D 370 11.59 23.69 22.04
CA ILE D 370 11.57 24.80 21.09
C ILE D 370 10.11 24.98 20.69
N TYR D 371 9.62 26.22 20.69
CA TYR D 371 8.24 26.48 20.29
C TYR D 371 8.23 26.89 18.82
N GLN D 372 7.22 26.43 18.07
CA GLN D 372 7.17 26.63 16.63
C GLN D 372 7.44 28.08 16.26
N GLY D 373 8.38 28.29 15.34
CA GLY D 373 8.74 29.63 14.88
C GLY D 373 9.86 30.30 15.66
N GLU D 374 10.15 29.79 16.85
CA GLU D 374 11.26 30.31 17.65
C GLU D 374 12.58 30.09 16.89
N GLU D 375 12.71 28.93 16.25
CA GLU D 375 13.89 28.63 15.43
C GLU D 375 14.11 29.57 14.25
N LEU D 376 13.06 30.29 13.86
CA LEU D 376 13.19 31.28 12.80
C LEU D 376 13.36 32.70 13.35
N GLY D 377 13.29 32.85 14.67
CA GLY D 377 13.34 34.17 15.27
C GLY D 377 12.14 35.02 14.89
N MET D 378 10.98 34.38 14.78
CA MET D 378 9.73 35.09 14.62
C MET D 378 9.53 36.02 15.80
N THR D 379 8.96 37.19 15.54
CA THR D 379 8.78 38.19 16.56
C THR D 379 7.31 38.29 16.97
N ASN D 380 7.03 39.04 18.02
CA ASN D 380 5.66 39.46 18.27
C ASN D 380 5.19 40.19 17.02
N PRO D 381 3.88 40.09 16.71
CA PRO D 381 3.35 40.63 15.45
C PRO D 381 3.23 42.15 15.41
N LYS D 382 3.14 42.79 16.58
CA LYS D 382 3.00 44.23 16.68
C LYS D 382 1.68 44.67 16.02
N PHE D 383 0.60 43.94 16.26
CA PHE D 383 -0.69 44.30 15.67
C PHE D 383 -1.16 45.64 16.25
N ASP D 384 -1.38 46.62 15.37
CA ASP D 384 -1.66 47.99 15.81
C ASP D 384 -3.16 48.39 15.84
N ASP D 385 -4.05 47.42 15.63
CA ASP D 385 -5.49 47.69 15.59
C ASP D 385 -6.21 46.52 16.25
N ILE D 386 -7.21 46.84 17.08
CA ILE D 386 -7.90 45.84 17.90
C ILE D 386 -8.63 44.79 17.06
N SER D 387 -8.97 45.15 15.82
CA SER D 387 -9.67 44.22 14.95
C SER D 387 -8.75 43.07 14.54
N LEU D 388 -7.45 43.25 14.76
CA LEU D 388 -6.45 42.24 14.41
C LEU D 388 -6.29 41.15 15.47
N TYR D 389 -6.84 41.39 16.65
CA TYR D 389 -6.68 40.49 17.77
C TYR D 389 -7.82 39.48 17.83
N ARG D 390 -7.64 38.40 18.59
CA ARG D 390 -8.64 37.33 18.62
C ARG D 390 -8.95 36.86 20.04
N ASP D 391 -7.96 36.81 20.90
CA ASP D 391 -8.16 36.31 22.25
C ASP D 391 -9.13 37.19 23.02
N VAL D 392 -10.22 36.61 23.50
CA VAL D 392 -11.25 37.35 24.24
C VAL D 392 -10.69 38.20 25.40
N GLU D 393 -9.67 37.70 26.11
CA GLU D 393 -9.02 38.47 27.17
C GLU D 393 -8.42 39.79 26.67
N SER D 394 -7.71 39.72 25.55
CA SER D 394 -7.17 40.92 24.93
C SER D 394 -8.28 41.88 24.54
N LEU D 395 -9.38 41.34 24.02
CA LEU D 395 -10.52 42.15 23.59
C LEU D 395 -11.17 42.80 24.81
N ASN D 396 -11.34 42.01 25.85
CA ASN D 396 -11.91 42.49 27.10
C ASN D 396 -11.03 43.57 27.72
N MET D 397 -9.72 43.33 27.76
CA MET D 397 -8.76 44.33 28.25
C MET D 397 -8.88 45.64 27.51
N TYR D 398 -8.88 45.56 26.18
CA TYR D 398 -9.03 46.73 25.36
C TYR D 398 -10.30 47.51 25.71
N ARG D 399 -11.41 46.79 25.84
CA ARG D 399 -12.71 47.42 26.13
C ARG D 399 -12.67 48.18 27.43
N ILE D 400 -12.16 47.54 28.46
CA ILE D 400 -12.21 48.13 29.78
C ILE D 400 -11.27 49.34 29.91
N LEU D 401 -10.08 49.21 29.35
CA LEU D 401 -9.10 50.29 29.42
C LEU D 401 -9.57 51.51 28.64
N LYS D 402 -10.24 51.30 27.52
CA LYS D 402 -10.71 52.41 26.69
C LYS D 402 -11.84 53.16 27.41
N GLU D 403 -12.71 52.40 28.07
CA GLU D 403 -13.77 52.98 28.92
C GLU D 403 -13.19 53.85 30.01
N ALA D 404 -11.99 53.48 30.47
CA ALA D 404 -11.37 54.15 31.61
C ALA D 404 -10.52 55.36 31.18
N GLY D 405 -10.50 55.63 29.88
CA GLY D 405 -9.87 56.83 29.38
C GLY D 405 -8.46 56.67 28.84
N LYS D 406 -7.84 55.51 29.05
CA LYS D 406 -6.47 55.30 28.55
C LYS D 406 -6.41 55.50 27.04
N PRO D 407 -5.49 56.37 26.57
CA PRO D 407 -5.47 56.62 25.12
C PRO D 407 -5.19 55.36 24.29
N GLU D 408 -5.68 55.40 23.07
CA GLU D 408 -5.60 54.31 22.11
C GLU D 408 -4.19 53.72 22.01
N ALA D 409 -3.26 54.59 21.64
CA ALA D 409 -1.87 54.20 21.43
C ALA D 409 -1.33 53.44 22.62
N GLU D 410 -1.64 53.91 23.82
CA GLU D 410 -1.14 53.25 25.01
C GLU D 410 -1.75 51.85 25.15
N ILE D 411 -3.02 51.72 24.80
CA ILE D 411 -3.69 50.43 24.94
C ILE D 411 -3.07 49.42 23.97
N ILE D 412 -2.84 49.87 22.74
CA ILE D 412 -2.17 49.08 21.71
C ILE D 412 -0.75 48.65 22.13
N GLU D 413 0.00 49.56 22.75
CA GLU D 413 1.33 49.23 23.24
C GLU D 413 1.31 48.11 24.30
N ILE D 414 0.30 48.09 25.15
CA ILE D 414 0.16 47.00 26.11
C ILE D 414 -0.18 45.66 25.42
N LEU D 415 -1.14 45.69 24.50
CA LEU D 415 -1.53 44.47 23.79
C LEU D 415 -0.35 43.92 22.99
N LYS D 416 0.39 44.80 22.36
CA LYS D 416 1.57 44.40 21.58
C LYS D 416 2.59 43.66 22.43
N ALA D 417 2.64 43.99 23.73
CA ALA D 417 3.57 43.33 24.64
C ALA D 417 2.97 42.11 25.29
N LYS D 418 1.65 42.10 25.47
CA LYS D 418 1.07 41.15 26.41
C LYS D 418 -0.02 40.21 25.87
N SER D 419 -0.55 40.49 24.68
CA SER D 419 -1.71 39.72 24.22
C SER D 419 -1.34 38.25 24.05
N ARG D 420 -2.18 37.34 24.54
CA ARG D 420 -1.93 35.90 24.40
C ARG D 420 -1.93 35.45 22.94
N ASP D 421 -2.35 36.33 22.05
CA ASP D 421 -2.30 36.08 20.61
C ASP D 421 -0.91 36.15 20.01
N ASN D 422 0.00 36.86 20.67
CA ASN D 422 1.22 37.27 19.98
C ASN D 422 2.12 36.17 19.46
N SER D 423 2.14 35.04 20.16
CA SER D 423 2.88 33.87 19.70
C SER D 423 1.95 32.82 19.08
N ARG D 424 0.77 33.25 18.62
CA ARG D 424 -0.19 32.37 17.98
C ARG D 424 -0.42 32.71 16.53
N THR D 425 0.33 33.67 16.01
CA THR D 425 0.25 33.94 14.59
C THR D 425 0.86 32.76 13.80
N PRO D 426 0.46 32.60 12.52
CA PRO D 426 0.86 31.41 11.76
C PRO D 426 2.37 31.30 11.57
N VAL D 427 2.88 30.09 11.73
CA VAL D 427 4.29 29.86 11.43
C VAL D 427 4.56 30.30 10.02
N GLN D 428 5.60 31.09 9.83
CA GLN D 428 5.91 31.67 8.54
C GLN D 428 6.81 30.77 7.67
N TRP D 429 6.19 29.96 6.83
CA TRP D 429 6.91 28.97 6.01
C TRP D 429 7.74 29.51 4.85
N ASN D 430 7.24 30.54 4.18
CA ASN D 430 7.94 31.07 3.02
C ASN D 430 7.48 32.49 2.67
N GLY D 431 7.87 32.98 1.50
CA GLY D 431 7.51 34.32 1.08
C GLY D 431 6.28 34.41 0.19
N GLU D 432 5.48 33.35 0.16
CA GLU D 432 4.22 33.33 -0.58
C GLU D 432 3.12 33.98 0.25
N GLU D 433 1.90 33.92 -0.27
CA GLU D 433 0.75 34.56 0.39
C GLU D 433 0.49 33.96 1.75
N ASN D 434 0.32 34.84 2.74
CA ASN D 434 0.14 34.42 4.12
C ASN D 434 1.25 33.48 4.56
N ALA D 435 2.45 33.74 4.05
CA ALA D 435 3.66 33.00 4.41
C ALA D 435 3.60 31.49 4.10
N GLY D 436 2.70 31.11 3.19
CA GLY D 436 2.51 29.71 2.86
C GLY D 436 1.90 28.90 3.96
N PHE D 437 1.32 29.56 4.96
CA PHE D 437 0.63 28.85 6.02
C PHE D 437 -0.68 28.26 5.51
N THR D 438 -1.31 28.98 4.58
CA THR D 438 -2.63 28.62 4.09
C THR D 438 -2.88 29.21 2.71
N ALA D 439 -3.79 28.60 1.96
CA ALA D 439 -4.19 29.15 0.67
C ALA D 439 -5.50 29.94 0.82
N GLY D 440 -6.17 29.75 1.96
CA GLY D 440 -7.34 30.54 2.30
C GLY D 440 -6.95 31.80 3.05
N THR D 441 -7.81 32.24 3.98
CA THR D 441 -7.44 33.35 4.87
C THR D 441 -7.27 32.79 6.28
N PRO D 442 -6.15 33.15 6.92
CA PRO D 442 -5.76 32.55 8.20
C PRO D 442 -6.66 32.99 9.34
N TRP D 443 -6.81 32.16 10.36
CA TRP D 443 -7.71 32.49 11.46
C TRP D 443 -7.23 33.73 12.22
N ILE D 444 -5.93 34.02 12.12
CA ILE D 444 -5.33 35.21 12.72
C ILE D 444 -4.27 35.70 11.74
N PRO D 445 -4.15 37.03 11.53
CA PRO D 445 -3.30 37.48 10.40
C PRO D 445 -1.80 37.20 10.56
N VAL D 446 -1.09 37.21 9.43
CA VAL D 446 0.36 37.09 9.39
C VAL D 446 0.94 38.49 9.28
N PRO D 447 1.81 38.88 10.22
CA PRO D 447 2.42 40.21 10.08
C PRO D 447 3.24 40.33 8.80
N ASP D 448 3.56 41.54 8.38
CA ASP D 448 4.24 41.77 7.09
C ASP D 448 5.69 41.28 7.07
N ASN D 449 6.26 41.05 8.26
CA ASN D 449 7.69 40.71 8.34
C ASN D 449 8.05 39.36 7.72
N TYR D 450 7.04 38.53 7.46
CA TYR D 450 7.25 37.19 6.88
C TYR D 450 8.07 37.17 5.58
N LYS D 451 8.06 38.27 4.83
CA LYS D 451 8.86 38.35 3.62
C LYS D 451 10.36 38.39 3.92
N GLU D 452 10.71 38.73 5.15
CA GLU D 452 12.09 38.72 5.60
C GLU D 452 12.32 37.55 6.55
N ILE D 453 11.26 37.17 7.26
CA ILE D 453 11.36 36.15 8.29
C ILE D 453 10.52 34.93 7.96
N ASN D 454 11.17 33.89 7.41
CA ASN D 454 10.46 32.67 7.07
C ASN D 454 11.42 31.48 6.89
N ALA D 455 10.86 30.27 6.95
CA ALA D 455 11.62 29.04 6.94
C ALA D 455 12.47 28.89 5.67
N GLU D 456 11.91 29.24 4.53
CA GLU D 456 12.62 29.03 3.27
C GLU D 456 13.88 29.89 3.23
N GLU D 457 13.79 31.10 3.76
CA GLU D 457 14.95 31.99 3.77
C GLU D 457 15.98 31.45 4.75
N ALA D 458 15.52 31.05 5.93
CA ALA D 458 16.41 30.57 6.97
C ALA D 458 17.15 29.31 6.52
N LEU D 459 16.43 28.40 5.86
CA LEU D 459 17.03 27.15 5.40
C LEU D 459 18.09 27.34 4.31
N ASN D 460 18.07 28.48 3.62
CA ASN D 460 19.06 28.75 2.57
C ASN D 460 20.17 29.71 3.04
N ASP D 461 20.17 30.03 4.33
CA ASP D 461 21.17 30.91 4.91
C ASP D 461 22.00 30.14 5.94
N PRO D 462 23.28 29.87 5.63
CA PRO D 462 24.07 29.04 6.55
C PRO D 462 24.24 29.71 7.90
N ASP D 463 24.01 31.02 7.94
CA ASP D 463 24.19 31.78 9.16
C ASP D 463 22.85 32.07 9.84
N SER D 464 21.81 31.33 9.45
CA SER D 464 20.48 31.60 9.99
C SER D 464 20.36 31.18 11.45
N ILE D 465 19.33 31.70 12.10
CA ILE D 465 18.97 31.27 13.44
C ILE D 465 18.67 29.78 13.45
N PHE D 466 18.02 29.32 12.39
CA PHE D 466 17.61 27.92 12.29
C PHE D 466 18.81 26.98 12.42
N TYR D 467 19.87 27.25 11.69
CA TYR D 467 21.08 26.42 11.80
C TYR D 467 21.82 26.58 13.15
N HIS D 468 21.67 27.72 13.81
CA HIS D 468 22.20 27.84 15.16
C HIS D 468 21.47 26.85 16.09
N TYR D 469 20.13 26.86 16.04
CA TYR D 469 19.37 25.94 16.86
C TYR D 469 19.72 24.49 16.51
N LYS D 470 19.86 24.21 15.22
CA LYS D 470 20.22 22.85 14.80
C LYS D 470 21.53 22.39 15.46
N LYS D 471 22.51 23.28 15.46
CA LYS D 471 23.81 22.97 16.04
C LYS D 471 23.69 22.78 17.56
N LEU D 472 22.89 23.61 18.21
CA LEU D 472 22.65 23.43 19.65
C LEU D 472 22.04 22.08 19.91
N ASN D 473 21.08 21.70 19.07
CA ASN D 473 20.34 20.47 19.28
C ASN D 473 21.24 19.25 19.10
N GLU D 474 22.15 19.34 18.14
CA GLU D 474 23.11 18.27 17.91
C GLU D 474 24.19 18.21 18.97
N LEU D 475 24.65 19.38 19.46
CA LEU D 475 25.63 19.40 20.54
C LEU D 475 25.19 18.57 21.72
N ARG D 476 23.90 18.67 22.06
CA ARG D 476 23.33 17.92 23.19
C ARG D 476 23.52 16.42 23.02
N LYS D 477 23.49 15.94 21.78
CA LYS D 477 23.68 14.52 21.52
C LYS D 477 25.16 14.13 21.50
N GLU D 478 26.03 15.12 21.35
CA GLU D 478 27.43 14.88 21.05
C GLU D 478 28.36 15.04 22.24
N PHE D 479 28.01 15.99 23.12
CA PHE D 479 28.84 16.31 24.27
C PHE D 479 28.09 16.00 25.55
N ASP D 480 28.46 14.88 26.16
CA ASP D 480 27.76 14.40 27.35
C ASP D 480 27.72 15.44 28.48
N ILE D 481 28.72 16.31 28.53
CA ILE D 481 28.80 17.29 29.62
C ILE D 481 27.59 18.23 29.70
N ILE D 482 26.94 18.46 28.57
CA ILE D 482 25.73 19.26 28.53
C ILE D 482 24.61 18.65 29.39
N THR D 483 24.63 17.33 29.50
CA THR D 483 23.69 16.61 30.32
C THR D 483 24.17 16.37 31.74
N THR D 484 25.45 16.02 31.91
CA THR D 484 25.95 15.63 33.23
C THR D 484 26.64 16.71 34.07
N GLY D 485 27.14 17.76 33.42
CA GLY D 485 27.86 18.79 34.16
C GLY D 485 27.00 19.52 35.17
N ASP D 486 27.58 19.96 36.27
CA ASP D 486 26.80 20.77 37.20
C ASP D 486 26.62 22.16 36.58
N TYR D 487 26.00 23.07 37.32
CA TYR D 487 25.86 24.43 36.85
C TYR D 487 26.50 25.35 37.88
N GLN D 488 27.23 26.35 37.42
CA GLN D 488 27.80 27.30 38.36
C GLN D 488 27.75 28.71 37.81
N LEU D 489 26.97 29.55 38.46
CA LEU D 489 26.85 30.93 38.00
C LEU D 489 28.12 31.72 38.36
N ILE D 490 28.54 32.59 37.46
CA ILE D 490 29.59 33.54 37.75
C ILE D 490 29.03 34.89 37.35
N LEU D 491 29.69 35.96 37.78
CA LEU D 491 29.29 37.31 37.47
C LEU D 491 27.80 37.56 37.75
N GLU D 492 27.34 37.06 38.89
CA GLU D 492 25.95 37.22 39.33
C GLU D 492 25.44 38.67 39.22
N ASP D 493 26.22 39.60 39.74
CA ASP D 493 25.75 40.98 39.82
C ASP D 493 25.82 41.70 38.50
N ASP D 494 26.47 41.10 37.49
CA ASP D 494 26.73 41.82 36.22
C ASP D 494 25.44 42.36 35.59
N GLN D 495 25.51 43.60 35.10
CA GLN D 495 24.32 44.27 34.64
C GLN D 495 23.96 43.89 33.19
N GLU D 496 24.90 43.28 32.49
CA GLU D 496 24.71 42.95 31.08
C GLU D 496 25.00 41.50 30.73
N LEU D 497 25.87 40.86 31.48
CA LEU D 497 26.32 39.52 31.09
C LEU D 497 25.67 38.42 31.88
N TYR D 498 25.23 37.40 31.17
CA TYR D 498 24.85 36.15 31.79
C TYR D 498 25.92 35.12 31.46
N ALA D 499 26.62 34.64 32.48
CA ALA D 499 27.72 33.70 32.28
C ALA D 499 27.73 32.66 33.36
N TYR D 500 28.08 31.44 32.97
CA TYR D 500 28.08 30.33 33.89
C TYR D 500 28.94 29.19 33.38
N LEU D 501 29.25 28.25 34.27
CA LEU D 501 30.06 27.11 33.89
C LEU D 501 29.21 25.88 34.04
N ARG D 502 29.49 24.87 33.22
CA ARG D 502 29.02 23.52 33.50
C ARG D 502 30.28 22.72 33.82
N ASN D 503 30.38 22.22 35.05
CA ASN D 503 31.58 21.52 35.50
C ASN D 503 31.40 20.02 35.46
N GLY D 504 32.32 19.34 34.79
CA GLY D 504 32.35 17.89 34.81
C GLY D 504 33.72 17.39 35.22
N ALA D 505 34.04 16.17 34.85
CA ALA D 505 35.32 15.55 35.20
C ALA D 505 36.42 16.01 34.25
N ASP D 506 37.24 16.96 34.71
CA ASP D 506 38.35 17.47 33.90
C ASP D 506 37.89 18.05 32.56
N GLU D 507 36.65 18.52 32.57
CA GLU D 507 36.04 19.06 31.38
C GLU D 507 35.06 20.11 31.90
N LYS D 508 34.97 21.26 31.22
CA LYS D 508 34.02 22.29 31.59
C LYS D 508 33.43 22.94 30.35
N LEU D 509 32.27 23.59 30.51
CA LEU D 509 31.80 24.52 29.52
C LEU D 509 31.78 25.89 30.16
N LEU D 510 32.19 26.88 29.40
CA LEU D 510 32.16 28.26 29.84
C LEU D 510 31.19 28.93 28.89
N VAL D 511 30.06 29.38 29.42
CA VAL D 511 29.01 29.96 28.61
C VAL D 511 28.90 31.44 28.91
N ILE D 512 29.03 32.26 27.89
CA ILE D 512 29.03 33.70 28.03
C ILE D 512 28.04 34.37 27.10
N ASN D 513 27.04 35.03 27.66
CA ASN D 513 26.03 35.69 26.87
C ASN D 513 25.84 37.15 27.21
N ASN D 514 25.82 38.00 26.21
CA ASN D 514 25.50 39.39 26.43
C ASN D 514 24.01 39.62 26.17
N PHE D 515 23.26 39.93 27.21
CA PHE D 515 21.81 40.13 27.08
C PHE D 515 21.44 41.52 26.59
N TYR D 516 22.43 42.36 26.31
CA TYR D 516 22.12 43.69 25.80
C TYR D 516 22.95 44.08 24.58
N GLY D 517 22.63 45.22 24.00
CA GLY D 517 23.22 45.65 22.75
C GLY D 517 24.38 46.63 22.82
N LYS D 518 25.23 46.50 23.83
CA LYS D 518 26.44 47.33 23.96
C LYS D 518 27.62 46.52 24.46
N GLU D 519 28.84 47.04 24.32
CA GLU D 519 30.02 46.34 24.81
C GLU D 519 30.13 46.29 26.34
N THR D 520 30.72 45.23 26.86
CA THR D 520 31.07 45.11 28.27
C THR D 520 32.36 44.33 28.37
N GLU D 521 32.92 44.27 29.57
CA GLU D 521 34.12 43.51 29.79
C GLU D 521 33.81 42.17 30.42
N PHE D 522 34.34 41.11 29.83
CA PHE D 522 34.34 39.84 30.52
C PHE D 522 35.71 39.58 31.14
N GLN D 523 35.72 39.23 32.41
CA GLN D 523 36.92 38.76 33.05
C GLN D 523 36.56 37.55 33.88
N LEU D 524 37.17 36.41 33.56
CA LEU D 524 36.91 35.21 34.34
C LEU D 524 37.39 35.48 35.75
N PRO D 525 36.57 35.14 36.75
CA PRO D 525 36.95 35.42 38.14
C PRO D 525 38.15 34.59 38.53
N ASP D 526 38.85 34.99 39.59
CA ASP D 526 40.07 34.31 40.00
C ASP D 526 39.76 33.01 40.74
N ASP D 527 38.55 32.90 41.25
CA ASP D 527 38.13 31.68 41.94
C ASP D 527 37.74 30.55 40.98
N ILE D 528 37.84 30.80 39.67
CA ILE D 528 37.64 29.73 38.70
C ILE D 528 38.96 29.04 38.42
N ASP D 529 39.02 27.74 38.66
CA ASP D 529 40.24 26.96 38.48
C ASP D 529 40.31 26.34 37.10
N ILE D 530 40.87 27.07 36.13
CA ILE D 530 41.03 26.51 34.79
C ILE D 530 42.50 26.31 34.40
N GLU D 531 43.33 26.13 35.42
CA GLU D 531 44.75 25.91 35.21
C GLU D 531 44.97 24.54 34.59
N GLY D 532 45.53 24.52 33.38
CA GLY D 532 45.83 23.27 32.73
C GLY D 532 44.75 22.80 31.78
N TYR D 533 43.77 23.67 31.54
CA TYR D 533 42.70 23.39 30.59
C TYR D 533 42.96 24.12 29.28
N ASP D 534 42.75 23.42 28.17
CA ASP D 534 42.77 24.02 26.84
C ASP D 534 41.36 24.37 26.39
N ALA D 535 41.19 25.51 25.71
CA ALA D 535 39.87 25.97 25.31
C ALA D 535 39.64 25.84 23.82
N LYS D 536 38.45 25.39 23.46
CA LYS D 536 38.02 25.38 22.07
C LYS D 536 36.62 26.00 22.03
N VAL D 537 36.29 26.66 20.93
CA VAL D 537 34.96 27.24 20.77
C VAL D 537 33.95 26.15 20.41
N LEU D 538 32.96 25.95 21.26
CA LEU D 538 31.91 24.95 20.97
C LEU D 538 30.85 25.53 20.02
N ILE D 539 30.36 26.71 20.36
CA ILE D 539 29.44 27.42 19.50
C ILE D 539 29.48 28.91 19.82
N SER D 540 29.29 29.73 18.78
CA SER D 540 29.34 31.18 18.88
C SER D 540 28.36 31.76 17.86
N ASN D 541 27.76 32.89 18.20
CA ASN D 541 26.92 33.59 17.25
C ASN D 541 27.67 34.73 16.54
N ASP D 542 28.99 34.73 16.66
CA ASP D 542 29.83 35.80 16.15
C ASP D 542 31.17 35.21 15.73
N THR D 543 31.67 35.62 14.56
CA THR D 543 32.96 35.12 14.09
C THR D 543 34.15 35.82 14.76
N ASP D 544 33.93 37.03 15.23
CA ASP D 544 35.00 37.74 15.91
C ASP D 544 35.25 37.16 17.30
N LEU D 545 36.09 36.14 17.35
CA LEU D 545 36.39 35.44 18.59
C LEU D 545 37.53 36.12 19.37
N PRO D 546 37.43 36.14 20.69
CA PRO D 546 38.46 36.71 21.57
C PRO D 546 39.80 36.01 21.37
N GLU D 547 40.90 36.65 21.77
CA GLU D 547 42.20 35.99 21.67
C GLU D 547 42.40 35.11 22.89
N SER D 548 41.88 35.56 24.02
CA SER D 548 41.89 34.76 25.25
C SER D 548 40.52 34.80 25.91
N PHE D 549 39.97 33.63 26.19
CA PHE D 549 38.66 33.57 26.82
C PHE D 549 38.68 34.19 28.21
N LYS D 550 39.85 34.22 28.84
CA LYS D 550 39.96 34.63 30.24
C LYS D 550 39.54 36.08 30.47
N ARG D 551 39.68 36.89 29.43
CA ARG D 551 39.45 38.32 29.53
C ARG D 551 39.34 38.91 28.13
N PHE D 552 38.18 39.49 27.82
CA PHE D 552 37.97 40.15 26.53
C PHE D 552 36.80 41.13 26.53
N THR D 553 36.63 41.83 25.42
CA THR D 553 35.52 42.76 25.26
C THR D 553 34.36 42.06 24.55
N VAL D 554 33.25 41.88 25.27
CA VAL D 554 32.07 41.23 24.72
C VAL D 554 31.30 42.20 23.81
N LYS D 555 31.03 41.79 22.59
CA LYS D 555 30.29 42.64 21.66
C LYS D 555 28.77 42.61 21.93
N PRO D 556 28.00 43.53 21.30
CA PRO D 556 26.54 43.55 21.53
C PRO D 556 25.87 42.21 21.21
N TYR D 557 25.20 41.61 22.20
CA TYR D 557 24.45 40.37 22.02
C TYR D 557 25.33 39.17 21.66
N GLN D 558 26.63 39.30 21.92
CA GLN D 558 27.55 38.21 21.66
C GLN D 558 27.30 37.04 22.60
N SER D 559 27.41 35.82 22.08
CA SER D 559 27.18 34.60 22.83
C SER D 559 28.26 33.62 22.42
N ILE D 560 29.02 33.09 23.38
CA ILE D 560 30.04 32.11 23.05
C ILE D 560 30.08 31.00 24.08
N VAL D 561 30.33 29.78 23.63
CA VAL D 561 30.46 28.68 24.56
C VAL D 561 31.82 28.12 24.33
N TYR D 562 32.64 28.09 25.37
CA TYR D 562 33.92 27.43 25.28
C TYR D 562 33.82 26.03 25.86
N HIS D 563 34.47 25.09 25.19
CA HIS D 563 34.65 23.77 25.73
C HIS D 563 36.07 23.71 26.27
N LEU D 564 36.21 23.46 27.56
CA LEU D 564 37.52 23.40 28.18
C LEU D 564 37.81 21.97 28.60
N ALA D 565 39.03 21.51 28.36
CA ALA D 565 39.44 20.17 28.75
C ALA D 565 40.94 20.05 29.05
N LYS D 566 41.29 19.07 29.88
CA LYS D 566 42.67 18.73 30.19
C LYS D 566 43.33 17.85 29.13
MG MG E . 35.47 -10.89 16.66
MG MG F . -31.68 9.60 5.15
MG MG G . 5.78 -25.44 -24.51
MG MG H . -7.20 23.15 8.24
#